data_9OTY
#
_entry.id   9OTY
#
_cell.length_a   1.00
_cell.length_b   1.00
_cell.length_c   1.00
_cell.angle_alpha   90.00
_cell.angle_beta   90.00
_cell.angle_gamma   90.00
#
_symmetry.space_group_name_H-M   'P 1'
#
loop_
_entity.id
_entity.type
_entity.pdbx_description
1 polymer 'DNA damage-binding protein 1'
2 polymer 'Protein cereblon'
3 polymer 'Casein kinase I isoform alpha'
4 non-polymer 'ZINC ION'
5 non-polymer N-{2-[(3R)-2,6-dioxopiperidin-3-yl]-1-oxo-2,3-dihydro-1H-isoindol-5-yl}benzamide
6 non-polymer "N-[3-(benzyloxy)pyridin-2-yl]-N'-(4-cyano-2-hydroxyphenyl)urea"
#
loop_
_entity_poly.entity_id
_entity_poly.type
_entity_poly.pdbx_seq_one_letter_code
_entity_poly.pdbx_strand_id
1 'polypeptide(L)'
;MSYNYVVTAQKPTAVNGCVTGHFTSAEDLNLLIAKNTRLEIYVVTAEGLRPVKEVGMYGKIAVMELFRPKGESKDLLFIL
TAKYNACILEYKQSGESIDIITRAHGNVQDRIGRPSETGIIGIIDPECRMIGLRLYDGLFKVIPLDRDNKELKAFNIRLE
ELHVIDVKFLYGCQAPTICFVYQDPQGRHVKTYEVSLREKEFNKGPWKQENVEAEASMVIAVPEPFGGAIIIGQESITYH
NGDKYLAIAPPIIKQSTIVCHNRVDPNGSRYLLGDMEGRLFMLLLEKEEQMDGTVTLKDLRVELLGETSIAECLTYLDNG
VVFVGSRLGDSQLVKLNVDSNEQGSYVVAMETFTNLGPIVDMCVVDLERQGQGQLVTCSGAFKEGSLRIIRLHIRTVPLY
ESPRKICYQEVSQCFGVLSSRIEVQDTSGGTTALRPSASTQALSSSVSSSKLFSSSTAPHETSFGEEVEVHNLLIIDQHT
FEVLHAHQFLQNEYALSLVSCKLGKDPNTYFIVGTAMVYPEEAEPKQGRIVVFQYSDGKLQTVAEKEVKGAVYSMVEFNG
KLLASINSTVRLYEWTTEKELRTECNHYNNIMALYLKTKGDFILVGDLMRSVLLLAYKPMEGNFEEIARDFNPNWMSAVE
ILDDDNFLGAENAFNLFVCQKDSAATTDEERQHLQEVGLFHLGEFVNVFCHGSLVMQNLGETSTPTQGSVLFGTVNGMIG
LVTSLSESWYNLLLDMQNRLNKVIKSVGKIEHSFWRSFHTERKTEPATGFIDGDLIESFLDISRPKMQEVVANLQYDDGS
GMKREATADDLIKVVEELTRIHWSHPQFEK
;
A
2 'polypeptide(L)'
;IINFDTSLPTSHTYLGADMEEFHGRTLHDDDSCQVIPVLPQVMMILIPGQTLPLQLFHPQEVSMVRNLIQKDRTFAVLAY
SNVQEREAQFGTTAEIYAYREEQDFGIEIVKVKAIGRQRFKVLELRTQSDGIQQAKVQILPECVLPSTMSAVQLESLNKC
QIFPSKPVSREDQCSYKWWQKYQKRKFHCANLTSWPRWLYSLYDAETLMDRIKKQLREWDENLKDDSLPSNPIDFSYRVA
ACLPIDDVLRIQLLKIGSAIQRLRCELDIMNKCTSLCCKQCQETEITTKNEIFSLSLCGPMAAYVNPHGYVHETLTVYKA
CNLNLIGRPSTEHSWFPGYAWTVAQCKICASHIGWKFTATKKDMSPQKFWGLTRSALLPTIP
;
B
3 'polypeptide(L)'
;EFIVGGKYKLVRKIGSGSFGDIYLAINITNGEEVAVKLESQKARHPQLLYESKLYKILQGGVGIPHIRWYGQEKDYNVLV
MDLLGPSLEDLFNFCSRRFTMKTVLMLADQMISRIEYVHTKNFIHRDIKPDNFLMGIGRHCNKLFLIDFGLAKKYRDNRT
RQHIPYREDKNLTGTARYASINAHLGIEQSRRDDMESLGYVLMYFNRTSLPWQGLKAATKKQKYEKISEKKMSTPVEVLC
KGFPAEFAMYLNYCRGLRFEEAPDYMYLRQLFRILFRTLNHQYDYTFDWTMLKQ
;
C
#
loop_
_chem_comp.id
_chem_comp.type
_chem_comp.name
_chem_comp.formula
A1CEG non-polymer N-[3-(benzyloxy)pyridin-2-yl]-N'-(4-cyano-2-hydroxyphenyl)urea 'C20 H16 N4 O3'
A1CEH non-polymer N-{2-[(3R)-2,6-dioxopiperidin-3-yl]-1-oxo-2,3-dihydro-1H-isoindol-5-yl}benzamide 'C20 H17 N3 O4'
ZN non-polymer 'ZINC ION' 'Zn 2'
#
# COMPACT_ATOMS: atom_id res chain seq x y z
N MET A 1 -24.85 16.81 10.18
CA MET A 1 -24.14 16.73 11.44
C MET A 1 -24.16 15.31 12.00
N SER A 2 -24.28 15.19 13.33
CA SER A 2 -24.36 13.88 13.95
C SER A 2 -25.67 13.17 13.65
N TYR A 3 -26.69 13.90 13.20
CA TYR A 3 -28.00 13.32 12.89
C TYR A 3 -28.43 13.85 11.53
N ASN A 4 -28.58 12.95 10.56
CA ASN A 4 -28.82 13.33 9.18
C ASN A 4 -30.08 12.65 8.65
N TYR A 5 -30.52 13.11 7.49
CA TYR A 5 -31.75 12.68 6.85
C TYR A 5 -31.48 12.46 5.36
N VAL A 6 -31.80 11.28 4.87
CA VAL A 6 -31.52 10.90 3.48
C VAL A 6 -32.86 10.60 2.80
N VAL A 7 -33.09 11.25 1.66
CA VAL A 7 -34.30 11.08 0.88
C VAL A 7 -33.93 10.93 -0.58
N THR A 8 -34.85 10.35 -1.36
CA THR A 8 -34.65 10.15 -2.78
C THR A 8 -35.38 11.24 -3.56
N ALA A 9 -34.63 11.99 -4.38
CA ALA A 9 -35.23 12.99 -5.25
C ALA A 9 -35.58 12.42 -6.62
N GLN A 10 -34.69 11.62 -7.20
CA GLN A 10 -34.93 10.91 -8.45
C GLN A 10 -34.63 9.44 -8.25
N LYS A 11 -35.58 8.58 -8.61
CA LYS A 11 -35.36 7.15 -8.52
C LYS A 11 -34.34 6.69 -9.56
N PRO A 12 -33.67 5.57 -9.31
CA PRO A 12 -32.67 5.08 -10.28
C PRO A 12 -33.31 4.77 -11.62
N THR A 13 -32.57 5.09 -12.69
CA THR A 13 -33.08 4.96 -14.05
C THR A 13 -32.38 3.89 -14.86
N ALA A 14 -31.28 3.33 -14.36
CA ALA A 14 -30.54 2.31 -15.10
C ALA A 14 -31.19 0.95 -14.97
N VAL A 15 -31.14 0.18 -16.04
CA VAL A 15 -31.77 -1.15 -16.12
C VAL A 15 -30.70 -2.21 -15.96
N ASN A 16 -30.89 -3.11 -15.00
CA ASN A 16 -29.97 -4.22 -14.81
C ASN A 16 -30.59 -5.59 -15.14
N GLY A 17 -31.88 -5.66 -15.41
CA GLY A 17 -32.49 -6.90 -15.82
C GLY A 17 -33.89 -6.67 -16.37
N CYS A 18 -34.33 -7.63 -17.19
CA CYS A 18 -35.69 -7.59 -17.72
C CYS A 18 -36.09 -8.98 -18.19
N VAL A 19 -37.33 -9.37 -17.88
CA VAL A 19 -37.87 -10.66 -18.27
C VAL A 19 -39.29 -10.51 -18.80
N THR A 20 -39.71 -11.50 -19.58
CA THR A 20 -41.07 -11.61 -20.09
C THR A 20 -41.72 -12.90 -19.64
N GLY A 21 -43.04 -12.93 -19.74
CA GLY A 21 -43.81 -14.08 -19.33
C GLY A 21 -45.25 -13.66 -19.06
N HIS A 22 -45.94 -14.51 -18.31
CA HIS A 22 -47.33 -14.25 -17.92
C HIS A 22 -47.38 -14.21 -16.40
N PHE A 23 -47.09 -13.03 -15.86
CA PHE A 23 -47.04 -12.80 -14.41
C PHE A 23 -48.33 -12.20 -13.87
N THR A 24 -48.84 -11.16 -14.52
CA THR A 24 -50.12 -10.57 -14.09
C THR A 24 -51.27 -11.53 -14.36
N SER A 25 -51.34 -12.05 -15.58
CA SER A 25 -52.40 -12.98 -15.96
C SER A 25 -51.87 -13.91 -17.05
N ALA A 26 -52.55 -15.04 -17.21
CA ALA A 26 -52.12 -16.05 -18.17
C ALA A 26 -52.41 -15.68 -19.61
N GLU A 27 -53.23 -14.65 -19.86
CA GLU A 27 -53.57 -14.24 -21.20
C GLU A 27 -52.90 -12.94 -21.63
N ASP A 28 -52.04 -12.37 -20.80
CA ASP A 28 -51.40 -11.09 -21.09
C ASP A 28 -49.88 -11.25 -21.03
N LEU A 29 -49.20 -10.70 -22.02
CA LEU A 29 -47.74 -10.69 -22.02
C LEU A 29 -47.24 -9.56 -21.15
N ASN A 30 -46.33 -9.88 -20.23
CA ASN A 30 -45.83 -8.92 -19.26
C ASN A 30 -44.34 -8.72 -19.42
N LEU A 31 -43.90 -7.48 -19.29
CA LEU A 31 -42.50 -7.12 -19.24
C LEU A 31 -42.18 -6.64 -17.83
N LEU A 32 -41.22 -7.28 -17.19
CA LEU A 32 -40.78 -6.90 -15.86
C LEU A 32 -39.38 -6.31 -15.98
N ILE A 33 -39.21 -5.07 -15.54
CA ILE A 33 -37.95 -4.36 -15.65
C ILE A 33 -37.39 -4.18 -14.25
N ALA A 34 -36.14 -4.59 -14.06
CA ALA A 34 -35.47 -4.50 -12.77
C ALA A 34 -34.49 -3.34 -12.82
N LYS A 35 -34.83 -2.27 -12.11
CA LYS A 35 -33.89 -1.22 -11.79
C LYS A 35 -33.45 -1.40 -10.35
N ASN A 36 -32.39 -0.68 -9.97
CA ASN A 36 -31.86 -0.82 -8.62
C ASN A 36 -32.95 -0.57 -7.59
N THR A 37 -33.29 -1.61 -6.83
CA THR A 37 -34.29 -1.64 -5.76
C THR A 37 -35.72 -1.41 -6.25
N ARG A 38 -35.95 -1.21 -7.55
CA ARG A 38 -37.28 -0.91 -8.07
C ARG A 38 -37.67 -1.95 -9.11
N LEU A 39 -38.89 -2.47 -8.98
CA LEU A 39 -39.43 -3.47 -9.89
C LEU A 39 -40.66 -2.90 -10.58
N GLU A 40 -40.63 -2.87 -11.91
CA GLU A 40 -41.70 -2.28 -12.71
C GLU A 40 -42.34 -3.34 -13.59
N ILE A 41 -43.66 -3.42 -13.57
CA ILE A 41 -44.42 -4.41 -14.31
C ILE A 41 -45.23 -3.68 -15.39
N TYR A 42 -45.10 -4.16 -16.62
CA TYR A 42 -45.78 -3.58 -17.77
C TYR A 42 -46.59 -4.65 -18.50
N VAL A 43 -47.65 -4.22 -19.17
CA VAL A 43 -48.44 -5.09 -20.03
C VAL A 43 -48.15 -4.69 -21.47
N VAL A 44 -47.84 -5.67 -22.31
CA VAL A 44 -47.44 -5.42 -23.68
C VAL A 44 -48.70 -5.28 -24.53
N THR A 45 -48.93 -4.07 -25.05
CA THR A 45 -50.05 -3.78 -25.92
C THR A 45 -49.54 -3.38 -27.29
N ALA A 46 -50.47 -3.25 -28.25
CA ALA A 46 -50.10 -2.86 -29.59
C ALA A 46 -49.48 -1.47 -29.62
N GLU A 47 -50.05 -0.53 -28.86
CA GLU A 47 -49.50 0.82 -28.83
C GLU A 47 -48.11 0.84 -28.22
N GLY A 48 -47.88 0.07 -27.16
CA GLY A 48 -46.59 0.04 -26.51
C GLY A 48 -46.63 -0.66 -25.16
N LEU A 49 -46.08 -0.01 -24.14
CA LEU A 49 -46.05 -0.54 -22.79
C LEU A 49 -47.05 0.19 -21.92
N ARG A 50 -47.89 -0.56 -21.22
CA ARG A 50 -48.84 0.03 -20.28
C ARG A 50 -48.43 -0.33 -18.85
N PRO A 51 -47.97 0.63 -18.05
CA PRO A 51 -47.58 0.31 -16.67
C PRO A 51 -48.80 -0.05 -15.83
N VAL A 52 -48.62 -1.06 -14.97
CA VAL A 52 -49.66 -1.50 -14.06
C VAL A 52 -49.22 -1.42 -12.60
N LYS A 53 -47.98 -1.79 -12.30
CA LYS A 53 -47.53 -1.82 -10.91
C LYS A 53 -46.05 -1.51 -10.84
N GLU A 54 -45.67 -0.78 -9.80
CA GLU A 54 -44.27 -0.55 -9.45
C GLU A 54 -44.11 -0.75 -7.95
N VAL A 55 -43.09 -1.50 -7.55
CA VAL A 55 -42.86 -1.81 -6.15
C VAL A 55 -41.40 -1.53 -5.81
N GLY A 56 -41.16 -1.29 -4.53
CA GLY A 56 -39.83 -1.10 -4.00
C GLY A 56 -39.40 -2.34 -3.23
N MET A 57 -38.12 -2.68 -3.34
CA MET A 57 -37.55 -3.82 -2.65
C MET A 57 -36.53 -3.35 -1.62
N TYR A 58 -36.43 -4.08 -0.53
CA TYR A 58 -35.41 -3.81 0.49
C TYR A 58 -34.10 -4.54 0.13
N GLY A 59 -33.59 -4.20 -1.04
CA GLY A 59 -32.35 -4.78 -1.49
C GLY A 59 -32.09 -4.43 -2.94
N LYS A 60 -30.86 -4.71 -3.37
CA LYS A 60 -30.46 -4.55 -4.76
C LYS A 60 -30.78 -5.85 -5.49
N ILE A 61 -31.58 -5.76 -6.55
CA ILE A 61 -32.00 -6.95 -7.26
C ILE A 61 -30.84 -7.48 -8.08
N ALA A 62 -30.45 -8.72 -7.82
CA ALA A 62 -29.36 -9.38 -8.54
C ALA A 62 -29.83 -10.49 -9.46
N VAL A 63 -30.83 -11.26 -9.04
CA VAL A 63 -31.38 -12.36 -9.83
C VAL A 63 -32.89 -12.18 -9.92
N MET A 64 -33.43 -12.26 -11.14
CA MET A 64 -34.86 -12.15 -11.36
C MET A 64 -35.27 -13.15 -12.44
N GLU A 65 -36.15 -14.08 -12.11
CA GLU A 65 -36.57 -15.12 -13.02
C GLU A 65 -38.05 -15.42 -12.86
N LEU A 66 -38.68 -15.89 -13.93
CA LEU A 66 -40.09 -16.29 -13.94
C LEU A 66 -40.19 -17.78 -14.24
N PHE A 67 -40.97 -18.49 -13.43
CA PHE A 67 -41.15 -19.92 -13.60
C PHE A 67 -42.59 -20.29 -13.29
N ARG A 68 -43.07 -21.36 -13.91
CA ARG A 68 -44.42 -21.86 -13.70
C ARG A 68 -44.38 -23.32 -13.25
N PRO A 69 -44.45 -23.60 -11.95
CA PRO A 69 -44.51 -24.99 -11.52
C PRO A 69 -45.85 -25.63 -11.84
N LYS A 70 -45.88 -26.95 -11.77
CA LYS A 70 -47.09 -27.70 -12.08
C LYS A 70 -48.22 -27.32 -11.14
N GLY A 71 -49.42 -27.21 -11.69
CA GLY A 71 -50.59 -26.92 -10.90
C GLY A 71 -50.78 -25.45 -10.54
N GLU A 72 -50.09 -24.55 -11.22
CA GLU A 72 -50.19 -23.12 -10.95
C GLU A 72 -50.84 -22.43 -12.14
N SER A 73 -51.68 -21.42 -11.83
CA SER A 73 -52.41 -20.72 -12.89
C SER A 73 -51.49 -19.89 -13.76
N LYS A 74 -50.53 -19.18 -13.15
CA LYS A 74 -49.66 -18.26 -13.89
C LYS A 74 -48.26 -18.35 -13.32
N ASP A 75 -47.39 -17.46 -13.79
CA ASP A 75 -45.97 -17.51 -13.43
C ASP A 75 -45.74 -16.95 -12.03
N LEU A 76 -44.67 -17.44 -11.40
CA LEU A 76 -44.16 -16.94 -10.15
C LEU A 76 -42.79 -16.31 -10.37
N LEU A 77 -42.42 -15.39 -9.48
CA LEU A 77 -41.21 -14.60 -9.62
C LEU A 77 -40.21 -14.98 -8.54
N PHE A 78 -38.97 -15.24 -8.95
CA PHE A 78 -37.88 -15.50 -8.01
C PHE A 78 -36.94 -14.30 -7.99
N ILE A 79 -36.70 -13.77 -6.81
CA ILE A 79 -35.84 -12.61 -6.62
C ILE A 79 -34.74 -12.98 -5.64
N LEU A 80 -33.51 -12.60 -5.97
CA LEU A 80 -32.38 -12.73 -5.06
C LEU A 80 -31.70 -11.37 -4.96
N THR A 81 -31.43 -10.93 -3.74
CA THR A 81 -30.82 -9.63 -3.51
C THR A 81 -29.32 -9.78 -3.27
N ALA A 82 -28.61 -8.64 -3.33
CA ALA A 82 -27.18 -8.64 -3.12
C ALA A 82 -26.79 -8.97 -1.68
N LYS A 83 -27.73 -8.90 -0.75
CA LYS A 83 -27.53 -9.39 0.61
C LYS A 83 -28.10 -10.80 0.80
N TYR A 84 -28.39 -11.49 -0.31
CA TYR A 84 -28.72 -12.92 -0.32
C TYR A 84 -30.10 -13.20 0.28
N ASN A 85 -31.06 -12.31 0.04
CA ASN A 85 -32.45 -12.54 0.37
C ASN A 85 -33.14 -13.14 -0.85
N ALA A 86 -33.70 -14.34 -0.69
CA ALA A 86 -34.32 -15.07 -1.79
C ALA A 86 -35.81 -15.18 -1.52
N CYS A 87 -36.62 -14.78 -2.49
CA CYS A 87 -38.06 -14.81 -2.33
C CYS A 87 -38.74 -15.35 -3.58
N ILE A 88 -39.94 -15.89 -3.39
CA ILE A 88 -40.82 -16.31 -4.48
C ILE A 88 -42.12 -15.53 -4.33
N LEU A 89 -42.52 -14.84 -5.39
CA LEU A 89 -43.60 -13.86 -5.33
C LEU A 89 -44.71 -14.21 -6.30
N GLU A 90 -45.94 -13.84 -5.94
CA GLU A 90 -47.12 -14.04 -6.76
C GLU A 90 -47.83 -12.71 -6.96
N TYR A 91 -48.49 -12.57 -8.10
CA TYR A 91 -49.27 -11.38 -8.42
C TYR A 91 -50.74 -11.66 -8.17
N LYS A 92 -51.36 -10.86 -7.30
CA LYS A 92 -52.76 -11.02 -6.98
C LYS A 92 -53.48 -9.68 -7.16
N GLN A 93 -54.66 -9.72 -7.76
CA GLN A 93 -55.47 -8.54 -8.01
C GLN A 93 -56.90 -8.82 -7.60
N SER A 94 -57.43 -8.01 -6.68
CA SER A 94 -58.81 -8.12 -6.20
C SER A 94 -59.48 -6.79 -6.49
N GLY A 95 -60.05 -6.66 -7.69
CA GLY A 95 -60.66 -5.42 -8.11
C GLY A 95 -59.64 -4.33 -8.38
N GLU A 96 -59.66 -3.28 -7.56
CA GLU A 96 -58.71 -2.18 -7.70
C GLU A 96 -57.40 -2.45 -6.98
N SER A 97 -57.46 -3.07 -5.80
CA SER A 97 -56.27 -3.32 -5.00
C SER A 97 -55.37 -4.33 -5.69
N ILE A 98 -54.07 -4.03 -5.74
CA ILE A 98 -53.07 -4.89 -6.35
C ILE A 98 -51.96 -5.13 -5.33
N ASP A 99 -51.65 -6.40 -5.07
CA ASP A 99 -50.67 -6.78 -4.07
C ASP A 99 -49.72 -7.83 -4.64
N ILE A 100 -48.52 -7.88 -4.07
CA ILE A 100 -47.52 -8.90 -4.37
C ILE A 100 -47.44 -9.82 -3.16
N ILE A 101 -47.84 -11.07 -3.33
CA ILE A 101 -47.90 -12.03 -2.24
C ILE A 101 -46.57 -12.77 -2.16
N THR A 102 -46.09 -12.97 -0.94
CA THR A 102 -44.85 -13.71 -0.70
C THR A 102 -45.18 -15.17 -0.43
N ARG A 103 -44.67 -16.06 -1.28
CA ARG A 103 -44.93 -17.48 -1.15
C ARG A 103 -43.86 -18.20 -0.34
N ALA A 104 -42.62 -17.72 -0.39
CA ALA A 104 -41.52 -18.33 0.36
C ALA A 104 -40.38 -17.32 0.42
N HIS A 105 -39.68 -17.30 1.56
CA HIS A 105 -38.58 -16.37 1.73
C HIS A 105 -37.55 -16.96 2.67
N GLY A 106 -36.32 -16.45 2.55
CA GLY A 106 -35.24 -16.88 3.41
C GLY A 106 -33.94 -16.26 2.93
N ASN A 107 -32.92 -16.40 3.78
CA ASN A 107 -31.58 -15.91 3.49
C ASN A 107 -30.69 -17.11 3.20
N VAL A 108 -29.98 -17.04 2.06
CA VAL A 108 -29.19 -18.17 1.58
C VAL A 108 -27.70 -17.90 1.74
N GLN A 109 -27.32 -17.02 2.67
CA GLN A 109 -25.91 -16.70 2.87
C GLN A 109 -25.21 -17.84 3.60
N ASP A 110 -23.96 -18.09 3.21
CA ASP A 110 -23.09 -19.02 3.91
C ASP A 110 -22.15 -18.25 4.82
N ARG A 111 -22.02 -18.72 6.07
CA ARG A 111 -21.22 -17.99 7.04
C ARG A 111 -19.76 -17.92 6.65
N ILE A 112 -19.26 -18.92 5.93
CA ILE A 112 -17.89 -18.92 5.44
C ILE A 112 -17.91 -18.88 3.92
N GLY A 113 -16.90 -18.26 3.33
CA GLY A 113 -16.75 -18.23 1.89
C GLY A 113 -16.41 -16.87 1.33
N ARG A 114 -15.72 -16.86 0.20
CA ARG A 114 -15.38 -15.64 -0.51
C ARG A 114 -16.29 -15.46 -1.72
N PRO A 115 -16.87 -14.29 -1.91
CA PRO A 115 -17.74 -14.07 -3.07
C PRO A 115 -16.99 -14.25 -4.38
N SER A 116 -17.66 -14.85 -5.36
CA SER A 116 -17.05 -15.08 -6.66
C SER A 116 -16.78 -13.76 -7.36
N GLU A 117 -15.63 -13.67 -8.04
CA GLU A 117 -15.30 -12.45 -8.75
C GLU A 117 -16.20 -12.24 -9.97
N THR A 118 -16.68 -13.32 -10.58
CA THR A 118 -17.56 -13.22 -11.73
C THR A 118 -19.01 -12.93 -11.36
N GLY A 119 -19.37 -13.02 -10.08
CA GLY A 119 -20.65 -12.52 -9.64
C GLY A 119 -21.61 -13.62 -9.21
N ILE A 120 -22.89 -13.29 -9.23
CA ILE A 120 -23.96 -14.17 -8.78
C ILE A 120 -24.71 -14.67 -10.00
N ILE A 121 -24.90 -15.99 -10.07
CA ILE A 121 -25.62 -16.63 -11.16
C ILE A 121 -26.80 -17.40 -10.58
N GLY A 122 -27.98 -17.21 -11.16
CA GLY A 122 -29.16 -17.93 -10.74
C GLY A 122 -29.91 -18.53 -11.90
N ILE A 123 -30.18 -19.84 -11.83
CA ILE A 123 -30.79 -20.56 -12.93
C ILE A 123 -31.90 -21.45 -12.39
N ILE A 124 -32.97 -21.61 -13.17
CA ILE A 124 -34.08 -22.49 -12.85
C ILE A 124 -34.25 -23.46 -14.00
N ASP A 125 -34.39 -24.75 -13.67
CA ASP A 125 -34.48 -25.76 -14.72
C ASP A 125 -35.84 -25.70 -15.42
N PRO A 126 -35.90 -26.13 -16.68
CA PRO A 126 -37.16 -26.05 -17.43
C PRO A 126 -38.29 -26.87 -16.84
N GLU A 127 -38.00 -27.87 -16.01
CA GLU A 127 -39.03 -28.69 -15.41
C GLU A 127 -39.52 -28.16 -14.07
N CYS A 128 -38.95 -27.06 -13.58
CA CYS A 128 -39.36 -26.43 -12.33
C CYS A 128 -39.26 -27.39 -11.16
N ARG A 129 -38.04 -27.89 -10.94
CA ARG A 129 -37.76 -28.81 -9.85
C ARG A 129 -36.71 -28.31 -8.87
N MET A 130 -35.90 -27.33 -9.23
CA MET A 130 -34.85 -26.83 -8.36
C MET A 130 -34.40 -25.45 -8.81
N ILE A 131 -33.64 -24.79 -7.95
CA ILE A 131 -33.01 -23.52 -8.25
C ILE A 131 -31.52 -23.66 -8.00
N GLY A 132 -30.71 -23.22 -8.95
CA GLY A 132 -29.26 -23.32 -8.85
C GLY A 132 -28.64 -21.94 -8.72
N LEU A 133 -27.85 -21.77 -7.67
CA LEU A 133 -27.21 -20.50 -7.37
C LEU A 133 -25.70 -20.71 -7.25
N ARG A 134 -24.94 -19.82 -7.89
CA ARG A 134 -23.48 -19.81 -7.79
C ARG A 134 -23.11 -18.54 -7.05
N LEU A 135 -22.91 -18.66 -5.75
CA LEU A 135 -22.61 -17.52 -4.89
C LEU A 135 -21.15 -17.46 -4.46
N TYR A 136 -20.52 -18.59 -4.17
CA TYR A 136 -19.13 -18.65 -3.76
C TYR A 136 -18.38 -19.63 -4.63
N ASP A 137 -17.07 -19.42 -4.74
CA ASP A 137 -16.24 -20.25 -5.61
C ASP A 137 -16.10 -21.66 -5.04
N GLY A 138 -16.31 -22.66 -5.89
CA GLY A 138 -16.18 -24.04 -5.49
C GLY A 138 -17.44 -24.66 -4.91
N LEU A 139 -18.51 -23.90 -4.76
CA LEU A 139 -19.75 -24.40 -4.20
C LEU A 139 -20.91 -24.08 -5.14
N PHE A 140 -21.89 -24.99 -5.18
CA PHE A 140 -23.09 -24.84 -5.97
C PHE A 140 -24.29 -25.10 -5.06
N LYS A 141 -25.18 -24.12 -4.97
CA LYS A 141 -26.29 -24.16 -4.02
C LYS A 141 -27.58 -24.54 -4.73
N VAL A 142 -28.29 -25.52 -4.18
CA VAL A 142 -29.51 -26.06 -4.78
C VAL A 142 -30.67 -25.83 -3.83
N ILE A 143 -31.74 -25.22 -4.33
CA ILE A 143 -32.96 -24.97 -3.57
C ILE A 143 -34.07 -25.82 -4.18
N PRO A 144 -34.54 -26.87 -3.50
CA PRO A 144 -35.68 -27.63 -4.02
C PRO A 144 -36.93 -26.79 -4.09
N LEU A 145 -37.76 -27.08 -5.10
CA LEU A 145 -38.98 -26.32 -5.36
C LEU A 145 -40.23 -27.14 -5.03
N ASP A 146 -40.20 -27.87 -3.91
CA ASP A 146 -41.40 -28.54 -3.44
C ASP A 146 -42.36 -27.52 -2.83
N ARG A 147 -43.61 -27.92 -2.69
CA ARG A 147 -44.62 -27.04 -2.12
C ARG A 147 -44.30 -26.69 -0.66
N ASP A 148 -43.89 -27.68 0.11
CA ASP A 148 -43.62 -27.47 1.54
C ASP A 148 -42.17 -27.09 1.79
N ASN A 149 -41.66 -26.13 1.02
CA ASN A 149 -40.36 -25.50 1.27
C ASN A 149 -40.60 -23.99 1.26
N LYS A 150 -41.04 -23.47 2.41
CA LYS A 150 -41.37 -22.05 2.52
C LYS A 150 -40.27 -21.21 3.13
N GLU A 151 -39.29 -21.84 3.78
CA GLU A 151 -38.12 -21.14 4.27
C GLU A 151 -36.95 -21.21 3.30
N LEU A 152 -37.17 -21.79 2.12
CA LEU A 152 -36.16 -21.94 1.07
C LEU A 152 -34.91 -22.63 1.62
N LYS A 153 -35.09 -23.88 2.02
CA LYS A 153 -33.97 -24.68 2.51
C LYS A 153 -33.09 -25.11 1.35
N ALA A 154 -31.78 -24.95 1.50
CA ALA A 154 -30.83 -25.22 0.43
C ALA A 154 -29.69 -26.09 0.95
N PHE A 155 -29.10 -26.85 0.04
CA PHE A 155 -27.91 -27.64 0.32
C PHE A 155 -26.83 -27.34 -0.71
N ASN A 156 -25.58 -27.57 -0.32
CA ASN A 156 -24.43 -27.22 -1.14
C ASN A 156 -23.79 -28.49 -1.70
N ILE A 157 -23.40 -28.42 -2.97
CA ILE A 157 -22.63 -29.47 -3.63
C ILE A 157 -21.28 -28.87 -4.02
N ARG A 158 -20.26 -29.70 -4.07
CA ARG A 158 -18.90 -29.23 -4.30
C ARG A 158 -18.57 -29.29 -5.79
N LEU A 159 -18.02 -28.21 -6.31
CA LEU A 159 -17.56 -28.13 -7.69
C LEU A 159 -16.04 -28.22 -7.70
N GLU A 160 -15.51 -29.21 -8.43
CA GLU A 160 -14.07 -29.33 -8.57
C GLU A 160 -13.46 -28.11 -9.26
N GLU A 161 -14.22 -27.47 -10.15
CA GLU A 161 -13.73 -26.36 -10.94
C GLU A 161 -13.99 -25.05 -10.20
N LEU A 162 -12.92 -24.35 -9.85
CA LEU A 162 -13.04 -23.16 -9.01
C LEU A 162 -13.44 -21.92 -9.80
N HIS A 163 -13.01 -21.80 -11.05
CA HIS A 163 -13.28 -20.61 -11.87
C HIS A 163 -14.33 -20.95 -12.92
N VAL A 164 -15.59 -20.69 -12.60
CA VAL A 164 -16.73 -20.92 -13.49
C VAL A 164 -17.15 -19.61 -14.12
N ILE A 165 -17.40 -19.62 -15.43
CA ILE A 165 -17.77 -18.41 -16.15
C ILE A 165 -19.29 -18.30 -16.20
N ASP A 166 -19.94 -19.30 -16.81
CA ASP A 166 -21.38 -19.36 -16.98
C ASP A 166 -21.87 -20.78 -16.78
N VAL A 167 -23.14 -20.90 -16.41
CA VAL A 167 -23.79 -22.17 -16.15
C VAL A 167 -25.26 -22.03 -16.53
N LYS A 168 -25.82 -23.10 -17.08
CA LYS A 168 -27.20 -23.10 -17.57
C LYS A 168 -27.79 -24.49 -17.37
N PHE A 169 -29.11 -24.56 -17.40
CA PHE A 169 -29.84 -25.82 -17.37
C PHE A 169 -30.25 -26.23 -18.78
N LEU A 170 -30.14 -27.52 -19.06
CA LEU A 170 -30.36 -28.05 -20.41
C LEU A 170 -31.79 -28.58 -20.55
N TYR A 171 -32.33 -28.42 -21.75
CA TYR A 171 -33.67 -28.88 -22.07
C TYR A 171 -33.64 -30.32 -22.57
N GLY A 172 -34.76 -31.01 -22.40
CA GLY A 172 -34.92 -32.34 -22.95
C GLY A 172 -34.24 -33.46 -22.19
N CYS A 173 -33.79 -33.22 -20.96
CA CYS A 173 -33.12 -34.23 -20.18
C CYS A 173 -34.09 -34.86 -19.17
N GLN A 174 -33.89 -36.16 -18.92
CA GLN A 174 -34.74 -36.86 -17.97
C GLN A 174 -34.41 -36.49 -16.53
N ALA A 175 -33.17 -36.11 -16.27
CA ALA A 175 -32.75 -35.62 -14.97
C ALA A 175 -32.21 -34.19 -15.12
N PRO A 176 -32.28 -33.38 -14.07
CA PRO A 176 -31.78 -32.01 -14.18
C PRO A 176 -30.30 -31.96 -14.52
N THR A 177 -29.97 -31.48 -15.72
CA THR A 177 -28.62 -31.44 -16.22
C THR A 177 -28.16 -30.00 -16.37
N ILE A 178 -26.94 -29.71 -15.91
CA ILE A 178 -26.37 -28.37 -16.04
C ILE A 178 -25.19 -28.44 -16.99
N CYS A 179 -24.95 -27.34 -17.68
CA CYS A 179 -23.81 -27.16 -18.57
C CYS A 179 -23.08 -25.88 -18.19
N PHE A 180 -21.75 -25.95 -18.12
CA PHE A 180 -21.02 -24.77 -17.69
C PHE A 180 -19.67 -24.73 -18.38
N VAL A 181 -19.07 -23.54 -18.40
CA VAL A 181 -17.76 -23.30 -18.97
C VAL A 181 -16.86 -22.80 -17.85
N TYR A 182 -15.69 -23.43 -17.68
CA TYR A 182 -14.79 -23.12 -16.60
C TYR A 182 -13.39 -22.85 -17.15
N GLN A 183 -12.54 -22.26 -16.32
CA GLN A 183 -11.17 -21.93 -16.71
C GLN A 183 -10.19 -22.61 -15.77
N ASP A 184 -9.15 -23.18 -16.35
CA ASP A 184 -8.05 -23.80 -15.61
C ASP A 184 -6.75 -23.38 -16.28
N PRO A 185 -5.58 -23.73 -15.74
CA PRO A 185 -4.33 -23.32 -16.41
C PRO A 185 -4.22 -23.78 -17.85
N GLN A 186 -4.91 -24.85 -18.25
CA GLN A 186 -4.86 -25.29 -19.63
C GLN A 186 -5.63 -24.33 -20.54
N GLY A 187 -6.78 -23.87 -20.10
CA GLY A 187 -7.62 -23.00 -20.91
C GLY A 187 -9.05 -22.94 -20.42
N ARG A 188 -10.02 -23.03 -21.33
CA ARG A 188 -11.43 -23.02 -20.97
C ARG A 188 -12.12 -24.25 -21.57
N HIS A 189 -12.96 -24.89 -20.75
CA HIS A 189 -13.59 -26.15 -21.12
C HIS A 189 -15.08 -26.10 -20.82
N VAL A 190 -15.83 -26.97 -21.48
CA VAL A 190 -17.28 -27.10 -21.28
C VAL A 190 -17.57 -28.46 -20.69
N LYS A 191 -18.39 -28.51 -19.65
CA LYS A 191 -18.65 -29.74 -18.93
C LYS A 191 -20.11 -29.78 -18.49
N THR A 192 -20.62 -31.00 -18.31
CA THR A 192 -21.98 -31.22 -17.85
C THR A 192 -22.01 -32.14 -16.63
N TYR A 193 -23.07 -31.98 -15.85
CA TYR A 193 -23.37 -32.75 -14.65
C TYR A 193 -24.86 -33.01 -14.57
N GLU A 194 -25.20 -34.07 -13.85
CA GLU A 194 -26.58 -34.39 -13.50
C GLU A 194 -26.75 -34.20 -12.00
N VAL A 195 -27.88 -33.62 -11.61
CA VAL A 195 -28.13 -33.25 -10.22
C VAL A 195 -29.21 -34.16 -9.67
N SER A 196 -28.86 -34.96 -8.66
CA SER A 196 -29.80 -35.84 -7.99
C SER A 196 -30.21 -35.22 -6.66
N LEU A 197 -31.51 -35.06 -6.46
CA LEU A 197 -32.02 -34.46 -5.23
C LEU A 197 -32.09 -35.45 -4.08
N ARG A 198 -32.21 -36.74 -4.39
CA ARG A 198 -32.18 -37.74 -3.32
C ARG A 198 -30.79 -37.88 -2.72
N GLU A 199 -29.78 -38.00 -3.58
CA GLU A 199 -28.42 -38.21 -3.11
C GLU A 199 -27.66 -36.90 -2.83
N LYS A 200 -28.20 -35.76 -3.26
CA LYS A 200 -27.59 -34.45 -3.03
C LYS A 200 -26.14 -34.41 -3.53
N GLU A 201 -25.92 -34.97 -4.72
CA GLU A 201 -24.59 -35.07 -5.28
C GLU A 201 -24.65 -34.85 -6.79
N PHE A 202 -23.47 -34.70 -7.38
CA PHE A 202 -23.31 -34.55 -8.82
C PHE A 202 -23.02 -35.91 -9.45
N ASN A 203 -23.78 -36.26 -10.47
CA ASN A 203 -23.55 -37.47 -11.25
C ASN A 203 -22.77 -37.12 -12.51
N LYS A 204 -22.44 -38.14 -13.29
CA LYS A 204 -21.69 -37.93 -14.52
C LYS A 204 -22.61 -37.38 -15.59
N GLY A 205 -22.16 -36.31 -16.25
CA GLY A 205 -22.95 -35.66 -17.26
C GLY A 205 -23.04 -36.48 -18.54
N PRO A 206 -24.03 -36.17 -19.37
CA PRO A 206 -24.18 -36.93 -20.61
C PRO A 206 -23.00 -36.83 -21.56
N TRP A 207 -22.31 -35.70 -21.60
CA TRP A 207 -21.20 -35.54 -22.54
C TRP A 207 -20.17 -34.56 -22.01
N LYS A 208 -18.94 -34.71 -22.51
CA LYS A 208 -17.82 -33.82 -22.17
C LYS A 208 -17.06 -33.45 -23.43
N GLN A 209 -16.63 -32.19 -23.48
CA GLN A 209 -15.85 -31.66 -24.60
C GLN A 209 -14.79 -30.70 -24.08
N GLU A 210 -13.76 -30.49 -24.89
CA GLU A 210 -12.64 -29.62 -24.53
C GLU A 210 -12.45 -28.44 -25.47
N ASN A 211 -12.90 -28.54 -26.72
CA ASN A 211 -12.66 -27.52 -27.74
C ASN A 211 -13.54 -26.30 -27.47
N VAL A 212 -13.05 -25.43 -26.60
CA VAL A 212 -13.73 -24.17 -26.26
C VAL A 212 -12.73 -23.04 -26.47
N GLU A 213 -13.19 -21.97 -27.14
CA GLU A 213 -12.33 -20.83 -27.41
C GLU A 213 -11.82 -20.21 -26.12
N ALA A 214 -10.62 -19.65 -26.19
CA ALA A 214 -10.01 -19.02 -25.03
C ALA A 214 -10.77 -17.78 -24.56
N GLU A 215 -11.67 -17.26 -25.38
CA GLU A 215 -12.47 -16.07 -25.05
C GLU A 215 -13.96 -16.40 -25.12
N ALA A 216 -14.35 -17.57 -24.63
CA ALA A 216 -15.74 -17.98 -24.60
C ALA A 216 -16.35 -17.51 -23.29
N SER A 217 -17.52 -16.89 -23.36
CA SER A 217 -18.11 -16.29 -22.17
C SER A 217 -19.59 -16.58 -21.98
N MET A 218 -20.34 -16.95 -23.00
CA MET A 218 -21.80 -17.06 -22.91
C MET A 218 -22.27 -18.47 -23.24
N VAL A 219 -23.21 -18.98 -22.43
CA VAL A 219 -23.84 -20.27 -22.66
C VAL A 219 -25.32 -20.04 -22.90
N ILE A 220 -25.85 -20.63 -23.97
CA ILE A 220 -27.25 -20.50 -24.36
C ILE A 220 -27.85 -21.89 -24.48
N ALA A 221 -28.93 -22.14 -23.73
CA ALA A 221 -29.57 -23.46 -23.73
C ALA A 221 -30.67 -23.48 -24.77
N VAL A 222 -30.48 -24.28 -25.82
CA VAL A 222 -31.43 -24.33 -26.93
C VAL A 222 -32.57 -25.28 -26.57
N PRO A 223 -33.84 -24.83 -26.70
CA PRO A 223 -34.97 -25.72 -26.38
C PRO A 223 -35.17 -26.86 -27.36
N GLU A 224 -36.23 -27.63 -27.16
CA GLU A 224 -36.56 -28.73 -28.05
C GLU A 224 -37.06 -28.20 -29.40
N PRO A 225 -36.92 -29.01 -30.47
CA PRO A 225 -36.34 -30.35 -30.54
C PRO A 225 -34.84 -30.35 -30.77
N PHE A 226 -34.19 -29.19 -30.76
CA PHE A 226 -32.77 -29.12 -31.04
C PHE A 226 -31.95 -29.65 -29.87
N GLY A 227 -32.16 -29.08 -28.69
CA GLY A 227 -31.35 -29.44 -27.54
C GLY A 227 -29.96 -28.82 -27.62
N GLY A 228 -29.10 -29.27 -26.71
CA GLY A 228 -27.72 -28.83 -26.72
C GLY A 228 -27.54 -27.43 -26.18
N ALA A 229 -26.38 -26.86 -26.47
CA ALA A 229 -26.02 -25.54 -26.02
C ALA A 229 -25.23 -24.81 -27.09
N ILE A 230 -25.27 -23.48 -27.02
CA ILE A 230 -24.52 -22.61 -27.92
C ILE A 230 -23.55 -21.80 -27.07
N ILE A 231 -22.26 -21.86 -27.41
CA ILE A 231 -21.21 -21.17 -26.69
C ILE A 231 -20.75 -20.00 -27.53
N ILE A 232 -20.84 -18.79 -26.98
CA ILE A 232 -20.51 -17.56 -27.69
C ILE A 232 -19.15 -17.08 -27.23
N GLY A 233 -18.24 -16.87 -28.17
CA GLY A 233 -16.93 -16.37 -27.86
C GLY A 233 -16.60 -15.10 -28.62
N GLN A 234 -15.36 -14.63 -28.50
CA GLN A 234 -14.99 -13.40 -29.18
C GLN A 234 -14.88 -13.59 -30.69
N GLU A 235 -14.49 -14.78 -31.14
CA GLU A 235 -14.30 -15.04 -32.56
C GLU A 235 -15.23 -16.09 -33.14
N SER A 236 -15.79 -17.00 -32.33
CA SER A 236 -16.52 -18.13 -32.88
C SER A 236 -17.82 -18.34 -32.12
N ILE A 237 -18.78 -18.96 -32.80
CA ILE A 237 -20.05 -19.39 -32.21
C ILE A 237 -20.19 -20.88 -32.47
N THR A 238 -20.35 -21.65 -31.41
CA THR A 238 -20.32 -23.10 -31.47
C THR A 238 -21.59 -23.70 -30.87
N TYR A 239 -21.98 -24.86 -31.39
CA TYR A 239 -23.14 -25.61 -30.92
C TYR A 239 -22.69 -27.01 -30.54
N HIS A 240 -22.93 -27.39 -29.28
CA HIS A 240 -22.53 -28.69 -28.77
C HIS A 240 -23.76 -29.45 -28.32
N ASN A 241 -23.95 -30.67 -28.86
CA ASN A 241 -24.99 -31.56 -28.36
C ASN A 241 -24.50 -33.00 -28.52
N GLY A 242 -23.87 -33.52 -27.48
CA GLY A 242 -23.34 -34.87 -27.51
C GLY A 242 -22.28 -35.06 -28.56
N ASP A 243 -22.58 -35.86 -29.57
CA ASP A 243 -21.64 -36.09 -30.67
C ASP A 243 -21.74 -35.04 -31.76
N LYS A 244 -22.72 -34.14 -31.68
CA LYS A 244 -22.88 -33.10 -32.68
C LYS A 244 -21.96 -31.92 -32.36
N TYR A 245 -21.40 -31.33 -33.41
CA TYR A 245 -20.54 -30.17 -33.28
C TYR A 245 -20.65 -29.31 -34.52
N LEU A 246 -20.92 -28.03 -34.30
CA LEU A 246 -20.97 -27.04 -35.37
C LEU A 246 -20.25 -25.79 -34.91
N ALA A 247 -19.52 -25.15 -35.81
CA ALA A 247 -18.78 -23.94 -35.49
C ALA A 247 -18.81 -22.99 -36.66
N ILE A 248 -18.91 -21.69 -36.36
CA ILE A 248 -18.80 -20.63 -37.36
C ILE A 248 -17.94 -19.52 -36.76
N ALA A 249 -17.17 -18.86 -37.63
CA ALA A 249 -16.33 -17.72 -37.24
C ALA A 249 -16.66 -16.56 -38.16
N PRO A 250 -17.77 -15.86 -37.91
CA PRO A 250 -18.18 -14.78 -38.80
C PRO A 250 -17.30 -13.56 -38.61
N PRO A 251 -16.82 -12.95 -39.70
CA PRO A 251 -15.93 -11.79 -39.56
C PRO A 251 -16.62 -10.56 -39.00
N ILE A 252 -17.95 -10.53 -39.00
CA ILE A 252 -18.66 -9.30 -38.61
C ILE A 252 -18.69 -9.11 -37.10
N ILE A 253 -18.47 -10.15 -36.31
CA ILE A 253 -18.57 -10.05 -34.87
C ILE A 253 -17.21 -9.86 -34.19
N LYS A 254 -16.12 -9.78 -34.96
CA LYS A 254 -14.81 -9.65 -34.35
C LYS A 254 -14.55 -8.26 -33.79
N GLN A 255 -15.27 -7.24 -34.27
CA GLN A 255 -14.96 -5.87 -33.87
C GLN A 255 -15.24 -5.64 -32.38
N SER A 256 -16.36 -6.14 -31.88
CA SER A 256 -16.72 -5.96 -30.49
C SER A 256 -17.22 -7.28 -29.91
N THR A 257 -17.36 -7.32 -28.58
CA THR A 257 -17.71 -8.54 -27.87
C THR A 257 -19.21 -8.60 -27.60
N ILE A 258 -19.79 -9.78 -27.78
CA ILE A 258 -21.22 -9.99 -27.55
C ILE A 258 -21.46 -10.16 -26.06
N VAL A 259 -22.34 -9.32 -25.51
CA VAL A 259 -22.53 -9.27 -24.06
C VAL A 259 -23.93 -9.65 -23.62
N CYS A 260 -24.92 -9.70 -24.51
CA CYS A 260 -26.29 -10.04 -24.12
C CYS A 260 -26.94 -10.87 -25.21
N HIS A 261 -27.98 -11.61 -24.82
CA HIS A 261 -28.73 -12.44 -25.75
C HIS A 261 -30.18 -12.55 -25.29
N ASN A 262 -31.04 -12.94 -26.22
CA ASN A 262 -32.43 -13.24 -25.91
C ASN A 262 -32.98 -14.15 -27.01
N ARG A 263 -34.05 -14.86 -26.69
CA ARG A 263 -34.65 -15.82 -27.60
C ARG A 263 -35.92 -15.24 -28.22
N VAL A 264 -36.05 -15.38 -29.53
CA VAL A 264 -37.20 -14.84 -30.26
C VAL A 264 -38.24 -15.93 -30.45
N ASP A 265 -37.88 -17.02 -31.08
CA ASP A 265 -38.85 -18.07 -31.31
C ASP A 265 -38.92 -19.01 -30.11
N PRO A 266 -40.10 -19.56 -29.82
CA PRO A 266 -40.22 -20.50 -28.69
C PRO A 266 -39.39 -21.75 -28.85
N ASN A 267 -39.07 -22.16 -30.08
CA ASN A 267 -38.34 -23.39 -30.33
C ASN A 267 -36.87 -23.16 -30.62
N GLY A 268 -36.35 -21.95 -30.37
CA GLY A 268 -34.95 -21.68 -30.54
C GLY A 268 -34.50 -21.45 -31.97
N SER A 269 -35.43 -21.14 -32.87
CA SER A 269 -35.05 -20.89 -34.26
C SER A 269 -34.23 -19.60 -34.39
N ARG A 270 -34.58 -18.56 -33.65
CA ARG A 270 -33.93 -17.27 -33.79
C ARG A 270 -33.52 -16.73 -32.42
N TYR A 271 -32.40 -16.01 -32.41
CA TYR A 271 -31.88 -15.40 -31.19
C TYR A 271 -31.38 -13.99 -31.50
N LEU A 272 -31.39 -13.14 -30.48
CA LEU A 272 -30.92 -11.77 -30.58
C LEU A 272 -29.59 -11.62 -29.83
N LEU A 273 -28.64 -10.94 -30.45
CA LEU A 273 -27.32 -10.74 -29.86
C LEU A 273 -27.00 -9.25 -29.84
N GLY A 274 -26.36 -8.80 -28.77
CA GLY A 274 -25.95 -7.41 -28.65
C GLY A 274 -24.55 -7.26 -28.09
N ASP A 275 -23.81 -6.28 -28.57
CA ASP A 275 -22.40 -6.11 -28.22
C ASP A 275 -22.18 -4.79 -27.48
N MET A 276 -20.91 -4.49 -27.20
CA MET A 276 -20.54 -3.35 -26.37
C MET A 276 -20.66 -2.01 -27.08
N GLU A 277 -20.83 -1.99 -28.40
CA GLU A 277 -20.90 -0.73 -29.13
C GLU A 277 -22.31 -0.33 -29.52
N GLY A 278 -23.25 -1.27 -29.56
CA GLY A 278 -24.62 -0.94 -29.88
C GLY A 278 -25.14 -1.64 -31.12
N ARG A 279 -24.40 -2.64 -31.59
CA ARG A 279 -24.82 -3.41 -32.76
C ARG A 279 -25.78 -4.53 -32.35
N LEU A 280 -26.81 -4.73 -33.14
CA LEU A 280 -27.82 -5.75 -32.91
C LEU A 280 -27.69 -6.84 -33.98
N PHE A 281 -27.53 -8.08 -33.55
CA PHE A 281 -27.34 -9.21 -34.43
C PHE A 281 -28.48 -10.21 -34.31
N MET A 282 -28.64 -11.02 -35.35
CA MET A 282 -29.62 -12.10 -35.39
C MET A 282 -28.89 -13.41 -35.63
N LEU A 283 -29.13 -14.38 -34.75
CA LEU A 283 -28.56 -15.71 -34.85
C LEU A 283 -29.67 -16.66 -35.30
N LEU A 284 -29.44 -17.33 -36.43
CA LEU A 284 -30.44 -18.17 -37.06
C LEU A 284 -29.98 -19.62 -37.06
N LEU A 285 -30.85 -20.53 -36.64
CA LEU A 285 -30.55 -21.95 -36.55
C LEU A 285 -31.38 -22.71 -37.58
N GLU A 286 -30.71 -23.46 -38.45
CA GLU A 286 -31.38 -24.16 -39.53
C GLU A 286 -31.64 -25.62 -39.16
N LYS A 287 -32.75 -26.16 -39.67
CA LYS A 287 -33.21 -27.49 -39.32
C LYS A 287 -33.56 -28.27 -40.57
N GLU A 288 -33.43 -29.59 -40.49
CA GLU A 288 -33.76 -30.43 -41.65
C GLU A 288 -35.26 -30.47 -41.89
N VAL A 295 -35.66 -31.56 -36.75
CA VAL A 295 -35.29 -32.63 -35.84
C VAL A 295 -33.83 -32.49 -35.42
N THR A 296 -32.99 -32.07 -36.35
CA THR A 296 -31.56 -31.89 -36.10
C THR A 296 -31.09 -30.59 -36.75
N LEU A 297 -29.96 -30.11 -36.27
CA LEU A 297 -29.43 -28.80 -36.68
C LEU A 297 -28.47 -28.95 -37.85
N LYS A 298 -28.64 -28.08 -38.85
CA LYS A 298 -27.83 -28.09 -40.07
C LYS A 298 -26.71 -27.06 -40.02
N ASP A 299 -27.04 -25.78 -39.79
CA ASP A 299 -26.04 -24.73 -39.88
C ASP A 299 -26.43 -23.56 -38.98
N LEU A 300 -25.46 -22.67 -38.76
CA LEU A 300 -25.64 -21.45 -38.00
C LEU A 300 -25.31 -20.24 -38.87
N ARG A 301 -26.14 -19.20 -38.77
CA ARG A 301 -25.96 -18.00 -39.58
C ARG A 301 -26.17 -16.77 -38.71
N VAL A 302 -25.38 -15.72 -38.97
CA VAL A 302 -25.43 -14.46 -38.22
C VAL A 302 -25.55 -13.32 -39.21
N GLU A 303 -26.45 -12.38 -38.91
CA GLU A 303 -26.62 -11.19 -39.73
C GLU A 303 -26.78 -9.96 -38.84
N LEU A 304 -26.46 -8.80 -39.41
CA LEU A 304 -26.49 -7.53 -38.68
C LEU A 304 -27.81 -6.82 -38.94
N LEU A 305 -28.46 -6.38 -37.86
CA LEU A 305 -29.76 -5.74 -37.92
C LEU A 305 -29.68 -4.22 -37.88
N GLY A 306 -28.75 -3.66 -37.12
CA GLY A 306 -28.63 -2.21 -37.04
C GLY A 306 -27.92 -1.79 -35.77
N GLU A 307 -28.17 -0.54 -35.39
CA GLU A 307 -27.55 0.05 -34.20
C GLU A 307 -28.63 0.54 -33.26
N THR A 308 -28.48 0.21 -31.98
CA THR A 308 -29.34 0.68 -30.90
C THR A 308 -28.46 1.30 -29.82
N SER A 309 -29.04 1.55 -28.65
CA SER A 309 -28.24 2.01 -27.52
C SER A 309 -27.34 0.88 -27.03
N ILE A 310 -26.32 1.26 -26.26
CA ILE A 310 -25.41 0.28 -25.68
C ILE A 310 -26.20 -0.54 -24.66
N ALA A 311 -26.47 -1.80 -24.99
CA ALA A 311 -27.46 -2.58 -24.27
C ALA A 311 -26.84 -3.40 -23.16
N GLU A 312 -27.51 -3.39 -22.00
CA GLU A 312 -27.23 -4.31 -20.91
C GLU A 312 -28.05 -5.58 -21.05
N CYS A 313 -29.29 -5.46 -21.52
CA CYS A 313 -30.16 -6.61 -21.71
C CYS A 313 -31.04 -6.36 -22.94
N LEU A 314 -31.52 -7.45 -23.52
CA LEU A 314 -32.39 -7.41 -24.68
C LEU A 314 -33.58 -8.33 -24.43
N THR A 315 -34.74 -7.93 -24.94
CA THR A 315 -35.93 -8.75 -24.80
C THR A 315 -36.84 -8.55 -26.00
N TYR A 316 -37.47 -9.63 -26.44
CA TYR A 316 -38.41 -9.61 -27.56
C TYR A 316 -39.84 -9.64 -27.03
N LEU A 317 -40.70 -8.82 -27.65
CA LEU A 317 -42.04 -8.55 -27.15
C LEU A 317 -43.14 -9.13 -28.05
N ASP A 318 -42.85 -10.23 -28.76
CA ASP A 318 -43.82 -11.10 -29.40
C ASP A 318 -44.55 -10.47 -30.58
N ASN A 319 -44.18 -9.26 -31.02
CA ASN A 319 -44.81 -8.72 -32.22
C ASN A 319 -43.82 -7.94 -33.08
N GLY A 320 -42.54 -8.33 -33.06
CA GLY A 320 -41.52 -7.58 -33.76
C GLY A 320 -40.95 -6.41 -33.00
N VAL A 321 -41.39 -6.19 -31.76
CA VAL A 321 -40.91 -5.09 -30.93
C VAL A 321 -39.89 -5.63 -29.94
N VAL A 322 -38.78 -4.92 -29.78
CA VAL A 322 -37.68 -5.32 -28.92
C VAL A 322 -37.44 -4.22 -27.91
N PHE A 323 -37.18 -4.61 -26.66
CA PHE A 323 -36.86 -3.68 -25.59
C PHE A 323 -35.35 -3.71 -25.35
N VAL A 324 -34.72 -2.54 -25.42
CA VAL A 324 -33.30 -2.39 -25.17
C VAL A 324 -33.13 -1.74 -23.81
N GLY A 325 -32.60 -2.49 -22.85
CA GLY A 325 -32.37 -1.96 -21.52
C GLY A 325 -30.93 -1.54 -21.33
N SER A 326 -30.69 -0.24 -21.22
CA SER A 326 -29.34 0.30 -21.21
C SER A 326 -28.99 0.85 -19.84
N ARG A 327 -27.69 0.81 -19.53
CA ARG A 327 -27.14 1.45 -18.34
C ARG A 327 -26.34 2.70 -18.65
N LEU A 328 -25.78 2.82 -19.85
CA LEU A 328 -25.00 3.97 -20.26
C LEU A 328 -25.83 5.01 -21.01
N GLY A 329 -27.11 4.73 -21.27
CA GLY A 329 -27.91 5.66 -22.03
C GLY A 329 -29.38 5.32 -21.93
N ASP A 330 -30.17 5.98 -22.77
CA ASP A 330 -31.61 5.82 -22.73
C ASP A 330 -32.05 4.46 -23.26
N SER A 331 -33.03 3.87 -22.58
CA SER A 331 -33.61 2.62 -23.03
C SER A 331 -34.57 2.85 -24.19
N GLN A 332 -34.65 1.87 -25.09
CA GLN A 332 -35.37 2.02 -26.33
C GLN A 332 -36.38 0.91 -26.53
N LEU A 333 -37.44 1.22 -27.28
CA LEU A 333 -38.30 0.24 -27.92
C LEU A 333 -38.09 0.36 -29.42
N VAL A 334 -37.69 -0.74 -30.06
CA VAL A 334 -37.37 -0.72 -31.48
C VAL A 334 -38.26 -1.73 -32.20
N LYS A 335 -38.38 -1.54 -33.51
CA LYS A 335 -39.17 -2.38 -34.39
C LYS A 335 -38.26 -3.04 -35.40
N LEU A 336 -38.41 -4.35 -35.58
CA LEU A 336 -37.63 -5.10 -36.55
C LEU A 336 -38.45 -5.24 -37.84
N ASN A 337 -37.93 -4.71 -38.93
CA ASN A 337 -38.64 -4.73 -40.19
C ASN A 337 -38.08 -5.81 -41.12
N VAL A 338 -38.97 -6.40 -41.90
CA VAL A 338 -38.58 -7.41 -42.88
C VAL A 338 -37.75 -6.77 -43.99
N ASP A 339 -38.12 -5.57 -44.43
CA ASP A 339 -37.35 -4.83 -45.40
C ASP A 339 -36.33 -3.95 -44.67
N SER A 340 -35.66 -3.08 -45.41
CA SER A 340 -34.58 -2.29 -44.84
C SER A 340 -34.41 -1.00 -45.64
N ASN A 341 -33.37 -0.23 -45.31
CA ASN A 341 -33.03 1.00 -46.02
C ASN A 341 -31.72 0.92 -46.80
N GLU A 342 -30.66 0.41 -46.16
CA GLU A 342 -29.36 0.24 -46.81
C GLU A 342 -28.95 -1.23 -46.88
N GLN A 343 -28.97 -1.94 -45.75
CA GLN A 343 -28.68 -3.38 -45.67
C GLN A 343 -29.78 -4.07 -44.88
N GLY A 344 -30.09 -5.31 -45.29
CA GLY A 344 -31.29 -5.99 -44.83
C GLY A 344 -31.65 -6.05 -43.35
N SER A 345 -32.96 -5.95 -43.12
CA SER A 345 -33.60 -6.03 -41.81
C SER A 345 -33.13 -5.00 -40.77
N TYR A 346 -33.38 -3.72 -41.04
CA TYR A 346 -33.05 -2.70 -40.06
C TYR A 346 -34.10 -2.56 -38.97
N VAL A 347 -33.69 -1.81 -37.94
CA VAL A 347 -34.47 -1.54 -36.75
C VAL A 347 -34.88 -0.08 -36.83
N VAL A 348 -36.05 0.22 -36.27
CA VAL A 348 -36.60 1.56 -36.23
C VAL A 348 -36.97 1.86 -34.79
N ALA A 349 -36.52 2.99 -34.28
CA ALA A 349 -36.85 3.37 -32.92
C ALA A 349 -38.22 4.01 -32.89
N MET A 350 -38.95 3.72 -31.82
CA MET A 350 -40.29 4.26 -31.63
C MET A 350 -40.52 4.87 -30.26
N GLU A 351 -39.70 4.55 -29.25
CA GLU A 351 -39.91 5.08 -27.92
C GLU A 351 -38.58 5.10 -27.16
N THR A 352 -38.37 6.16 -26.39
CA THR A 352 -37.14 6.37 -25.64
C THR A 352 -37.49 6.65 -24.18
N PHE A 353 -36.75 6.01 -23.28
CA PHE A 353 -36.97 6.16 -21.84
C PHE A 353 -35.71 6.73 -21.19
N THR A 354 -35.91 7.67 -20.29
CA THR A 354 -34.82 8.47 -19.76
C THR A 354 -33.92 7.67 -18.84
N ASN A 355 -32.62 7.90 -18.96
CA ASN A 355 -31.63 7.33 -18.04
C ASN A 355 -30.58 8.41 -17.76
N LEU A 356 -30.48 8.81 -16.50
CA LEU A 356 -29.53 9.84 -16.11
C LEU A 356 -28.17 9.29 -15.70
N GLY A 357 -28.03 7.97 -15.63
CA GLY A 357 -26.80 7.37 -15.20
C GLY A 357 -25.86 7.05 -16.35
N PRO A 358 -24.55 7.03 -16.06
CA PRO A 358 -23.92 7.38 -14.79
C PRO A 358 -23.76 8.89 -14.61
N ILE A 359 -23.85 9.40 -13.39
CA ILE A 359 -23.61 10.82 -13.11
C ILE A 359 -22.20 10.92 -12.55
N VAL A 360 -21.31 11.58 -13.29
CA VAL A 360 -19.90 11.64 -12.92
C VAL A 360 -19.58 13.00 -12.31
N ASP A 361 -20.36 14.02 -12.68
CA ASP A 361 -20.22 15.34 -12.09
C ASP A 361 -21.52 16.11 -12.30
N MET A 362 -21.70 17.17 -11.51
CA MET A 362 -22.88 18.00 -11.63
C MET A 362 -22.63 19.34 -10.93
N CYS A 363 -23.53 20.29 -11.18
CA CYS A 363 -23.44 21.61 -10.60
C CYS A 363 -24.84 22.18 -10.43
N VAL A 364 -24.95 23.19 -9.56
CA VAL A 364 -26.21 23.86 -9.27
C VAL A 364 -26.14 25.28 -9.79
N VAL A 365 -27.12 25.67 -10.60
CA VAL A 365 -27.12 26.94 -11.30
C VAL A 365 -28.46 27.64 -11.09
N ASP A 366 -28.44 28.97 -11.23
CA ASP A 366 -29.63 29.82 -11.23
C ASP A 366 -30.40 29.71 -9.91
N LEU A 367 -29.72 30.12 -8.84
CA LEU A 367 -30.32 30.13 -7.51
C LEU A 367 -31.03 31.44 -7.20
N GLU A 368 -31.09 32.37 -8.15
CA GLU A 368 -31.69 33.68 -7.87
C GLU A 368 -33.20 33.56 -7.66
N ARG A 369 -33.88 32.83 -8.54
CA ARG A 369 -35.33 32.64 -8.48
C ARG A 369 -35.81 31.79 -9.66
N GLN A 372 -34.93 29.52 -7.37
CA GLN A 372 -35.16 28.10 -7.63
C GLN A 372 -34.06 27.55 -8.51
N GLY A 373 -33.23 26.68 -7.93
CA GLY A 373 -32.07 26.19 -8.64
C GLY A 373 -32.38 25.08 -9.62
N GLN A 374 -31.41 24.83 -10.50
CA GLN A 374 -31.49 23.77 -11.49
C GLN A 374 -30.19 22.98 -11.46
N LEU A 375 -30.28 21.71 -11.82
CA LEU A 375 -29.15 20.78 -11.74
C LEU A 375 -28.71 20.39 -13.14
N VAL A 376 -27.43 20.55 -13.42
CA VAL A 376 -26.84 20.20 -14.71
C VAL A 376 -25.81 19.11 -14.47
N THR A 377 -25.99 17.97 -15.13
CA THR A 377 -25.18 16.79 -14.86
C THR A 377 -24.45 16.34 -16.11
N CYS A 378 -23.34 15.63 -15.89
CA CYS A 378 -22.60 14.95 -16.94
C CYS A 378 -23.00 13.48 -16.91
N SER A 379 -23.78 13.04 -17.89
CA SER A 379 -24.41 11.73 -17.87
C SER A 379 -23.98 10.92 -19.08
N GLY A 380 -23.82 9.61 -18.89
CA GLY A 380 -23.54 8.70 -19.98
C GLY A 380 -22.08 8.61 -20.33
N ALA A 381 -21.80 7.71 -21.27
CA ALA A 381 -20.45 7.49 -21.75
C ALA A 381 -20.50 7.11 -23.22
N PHE A 382 -19.39 7.33 -23.92
CA PHE A 382 -19.22 7.01 -25.34
C PHE A 382 -20.25 7.81 -26.13
N LYS A 383 -20.96 7.20 -27.09
CA LYS A 383 -21.90 7.93 -27.93
C LYS A 383 -23.16 8.34 -27.19
N GLU A 384 -23.37 7.84 -25.97
CA GLU A 384 -24.56 8.16 -25.20
C GLU A 384 -24.34 9.30 -24.22
N GLY A 385 -23.15 9.89 -24.20
CA GLY A 385 -22.88 10.98 -23.27
C GLY A 385 -23.68 12.22 -23.63
N SER A 386 -24.17 12.90 -22.60
CA SER A 386 -25.02 14.06 -22.80
C SER A 386 -25.01 14.91 -21.54
N LEU A 387 -25.64 16.08 -21.65
CA LEU A 387 -25.88 16.96 -20.51
C LEU A 387 -27.36 16.92 -20.17
N ARG A 388 -27.66 16.74 -18.89
CA ARG A 388 -29.04 16.71 -18.41
C ARG A 388 -29.30 17.94 -17.56
N ILE A 389 -30.41 18.62 -17.85
CA ILE A 389 -30.83 19.80 -17.10
C ILE A 389 -32.12 19.45 -16.38
N ILE A 390 -32.07 19.47 -15.04
CA ILE A 390 -33.15 18.94 -14.20
C ILE A 390 -33.74 20.09 -13.40
N ARG A 391 -35.05 20.27 -13.52
CA ARG A 391 -35.77 21.30 -12.78
C ARG A 391 -36.56 20.66 -11.64
N LEU A 392 -40.20 15.57 -11.86
CA LEU A 392 -39.09 16.39 -12.33
C LEU A 392 -39.14 16.58 -13.85
N HIS A 393 -38.61 17.71 -14.29
CA HIS A 393 -38.52 18.05 -15.70
C HIS A 393 -37.07 17.92 -16.14
N ILE A 394 -36.84 17.14 -17.20
CA ILE A 394 -35.49 16.82 -17.67
C ILE A 394 -35.36 17.23 -19.13
N ARG A 395 -34.28 17.92 -19.44
CA ARG A 395 -33.91 18.28 -20.81
C ARG A 395 -32.58 17.62 -21.16
N THR A 396 -32.47 17.14 -22.39
CA THR A 396 -31.32 16.39 -22.85
C THR A 396 -30.54 17.18 -23.89
N VAL A 397 -29.22 17.22 -23.75
CA VAL A 397 -28.32 17.84 -24.70
C VAL A 397 -27.30 16.80 -25.14
N PRO A 398 -27.50 16.14 -26.27
CA PRO A 398 -26.58 15.06 -26.68
C PRO A 398 -25.22 15.62 -27.10
N LEU A 399 -24.16 15.03 -26.53
CA LEU A 399 -22.79 15.39 -26.88
C LEU A 399 -22.10 14.38 -27.78
N TYR A 400 -22.57 13.13 -27.79
CA TYR A 400 -22.01 12.04 -28.59
C TYR A 400 -20.57 11.71 -28.22
N GLU A 401 -20.13 12.14 -27.03
CA GLU A 401 -18.87 11.73 -26.46
C GLU A 401 -19.02 11.72 -24.94
N SER A 402 -17.93 11.49 -24.23
CA SER A 402 -18.00 11.27 -22.79
C SER A 402 -17.79 12.59 -22.04
N PRO A 403 -18.77 13.07 -21.29
CA PRO A 403 -18.53 14.21 -20.41
C PRO A 403 -17.94 13.78 -19.08
N ARG A 404 -16.97 14.56 -18.60
CA ARG A 404 -16.21 14.22 -17.39
C ARG A 404 -16.46 15.20 -16.25
N LYS A 405 -16.21 16.50 -16.47
CA LYS A 405 -16.34 17.51 -15.42
C LYS A 405 -17.07 18.72 -15.99
N ILE A 406 -17.70 19.48 -15.10
CA ILE A 406 -18.52 20.61 -15.52
C ILE A 406 -18.43 21.72 -14.48
N CYS A 407 -18.52 22.97 -14.95
CA CYS A 407 -18.55 24.14 -14.10
C CYS A 407 -19.33 25.23 -14.82
N TYR A 408 -19.71 26.27 -14.07
CA TYR A 408 -20.57 27.33 -14.58
C TYR A 408 -19.90 28.68 -14.36
N GLN A 409 -19.91 29.52 -15.39
CA GLN A 409 -19.34 30.86 -15.35
C GLN A 409 -20.45 31.86 -15.61
N GLU A 410 -20.80 32.63 -14.58
CA GLU A 410 -21.95 33.52 -14.67
C GLU A 410 -21.67 34.76 -15.50
N VAL A 411 -20.46 35.31 -15.41
CA VAL A 411 -20.14 36.53 -16.15
C VAL A 411 -20.21 36.26 -17.66
N SER A 412 -19.64 35.15 -18.10
CA SER A 412 -19.68 34.79 -19.51
C SER A 412 -21.00 34.17 -19.93
N GLN A 413 -21.80 33.70 -18.98
CA GLN A 413 -23.05 33.00 -19.25
C GLN A 413 -22.80 31.75 -20.09
N CYS A 414 -21.89 30.90 -19.60
CA CYS A 414 -21.49 29.71 -20.34
C CYS A 414 -21.09 28.62 -19.35
N PHE A 415 -21.03 27.40 -19.86
CA PHE A 415 -20.59 26.24 -19.11
C PHE A 415 -19.24 25.76 -19.62
N GLY A 416 -18.41 25.27 -18.71
CA GLY A 416 -17.15 24.66 -19.08
C GLY A 416 -17.16 23.17 -18.83
N VAL A 417 -17.01 22.38 -19.89
CA VAL A 417 -17.14 20.93 -19.82
C VAL A 417 -15.84 20.29 -20.28
N LEU A 418 -15.31 19.38 -19.48
CA LEU A 418 -14.19 18.55 -19.87
C LEU A 418 -14.72 17.25 -20.45
N SER A 419 -14.25 16.88 -21.64
CA SER A 419 -14.76 15.72 -22.34
C SER A 419 -13.61 14.92 -22.94
N SER A 420 -13.95 13.76 -23.48
CA SER A 420 -12.98 12.90 -24.14
C SER A 420 -13.66 12.12 -25.25
N ARG A 421 -12.90 11.83 -26.30
CA ARG A 421 -13.38 11.03 -27.43
C ARG A 421 -12.33 10.00 -27.79
N ILE A 422 -12.79 8.92 -28.41
CA ILE A 422 -11.94 7.78 -28.77
C ILE A 422 -11.65 7.84 -30.26
N GLU A 423 -10.37 7.82 -30.60
CA GLU A 423 -9.92 7.81 -31.98
C GLU A 423 -8.96 6.64 -32.20
N VAL A 424 -8.96 6.10 -33.42
CA VAL A 424 -8.19 4.91 -33.74
C VAL A 424 -7.00 5.30 -34.60
N GLN A 425 -5.92 4.54 -34.45
CA GLN A 425 -4.68 4.82 -35.14
C GLN A 425 -4.76 4.35 -36.58
N ASP A 426 -4.53 5.26 -37.51
CA ASP A 426 -4.48 4.95 -38.93
C ASP A 426 -3.03 4.74 -39.37
N THR A 427 -2.88 4.26 -40.60
CA THR A 427 -1.54 3.97 -41.11
C THR A 427 -0.70 5.23 -41.29
N SER A 428 -1.35 6.37 -41.48
CA SER A 428 -0.65 7.62 -41.74
C SER A 428 0.02 8.21 -40.50
N GLY A 429 0.03 7.52 -39.36
CA GLY A 429 0.62 8.07 -38.16
C GLY A 429 -0.26 9.01 -37.37
N GLY A 430 -1.46 9.29 -37.85
CA GLY A 430 -2.38 10.17 -37.15
C GLY A 430 -3.50 9.42 -36.48
N THR A 431 -4.65 10.08 -36.30
CA THR A 431 -5.82 9.48 -35.69
C THR A 431 -7.06 9.88 -36.47
N THR A 432 -8.06 9.02 -36.46
CA THR A 432 -9.31 9.27 -37.15
C THR A 432 -10.48 9.06 -36.20
N ALA A 433 -11.47 9.95 -36.30
CA ALA A 433 -12.62 9.91 -35.42
C ALA A 433 -13.62 8.86 -35.88
N LEU A 434 -14.32 8.27 -34.90
CA LEU A 434 -15.28 7.23 -35.21
C LEU A 434 -16.64 7.79 -35.61
N ARG A 435 -16.99 8.99 -35.13
CA ARG A 435 -18.29 9.58 -35.40
C ARG A 435 -18.19 11.08 -35.21
N PRO A 436 -19.14 11.85 -35.74
CA PRO A 436 -19.19 13.28 -35.43
C PRO A 436 -19.63 13.51 -33.98
N SER A 437 -18.85 14.28 -33.26
CA SER A 437 -19.12 14.56 -31.85
C SER A 437 -19.15 16.07 -31.63
N ALA A 438 -19.42 16.46 -30.39
CA ALA A 438 -19.51 17.88 -30.06
C ALA A 438 -18.18 18.58 -30.27
N SER A 439 -17.08 17.94 -29.89
CA SER A 439 -15.76 18.58 -30.00
C SER A 439 -15.32 18.73 -31.45
N THR A 440 -15.88 17.95 -32.37
CA THR A 440 -15.54 18.08 -33.78
C THR A 440 -16.46 19.06 -34.52
N GLN A 441 -17.59 19.43 -33.93
CA GLN A 441 -18.58 20.27 -34.59
C GLN A 441 -18.82 21.57 -33.81
N ALA A 442 -17.76 22.18 -33.30
CA ALA A 442 -17.87 23.43 -32.57
C ALA A 442 -17.72 24.61 -33.52
N LEU A 443 -18.23 25.77 -33.07
CA LEU A 443 -18.12 26.98 -33.87
C LEU A 443 -16.66 27.39 -34.07
N SER A 444 -15.91 27.45 -32.97
CA SER A 444 -14.50 27.81 -33.00
C SER A 444 -13.69 26.69 -32.35
N SER A 445 -12.49 26.45 -32.88
CA SER A 445 -11.63 25.39 -32.42
C SER A 445 -10.21 25.90 -32.23
N SER A 446 -9.51 25.28 -31.28
CA SER A 446 -8.12 25.62 -31.02
C SER A 446 -7.42 24.39 -30.48
N VAL A 447 -6.09 24.37 -30.65
CA VAL A 447 -5.25 23.29 -30.15
C VAL A 447 -4.08 23.92 -29.40
N SER A 448 -3.52 23.17 -28.45
CA SER A 448 -2.34 23.64 -27.73
C SER A 448 -1.09 23.58 -28.60
N SER A 449 -0.93 22.50 -29.35
CA SER A 449 0.20 22.35 -30.27
C SER A 449 -0.13 21.24 -31.26
N SER A 450 0.42 21.36 -32.47
CA SER A 450 0.12 20.42 -33.54
C SER A 450 1.19 19.33 -33.59
N LYS A 451 0.76 18.08 -33.54
CA LYS A 451 1.65 16.93 -33.64
C LYS A 451 0.97 15.85 -34.46
N LEU A 452 1.80 14.97 -35.03
CA LEU A 452 1.29 13.86 -35.84
C LEU A 452 0.64 12.80 -34.97
N PHE A 464 -1.20 0.08 -34.90
CA PHE A 464 -2.42 0.40 -35.63
C PHE A 464 -3.63 -0.21 -34.96
N GLY A 465 -4.81 0.33 -35.27
CA GLY A 465 -6.09 -0.09 -34.69
C GLY A 465 -6.12 0.04 -33.17
N GLU A 466 -5.29 0.92 -32.63
CA GLU A 466 -5.23 1.15 -31.19
C GLU A 466 -6.02 2.39 -30.84
N GLU A 467 -6.75 2.33 -29.73
CA GLU A 467 -7.62 3.42 -29.31
C GLU A 467 -6.85 4.40 -28.44
N VAL A 468 -6.91 5.68 -28.79
CA VAL A 468 -6.33 6.74 -28.00
C VAL A 468 -7.44 7.65 -27.50
N GLU A 469 -7.17 8.34 -26.41
CA GLU A 469 -8.11 9.29 -25.82
C GLU A 469 -7.65 10.70 -26.14
N VAL A 470 -8.56 11.51 -26.67
CA VAL A 470 -8.33 12.92 -26.92
C VAL A 470 -9.22 13.72 -25.98
N HIS A 471 -8.62 14.62 -25.21
CA HIS A 471 -9.34 15.40 -24.22
C HIS A 471 -9.55 16.83 -24.71
N ASN A 472 -10.76 17.35 -24.49
CA ASN A 472 -11.14 18.67 -24.96
C ASN A 472 -11.81 19.45 -23.84
N LEU A 473 -11.76 20.77 -23.98
CA LEU A 473 -12.52 21.69 -23.15
C LEU A 473 -13.58 22.35 -24.02
N LEU A 474 -14.83 22.31 -23.56
CA LEU A 474 -15.97 22.78 -24.33
C LEU A 474 -16.65 23.94 -23.62
N ILE A 475 -16.98 24.97 -24.38
CA ILE A 475 -17.73 26.12 -23.90
C ILE A 475 -19.13 26.05 -24.49
N ILE A 476 -20.15 26.14 -23.63
CA ILE A 476 -21.52 25.88 -24.01
C ILE A 476 -22.39 27.04 -23.55
N ASP A 477 -23.23 27.55 -24.45
CA ASP A 477 -24.14 28.64 -24.12
C ASP A 477 -25.25 28.15 -23.18
N GLN A 478 -25.58 28.96 -22.18
CA GLN A 478 -26.54 28.54 -21.17
C GLN A 478 -27.99 28.59 -21.66
N HIS A 479 -28.25 29.27 -22.78
CA HIS A 479 -29.62 29.40 -23.28
C HIS A 479 -29.93 28.39 -24.37
N THR A 480 -29.05 28.24 -25.36
CA THR A 480 -29.26 27.32 -26.46
C THR A 480 -28.53 26.00 -26.28
N PHE A 481 -27.53 25.95 -25.41
CA PHE A 481 -26.73 24.75 -25.15
C PHE A 481 -26.02 24.26 -26.41
N GLU A 482 -25.58 25.20 -27.24
CA GLU A 482 -24.73 24.87 -28.37
C GLU A 482 -23.27 25.04 -27.99
N VAL A 483 -22.40 24.41 -28.77
CA VAL A 483 -20.97 24.41 -28.50
C VAL A 483 -20.35 25.62 -29.18
N LEU A 484 -19.77 26.51 -28.39
CA LEU A 484 -19.19 27.74 -28.89
C LEU A 484 -17.70 27.62 -29.21
N HIS A 485 -16.94 26.97 -28.33
CA HIS A 485 -15.51 26.83 -28.52
C HIS A 485 -15.06 25.47 -27.98
N ALA A 486 -14.23 24.78 -28.75
CA ALA A 486 -13.61 23.53 -28.34
C ALA A 486 -12.09 23.70 -28.36
N HIS A 487 -11.44 23.29 -27.27
CA HIS A 487 -9.99 23.39 -27.14
C HIS A 487 -9.43 21.99 -26.90
N GLN A 488 -8.53 21.56 -27.77
CA GLN A 488 -7.93 20.24 -27.69
C GLN A 488 -6.56 20.34 -27.00
N PHE A 489 -6.34 19.48 -26.00
CA PHE A 489 -5.12 19.51 -25.23
C PHE A 489 -3.99 18.78 -25.96
N LEU A 490 -2.85 18.66 -25.29
CA LEU A 490 -1.69 18.05 -25.90
C LEU A 490 -1.88 16.54 -26.03
N GLN A 491 -1.05 15.94 -26.88
CA GLN A 491 -1.07 14.49 -27.03
C GLN A 491 -0.61 13.83 -25.75
N ASN A 492 -1.28 12.73 -25.39
CA ASN A 492 -1.04 11.98 -24.16
C ASN A 492 -1.33 12.79 -22.90
N GLU A 493 -2.07 13.90 -23.01
CA GLU A 493 -2.40 14.71 -21.85
C GLU A 493 -3.79 14.33 -21.36
N TYR A 494 -3.92 14.11 -20.06
CA TYR A 494 -5.17 13.66 -19.46
C TYR A 494 -5.65 14.79 -18.54
N ALA A 495 -6.77 15.40 -18.88
CA ALA A 495 -7.34 16.49 -18.08
C ALA A 495 -8.14 15.95 -16.90
N LEU A 496 -7.78 16.39 -15.69
CA LEU A 496 -8.30 15.85 -14.43
C LEU A 496 -9.19 16.81 -13.65
N SER A 497 -8.91 18.10 -13.64
CA SER A 497 -9.65 19.03 -12.81
C SER A 497 -10.03 20.29 -13.58
N LEU A 498 -11.04 20.99 -13.05
CA LEU A 498 -11.59 22.18 -13.71
C LEU A 498 -12.28 23.05 -12.66
N VAL A 499 -11.89 24.32 -12.61
CA VAL A 499 -12.53 25.30 -11.72
C VAL A 499 -12.77 26.59 -12.50
N SER A 500 -13.72 27.38 -12.01
CA SER A 500 -14.01 28.70 -12.52
C SER A 500 -14.01 29.67 -11.33
N CYS A 501 -13.14 30.68 -11.38
CA CYS A 501 -12.97 31.53 -10.22
C CYS A 501 -12.26 32.82 -10.61
N LYS A 502 -12.23 33.74 -9.66
CA LYS A 502 -11.45 34.97 -9.75
C LYS A 502 -10.29 34.89 -8.77
N LEU A 503 -9.11 35.32 -9.21
CA LEU A 503 -7.89 35.16 -8.43
C LEU A 503 -7.29 36.52 -8.12
N GLY A 504 -6.86 36.69 -6.87
CA GLY A 504 -6.15 37.90 -6.47
C GLY A 504 -7.00 39.15 -6.63
N LYS A 505 -6.35 40.23 -7.07
CA LYS A 505 -7.02 41.49 -7.32
C LYS A 505 -7.52 41.63 -8.75
N ASP A 506 -7.41 40.58 -9.54
CA ASP A 506 -7.84 40.62 -10.93
C ASP A 506 -9.36 40.64 -11.01
N PRO A 507 -9.96 41.58 -11.74
CA PRO A 507 -11.42 41.58 -11.92
C PRO A 507 -11.93 40.60 -12.97
N ASN A 508 -11.08 39.73 -13.49
CA ASN A 508 -11.45 38.79 -14.54
C ASN A 508 -11.74 37.40 -13.98
N THR A 509 -12.64 36.68 -14.65
CA THR A 509 -12.97 35.30 -14.29
C THR A 509 -12.29 34.36 -15.28
N TYR A 510 -11.72 33.28 -14.76
CA TYR A 510 -10.88 32.39 -15.55
C TYR A 510 -11.38 30.95 -15.44
N PHE A 511 -11.08 30.17 -16.48
CA PHE A 511 -11.21 28.72 -16.45
C PHE A 511 -9.82 28.13 -16.16
N ILE A 512 -9.71 27.33 -15.12
CA ILE A 512 -8.44 26.74 -14.72
C ILE A 512 -8.55 25.23 -14.83
N VAL A 513 -7.63 24.62 -15.56
CA VAL A 513 -7.62 23.19 -15.82
C VAL A 513 -6.32 22.60 -15.34
N GLY A 514 -6.40 21.48 -14.62
CA GLY A 514 -5.23 20.75 -14.16
C GLY A 514 -5.15 19.41 -14.89
N THR A 515 -3.99 19.17 -15.49
CA THR A 515 -3.79 18.02 -16.37
C THR A 515 -2.67 17.13 -15.84
N ALA A 516 -2.35 16.10 -16.62
CA ALA A 516 -1.22 15.22 -16.35
C ALA A 516 -0.75 14.64 -17.67
N MET A 517 0.50 14.20 -17.69
CA MET A 517 1.08 13.55 -18.85
C MET A 517 1.14 12.05 -18.56
N VAL A 518 0.40 11.27 -19.35
CA VAL A 518 0.24 9.85 -19.11
C VAL A 518 0.86 9.09 -20.27
N TYR A 519 1.93 8.36 -19.97
CA TYR A 519 2.56 7.49 -20.95
C TYR A 519 2.41 6.04 -20.54
N PRO A 520 2.11 5.15 -21.47
CA PRO A 520 1.81 3.75 -21.09
C PRO A 520 2.96 3.04 -20.40
N GLU A 521 4.20 3.46 -20.64
CA GLU A 521 5.36 2.81 -20.02
C GLU A 521 5.65 3.33 -18.61
N GLU A 522 4.92 4.33 -18.15
CA GLU A 522 5.15 4.94 -16.85
C GLU A 522 3.95 4.68 -15.95
N ALA A 523 4.21 4.12 -14.77
CA ALA A 523 3.10 3.82 -13.86
C ALA A 523 2.56 5.08 -13.21
N GLU A 524 3.45 5.97 -12.76
CA GLU A 524 3.05 7.17 -12.04
C GLU A 524 3.41 8.40 -12.86
N PRO A 525 2.46 9.27 -13.17
CA PRO A 525 2.78 10.43 -14.01
C PRO A 525 3.77 11.36 -13.32
N LYS A 526 4.80 11.76 -14.06
CA LYS A 526 5.84 12.63 -13.54
C LYS A 526 5.74 14.06 -14.06
N GLN A 527 4.87 14.33 -15.01
CA GLN A 527 4.70 15.67 -15.56
C GLN A 527 3.23 16.04 -15.56
N GLY A 528 2.98 17.35 -15.46
CA GLY A 528 1.64 17.88 -15.55
C GLY A 528 1.73 19.38 -15.71
N ARG A 529 0.57 20.01 -15.86
CA ARG A 529 0.56 21.47 -15.95
C ARG A 529 -0.79 21.99 -15.52
N ILE A 530 -0.80 23.27 -15.13
CA ILE A 530 -2.02 24.00 -14.80
C ILE A 530 -2.15 25.13 -15.80
N VAL A 531 -3.27 25.17 -16.52
CA VAL A 531 -3.46 26.14 -17.59
C VAL A 531 -4.64 27.03 -17.22
N VAL A 532 -4.50 28.33 -17.48
CA VAL A 532 -5.52 29.32 -17.19
C VAL A 532 -6.04 29.88 -18.51
N PHE A 533 -7.35 29.78 -18.73
CA PHE A 533 -8.01 30.26 -19.93
C PHE A 533 -8.99 31.38 -19.57
N GLN A 534 -9.22 32.26 -20.53
CA GLN A 534 -10.22 33.32 -20.39
C GLN A 534 -11.12 33.32 -21.62
N TYR A 535 -12.43 33.35 -21.40
CA TYR A 535 -13.40 33.42 -22.50
C TYR A 535 -13.91 34.85 -22.59
N SER A 536 -13.47 35.56 -23.63
CA SER A 536 -13.85 36.95 -23.83
C SER A 536 -14.06 37.22 -25.31
N ASP A 537 -15.12 37.95 -25.61
CA ASP A 537 -15.43 38.37 -26.98
C ASP A 537 -15.54 37.17 -27.92
N GLY A 538 -16.11 36.08 -27.43
CA GLY A 538 -16.40 34.95 -28.28
C GLY A 538 -15.22 34.07 -28.61
N LYS A 539 -14.07 34.25 -27.96
CA LYS A 539 -12.92 33.40 -28.20
C LYS A 539 -12.27 33.04 -26.87
N LEU A 540 -11.55 31.93 -26.87
CA LEU A 540 -10.90 31.39 -25.69
C LEU A 540 -9.40 31.55 -25.86
N GLN A 541 -8.77 32.22 -24.90
CA GLN A 541 -7.34 32.52 -24.97
C GLN A 541 -6.65 31.95 -23.74
N THR A 542 -5.36 31.65 -23.91
CA THR A 542 -4.54 31.10 -22.84
C THR A 542 -3.77 32.23 -22.17
N VAL A 543 -3.96 32.39 -20.87
CA VAL A 543 -3.35 33.49 -20.14
C VAL A 543 -2.02 33.07 -19.53
N ALA A 544 -1.99 31.94 -18.83
CA ALA A 544 -0.76 31.48 -18.20
C ALA A 544 -0.78 29.96 -18.09
N GLU A 545 0.41 29.36 -18.15
CA GLU A 545 0.58 27.94 -17.92
C GLU A 545 1.74 27.72 -16.98
N LYS A 546 1.60 26.72 -16.10
CA LYS A 546 2.60 26.39 -15.10
C LYS A 546 2.90 24.91 -15.17
N GLU A 547 4.18 24.55 -15.27
CA GLU A 547 4.57 23.15 -15.34
C GLU A 547 4.83 22.60 -13.94
N VAL A 548 4.20 21.48 -13.63
CA VAL A 548 4.38 20.80 -12.36
C VAL A 548 4.92 19.40 -12.61
N LYS A 549 5.44 18.78 -11.56
CA LYS A 549 6.07 17.47 -11.65
C LYS A 549 5.18 16.37 -11.11
N GLY A 550 3.90 16.44 -11.40
CA GLY A 550 2.98 15.40 -10.99
C GLY A 550 1.65 15.52 -11.69
N ALA A 551 0.66 14.82 -11.15
CA ALA A 551 -0.70 14.86 -11.67
C ALA A 551 -1.54 15.76 -10.78
N VAL A 552 -2.26 16.69 -11.40
CA VAL A 552 -3.11 17.64 -10.67
C VAL A 552 -4.48 16.99 -10.56
N TYR A 553 -4.69 16.26 -9.47
CA TYR A 553 -5.91 15.50 -9.30
C TYR A 553 -7.10 16.38 -8.95
N SER A 554 -6.88 17.42 -8.16
CA SER A 554 -7.97 18.30 -7.74
C SER A 554 -7.47 19.72 -7.59
N MET A 555 -8.40 20.66 -7.68
CA MET A 555 -8.14 22.08 -7.49
C MET A 555 -9.38 22.70 -6.86
N VAL A 556 -9.16 23.70 -6.00
CA VAL A 556 -10.24 24.44 -5.35
C VAL A 556 -9.74 25.87 -5.13
N GLU A 557 -10.68 26.80 -5.00
CA GLU A 557 -10.38 28.20 -4.71
C GLU A 557 -10.32 28.39 -3.20
N PHE A 558 -9.22 28.95 -2.71
CA PHE A 558 -9.00 29.08 -1.29
C PHE A 558 -8.73 30.55 -0.98
N ASN A 559 -9.81 31.30 -0.73
CA ASN A 559 -9.72 32.69 -0.26
C ASN A 559 -8.92 33.56 -1.22
N GLY A 560 -9.29 33.51 -2.50
CA GLY A 560 -8.60 34.29 -3.51
C GLY A 560 -7.32 33.67 -4.02
N LYS A 561 -6.93 32.51 -3.50
CA LYS A 561 -5.75 31.79 -3.96
C LYS A 561 -6.18 30.48 -4.60
N LEU A 562 -5.21 29.74 -5.14
CA LEU A 562 -5.46 28.48 -5.81
C LEU A 562 -4.85 27.34 -5.01
N LEU A 563 -5.67 26.37 -4.63
CA LEU A 563 -5.22 25.19 -3.92
C LEU A 563 -5.21 24.02 -4.90
N ALA A 564 -4.04 23.40 -5.06
CA ALA A 564 -3.87 22.33 -6.04
C ALA A 564 -3.28 21.10 -5.37
N SER A 565 -3.63 19.94 -5.89
CA SER A 565 -3.13 18.66 -5.39
C SER A 565 -2.25 18.00 -6.46
N ILE A 566 -0.93 18.09 -6.28
CA ILE A 566 0.05 17.50 -7.18
C ILE A 566 0.54 16.20 -6.54
N ASN A 567 0.21 15.06 -7.15
CA ASN A 567 0.59 13.74 -6.63
C ASN A 567 0.16 13.59 -5.17
N SER A 568 1.07 13.83 -4.24
CA SER A 568 0.82 13.64 -2.83
C SER A 568 0.96 14.91 -2.02
N THR A 569 1.43 15.99 -2.63
CA THR A 569 1.66 17.26 -1.96
C THR A 569 0.49 18.19 -2.20
N VAL A 570 0.33 19.16 -1.31
CA VAL A 570 -0.70 20.19 -1.43
C VAL A 570 0.00 21.53 -1.57
N ARG A 571 -0.35 22.27 -2.62
CA ARG A 571 0.33 23.50 -2.95
C ARG A 571 -0.67 24.65 -3.03
N LEU A 572 -0.28 25.81 -2.52
CA LEU A 572 -1.10 27.02 -2.57
C LEU A 572 -0.42 28.03 -3.48
N TYR A 573 -1.19 28.59 -4.41
CA TYR A 573 -0.67 29.50 -5.42
C TYR A 573 -1.28 30.88 -5.25
N GLU A 574 -0.52 31.90 -5.64
CA GLU A 574 -0.97 33.27 -5.63
C GLU A 574 -0.97 33.83 -7.05
N TRP A 575 -1.93 34.70 -7.33
CA TRP A 575 -2.05 35.32 -8.65
C TRP A 575 -1.34 36.67 -8.61
N THR A 576 -0.24 36.78 -9.34
CA THR A 576 0.56 37.99 -9.37
C THR A 576 -0.03 39.00 -10.35
N THR A 577 0.34 40.27 -10.16
CA THR A 577 -0.11 41.32 -11.07
C THR A 577 0.45 41.13 -12.47
N GLU A 578 1.51 40.34 -12.63
CA GLU A 578 2.08 40.03 -13.92
C GLU A 578 1.38 38.87 -14.62
N LYS A 579 0.26 38.41 -14.08
CA LYS A 579 -0.50 37.27 -14.60
C LYS A 579 0.34 35.98 -14.56
N GLU A 580 0.76 35.62 -13.35
CA GLU A 580 1.51 34.38 -13.13
C GLU A 580 1.13 33.79 -11.80
N LEU A 581 1.43 32.49 -11.65
CA LEU A 581 1.16 31.75 -10.41
C LEU A 581 2.47 31.61 -9.64
N ARG A 582 2.48 32.07 -8.39
CA ARG A 582 3.63 32.00 -7.52
C ARG A 582 3.32 31.11 -6.33
N THR A 583 4.19 30.15 -6.06
CA THR A 583 3.97 29.21 -4.97
C THR A 583 4.16 29.90 -3.62
N GLU A 584 3.22 29.68 -2.70
CA GLU A 584 3.28 30.27 -1.38
C GLU A 584 3.75 29.26 -0.33
N CYS A 585 3.04 28.14 -0.19
CA CYS A 585 3.37 27.14 0.81
C CYS A 585 3.11 25.75 0.26
N ASN A 586 3.91 24.79 0.71
CA ASN A 586 3.77 23.38 0.35
C ASN A 586 3.54 22.55 1.59
N HIS A 587 2.68 21.54 1.49
CA HIS A 587 2.47 20.58 2.56
C HIS A 587 2.54 19.18 1.97
N TYR A 588 3.33 18.31 2.59
CA TYR A 588 3.61 16.97 2.08
C TYR A 588 2.91 15.93 2.94
N ASN A 589 2.21 15.00 2.30
CA ASN A 589 1.48 13.94 2.99
C ASN A 589 2.01 12.59 2.55
N ASN A 590 1.55 11.54 3.23
CA ASN A 590 1.82 10.17 2.84
C ASN A 590 0.81 9.64 1.83
N ILE A 591 -0.30 10.34 1.63
CA ILE A 591 -1.39 9.87 0.79
C ILE A 591 -1.55 10.82 -0.39
N MET A 592 -2.23 10.33 -1.42
CA MET A 592 -2.63 11.15 -2.55
C MET A 592 -3.84 11.98 -2.18
N ALA A 593 -3.86 13.23 -2.63
CA ALA A 593 -4.98 14.12 -2.35
C ALA A 593 -5.97 14.10 -3.50
N LEU A 594 -6.64 12.95 -3.65
CA LEU A 594 -7.63 12.79 -4.70
C LEU A 594 -8.87 13.64 -4.46
N TYR A 595 -9.27 13.81 -3.21
CA TYR A 595 -10.45 14.58 -2.85
C TYR A 595 -10.02 15.81 -2.06
N LEU A 596 -10.57 16.96 -2.42
CA LEU A 596 -10.17 18.24 -1.84
C LEU A 596 -11.40 19.12 -1.70
N LYS A 597 -11.78 19.42 -0.46
CA LYS A 597 -12.90 20.29 -0.15
C LYS A 597 -12.45 21.39 0.81
N THR A 598 -13.19 22.50 0.80
CA THR A 598 -12.80 23.68 1.54
C THR A 598 -14.01 24.32 2.21
N LYS A 599 -13.83 24.75 3.45
CA LYS A 599 -14.80 25.60 4.14
C LYS A 599 -14.03 26.57 5.03
N GLY A 600 -14.03 27.84 4.65
CA GLY A 600 -13.31 28.85 5.41
C GLY A 600 -11.80 28.69 5.30
N ASP A 601 -11.14 28.38 6.40
CA ASP A 601 -9.72 28.11 6.43
C ASP A 601 -9.38 26.63 6.55
N PHE A 602 -10.39 25.77 6.51
CA PHE A 602 -10.21 24.34 6.68
C PHE A 602 -10.18 23.64 5.31
N ILE A 603 -9.32 22.64 5.21
CA ILE A 603 -9.15 21.86 3.99
C ILE A 603 -9.37 20.39 4.33
N LEU A 604 -10.18 19.70 3.53
CA LEU A 604 -10.46 18.29 3.71
C LEU A 604 -9.78 17.50 2.60
N VAL A 605 -8.92 16.55 2.98
CA VAL A 605 -8.13 15.77 2.05
C VAL A 605 -8.50 14.30 2.21
N GLY A 606 -8.59 13.59 1.09
CA GLY A 606 -8.89 12.17 1.13
C GLY A 606 -8.29 11.46 -0.07
N ASP A 607 -8.03 10.17 0.09
CA ASP A 607 -7.51 9.33 -0.97
C ASP A 607 -8.51 8.23 -1.29
N LEU A 608 -8.11 7.30 -2.15
CA LEU A 608 -8.99 6.23 -2.57
C LEU A 608 -9.15 5.14 -1.52
N MET A 609 -8.33 5.14 -0.48
CA MET A 609 -8.36 4.11 0.55
C MET A 609 -8.95 4.63 1.87
N ARG A 610 -9.80 5.65 1.79
CA ARG A 610 -10.54 6.18 2.94
C ARG A 610 -9.60 6.65 4.05
N SER A 611 -8.70 7.55 3.68
CA SER A 611 -7.81 8.21 4.64
C SER A 611 -8.18 9.68 4.65
N VAL A 612 -8.80 10.12 5.74
CA VAL A 612 -9.33 11.47 5.85
C VAL A 612 -8.36 12.32 6.64
N LEU A 613 -7.96 13.45 6.07
CA LEU A 613 -7.03 14.38 6.69
C LEU A 613 -7.67 15.75 6.75
N LEU A 614 -7.61 16.39 7.91
CA LEU A 614 -8.16 17.72 8.11
C LEU A 614 -7.00 18.68 8.34
N LEU A 615 -6.91 19.71 7.50
CA LEU A 615 -5.85 20.69 7.57
C LEU A 615 -6.43 22.07 7.78
N ALA A 616 -5.61 22.96 8.30
CA ALA A 616 -5.98 24.36 8.49
C ALA A 616 -4.86 25.26 7.99
N TYR A 617 -5.24 26.41 7.45
CA TYR A 617 -4.30 27.39 6.95
C TYR A 617 -4.06 28.43 8.04
N LYS A 618 -2.81 28.55 8.46
CA LYS A 618 -2.45 29.57 9.43
C LYS A 618 -2.04 30.84 8.69
N PRO A 619 -2.91 31.85 8.65
CA PRO A 619 -2.60 33.03 7.81
C PRO A 619 -1.36 33.79 8.24
N MET A 620 -1.09 33.86 9.54
CA MET A 620 0.08 34.59 10.01
C MET A 620 1.37 33.84 9.70
N GLU A 621 1.39 32.53 9.97
CA GLU A 621 2.58 31.73 9.75
C GLU A 621 2.81 31.39 8.29
N GLY A 622 1.76 31.44 7.46
CA GLY A 622 1.88 31.11 6.06
C GLY A 622 2.23 29.67 5.77
N ASN A 623 1.58 28.72 6.45
CA ASN A 623 1.82 27.31 6.20
C ASN A 623 0.55 26.53 6.55
N PHE A 624 0.64 25.21 6.51
CA PHE A 624 -0.48 24.32 6.77
C PHE A 624 -0.24 23.52 8.04
N GLU A 625 -1.27 23.43 8.87
CA GLU A 625 -1.22 22.68 10.12
C GLU A 625 -2.21 21.53 10.05
N GLU A 626 -1.81 20.38 10.58
CA GLU A 626 -2.67 19.21 10.62
C GLU A 626 -3.52 19.24 11.88
N ILE A 627 -4.83 19.10 11.72
CA ILE A 627 -5.78 19.15 12.83
C ILE A 627 -6.12 17.76 13.33
N ALA A 628 -6.52 16.86 12.43
CA ALA A 628 -6.93 15.52 12.82
C ALA A 628 -6.81 14.60 11.62
N ARG A 629 -6.95 13.30 11.86
CA ARG A 629 -6.93 12.32 10.80
C ARG A 629 -7.72 11.08 11.22
N ASP A 630 -8.06 10.28 10.22
CA ASP A 630 -8.73 9.00 10.44
C ASP A 630 -8.31 8.06 9.32
N PHE A 631 -7.62 6.98 9.67
CA PHE A 631 -7.11 6.02 8.69
C PHE A 631 -7.81 4.68 8.92
N ASN A 632 -8.74 4.34 8.02
CA ASN A 632 -9.40 3.04 8.02
C ASN A 632 -9.39 2.54 6.58
N PRO A 633 -8.74 1.42 6.29
CA PRO A 633 -8.60 0.98 4.90
C PRO A 633 -9.89 0.44 4.29
N ASN A 634 -10.48 1.23 3.40
CA ASN A 634 -11.65 0.83 2.64
C ASN A 634 -11.73 1.72 1.40
N TRP A 635 -12.48 1.26 0.39
CA TRP A 635 -12.59 2.02 -0.84
C TRP A 635 -13.55 3.19 -0.65
N MET A 636 -13.13 4.39 -1.06
CA MET A 636 -13.92 5.59 -0.92
C MET A 636 -14.09 6.26 -2.27
N SER A 637 -15.30 6.77 -2.53
CA SER A 637 -15.63 7.35 -3.83
C SER A 637 -15.87 8.85 -3.80
N ALA A 638 -16.33 9.41 -2.68
CA ALA A 638 -16.56 10.85 -2.60
C ALA A 638 -16.56 11.28 -1.14
N VAL A 639 -16.30 12.57 -0.93
CA VAL A 639 -16.43 13.20 0.38
C VAL A 639 -17.03 14.59 0.22
N GLU A 640 -17.49 15.14 1.34
CA GLU A 640 -18.11 16.46 1.38
C GLU A 640 -17.97 17.00 2.79
N ILE A 641 -18.15 18.31 2.93
CA ILE A 641 -18.12 18.99 4.22
C ILE A 641 -19.55 19.44 4.54
N LEU A 642 -20.10 18.93 5.64
CA LEU A 642 -21.44 19.31 6.05
C LEU A 642 -21.44 20.60 6.85
N ASP A 643 -20.54 20.71 7.83
CA ASP A 643 -20.34 21.93 8.59
C ASP A 643 -18.88 21.94 9.06
N ASP A 644 -18.57 22.79 10.04
CA ASP A 644 -17.20 22.93 10.51
C ASP A 644 -16.70 21.64 11.16
N ASP A 645 -17.59 20.84 11.73
CA ASP A 645 -17.19 19.68 12.53
C ASP A 645 -17.43 18.35 11.85
N ASN A 646 -18.48 18.21 11.04
CA ASN A 646 -18.90 16.93 10.51
C ASN A 646 -18.62 16.85 9.01
N PHE A 647 -18.18 15.68 8.56
CA PHE A 647 -17.81 15.43 7.18
C PHE A 647 -18.47 14.14 6.70
N LEU A 648 -18.84 14.13 5.42
CA LEU A 648 -19.61 13.06 4.82
C LEU A 648 -18.79 12.33 3.77
N GLY A 649 -19.07 11.04 3.58
CA GLY A 649 -18.34 10.24 2.60
C GLY A 649 -19.12 9.01 2.20
N ALA A 650 -18.58 8.33 1.18
CA ALA A 650 -19.18 7.12 0.63
C ALA A 650 -18.16 5.99 0.68
N GLU A 651 -18.59 4.83 1.21
CA GLU A 651 -17.70 3.71 1.52
C GLU A 651 -17.80 2.62 0.46
N ASN A 652 -17.06 1.54 0.70
CA ASN A 652 -17.18 0.34 -0.11
C ASN A 652 -18.52 -0.34 0.16
N ALA A 653 -18.85 -1.31 -0.68
CA ALA A 653 -20.23 -1.76 -0.87
C ALA A 653 -20.97 -0.49 -1.31
N PHE A 654 -22.08 -0.14 -0.69
CA PHE A 654 -22.78 1.09 -1.05
C PHE A 654 -23.25 1.74 0.25
N ASN A 655 -22.37 2.57 0.84
CA ASN A 655 -22.54 3.04 2.20
C ASN A 655 -22.23 4.53 2.27
N LEU A 656 -22.77 5.16 3.32
CA LEU A 656 -22.45 6.54 3.68
C LEU A 656 -21.93 6.56 5.12
N PHE A 657 -20.97 7.44 5.39
CA PHE A 657 -20.44 7.60 6.73
C PHE A 657 -20.28 9.07 7.05
N VAL A 658 -20.30 9.38 8.34
CA VAL A 658 -20.10 10.73 8.85
C VAL A 658 -19.05 10.68 9.95
N CYS A 659 -18.05 11.58 9.88
CA CYS A 659 -17.03 11.72 10.91
C CYS A 659 -17.09 13.13 11.49
N GLN A 660 -16.74 13.25 12.76
CA GLN A 660 -16.70 14.55 13.42
C GLN A 660 -15.48 14.63 14.33
N LYS A 661 -15.15 15.86 14.72
CA LYS A 661 -13.96 16.15 15.49
C LYS A 661 -14.33 16.72 16.86
N ASP A 662 -13.37 16.60 17.80
CA ASP A 662 -13.39 17.34 19.07
C ASP A 662 -14.57 16.97 19.94
N SER A 663 -15.12 15.77 19.76
CA SER A 663 -16.22 15.32 20.60
C SER A 663 -15.72 14.92 21.98
N ALA A 664 -16.51 15.24 22.99
CA ALA A 664 -16.14 14.93 24.37
C ALA A 664 -17.29 14.20 25.08
N THR A 667 -7.19 15.16 25.78
CA THR A 667 -5.85 15.47 25.33
C THR A 667 -5.76 15.49 23.81
N ASP A 668 -4.55 15.74 23.28
CA ASP A 668 -4.39 15.88 21.84
C ASP A 668 -4.57 14.56 21.10
N GLU A 669 -4.46 13.42 21.79
CA GLU A 669 -4.69 12.13 21.13
C GLU A 669 -6.12 12.04 20.62
N GLU A 670 -7.09 12.41 21.47
CA GLU A 670 -8.49 12.38 21.06
C GLU A 670 -8.84 13.54 20.14
N ARG A 671 -8.23 14.71 20.37
CA ARG A 671 -8.53 15.87 19.54
C ARG A 671 -8.03 15.70 18.11
N GLN A 672 -7.03 14.85 17.90
CA GLN A 672 -6.48 14.59 16.57
C GLN A 672 -7.09 13.34 15.92
N HIS A 673 -8.19 12.84 16.46
CA HIS A 673 -8.84 11.65 15.95
C HIS A 673 -10.26 11.99 15.51
N LEU A 674 -10.67 11.43 14.37
CA LEU A 674 -12.02 11.57 13.84
C LEU A 674 -12.76 10.25 14.03
N GLN A 675 -13.89 10.28 14.73
CA GLN A 675 -14.66 9.08 14.98
C GLN A 675 -15.96 9.11 14.20
N GLU A 676 -16.49 7.92 13.93
CA GLU A 676 -17.65 7.76 13.07
C GLU A 676 -18.92 7.85 13.89
N VAL A 677 -19.73 8.88 13.64
CA VAL A 677 -21.01 9.05 14.31
C VAL A 677 -22.20 8.64 13.45
N GLY A 678 -21.98 8.31 12.18
CA GLY A 678 -23.06 7.90 11.32
C GLY A 678 -22.68 6.84 10.31
N LEU A 679 -23.52 5.80 10.19
CA LEU A 679 -23.32 4.72 9.25
C LEU A 679 -24.67 4.38 8.61
N PHE A 680 -24.65 4.11 7.31
CA PHE A 680 -25.88 3.87 6.57
C PHE A 680 -25.56 3.10 5.29
N HIS A 681 -26.47 2.21 4.90
CA HIS A 681 -26.35 1.46 3.64
C HIS A 681 -27.35 2.03 2.65
N LEU A 682 -26.83 2.76 1.66
CA LEU A 682 -27.68 3.43 0.70
C LEU A 682 -28.12 2.50 -0.43
N GLY A 683 -27.21 1.67 -0.92
CA GLY A 683 -27.49 0.82 -2.06
C GLY A 683 -27.02 1.38 -3.39
N GLU A 684 -26.39 2.54 -3.39
CA GLU A 684 -25.95 3.22 -4.61
C GLU A 684 -24.48 3.60 -4.47
N PHE A 685 -23.83 3.77 -5.62
CA PHE A 685 -22.43 4.20 -5.69
C PHE A 685 -22.40 5.69 -5.98
N VAL A 686 -21.98 6.47 -4.99
CA VAL A 686 -21.99 7.93 -5.10
C VAL A 686 -20.71 8.39 -5.79
N ASN A 687 -20.86 9.31 -6.74
CA ASN A 687 -19.74 9.86 -7.49
C ASN A 687 -19.42 11.31 -7.14
N VAL A 688 -20.44 12.13 -6.87
CA VAL A 688 -20.26 13.55 -6.68
C VAL A 688 -21.18 14.05 -5.57
N PHE A 689 -20.70 14.99 -4.77
CA PHE A 689 -21.49 15.70 -3.78
C PHE A 689 -21.50 17.18 -4.13
N CYS A 690 -22.67 17.81 -4.02
CA CYS A 690 -22.81 19.23 -4.29
C CYS A 690 -23.72 19.86 -3.24
N HIS A 691 -23.52 21.15 -3.00
CA HIS A 691 -24.34 21.91 -2.05
C HIS A 691 -25.50 22.54 -2.79
N GLY A 692 -26.53 21.73 -3.03
CA GLY A 692 -27.75 22.20 -3.67
C GLY A 692 -28.76 22.71 -2.67
N SER A 693 -28.49 23.89 -2.09
CA SER A 693 -29.28 24.35 -0.95
C SER A 693 -30.77 24.49 -1.29
N LEU A 694 -31.08 25.14 -2.40
CA LEU A 694 -32.47 25.37 -2.79
C LEU A 694 -32.69 24.97 -4.25
N VAL A 695 -32.20 23.78 -4.62
CA VAL A 695 -32.51 23.26 -5.96
C VAL A 695 -33.99 23.00 -6.09
N MET A 696 -34.61 22.46 -5.04
CA MET A 696 -36.05 22.20 -5.00
C MET A 696 -36.75 23.11 -4.00
N GLN A 697 -36.22 24.32 -3.83
CA GLN A 697 -36.71 25.28 -2.84
C GLN A 697 -36.82 24.64 -1.45
N PRO A 705 -36.83 23.07 10.73
CA PRO A 705 -36.77 21.66 11.12
C PRO A 705 -35.57 20.93 10.51
N THR A 706 -35.13 21.40 9.36
CA THR A 706 -33.98 20.83 8.66
C THR A 706 -32.95 21.92 8.39
N GLN A 707 -31.68 21.54 8.38
CA GLN A 707 -30.59 22.46 8.19
C GLN A 707 -29.65 21.93 7.11
N GLY A 708 -29.25 22.83 6.20
CA GLY A 708 -28.34 22.45 5.14
C GLY A 708 -29.01 21.64 4.05
N SER A 709 -28.30 21.42 2.95
CA SER A 709 -28.84 20.66 1.84
C SER A 709 -27.68 20.24 0.93
N VAL A 710 -27.52 18.94 0.73
CA VAL A 710 -26.46 18.39 -0.11
C VAL A 710 -27.07 17.37 -1.06
N LEU A 711 -26.71 17.46 -2.33
CA LEU A 711 -27.17 16.52 -3.36
C LEU A 711 -26.03 15.59 -3.74
N PHE A 712 -26.39 14.36 -4.12
CA PHE A 712 -25.41 13.43 -4.66
C PHE A 712 -25.99 12.74 -5.89
N GLY A 713 -25.11 12.36 -6.80
CA GLY A 713 -25.48 11.64 -8.01
C GLY A 713 -24.74 10.32 -8.08
N THR A 714 -25.43 9.30 -8.56
CA THR A 714 -24.94 7.92 -8.49
C THR A 714 -24.74 7.34 -9.89
N VAL A 715 -24.23 6.11 -9.92
CA VAL A 715 -24.00 5.41 -11.18
C VAL A 715 -25.32 4.97 -11.81
N ASN A 716 -26.32 4.65 -10.99
CA ASN A 716 -27.61 4.17 -11.48
C ASN A 716 -28.55 5.30 -11.89
N GLY A 717 -28.11 6.55 -11.83
CA GLY A 717 -28.96 7.67 -12.17
C GLY A 717 -29.81 8.19 -11.05
N MET A 718 -29.46 7.89 -9.80
CA MET A 718 -30.23 8.30 -8.64
C MET A 718 -29.69 9.60 -8.07
N ILE A 719 -30.61 10.49 -7.72
CA ILE A 719 -30.29 11.77 -7.10
C ILE A 719 -30.90 11.78 -5.71
N GLY A 720 -30.11 12.17 -4.71
CA GLY A 720 -30.56 12.14 -3.34
C GLY A 720 -30.22 13.43 -2.61
N LEU A 721 -30.87 13.60 -1.45
CA LEU A 721 -30.73 14.80 -0.64
C LEU A 721 -30.36 14.41 0.78
N VAL A 722 -29.33 15.06 1.32
CA VAL A 722 -28.90 14.85 2.70
C VAL A 722 -29.05 16.18 3.44
N THR A 723 -29.83 16.18 4.51
CA THR A 723 -30.00 17.32 5.39
C THR A 723 -29.68 16.93 6.82
N SER A 724 -29.53 17.94 7.67
CA SER A 724 -29.16 17.71 9.07
C SER A 724 -30.33 18.05 9.98
N LEU A 725 -30.53 17.22 11.00
CA LEU A 725 -31.62 17.35 11.95
C LEU A 725 -31.08 17.68 13.34
N SER A 726 -32.00 17.96 14.25
CA SER A 726 -31.67 18.19 15.64
C SER A 726 -31.94 16.92 16.46
N GLU A 727 -31.57 16.98 17.73
CA GLU A 727 -31.70 15.82 18.60
C GLU A 727 -33.16 15.35 18.71
N SER A 728 -34.07 16.28 19.00
CA SER A 728 -35.46 15.92 19.23
C SER A 728 -36.09 15.35 17.97
N TRP A 729 -35.85 15.99 16.82
CA TRP A 729 -36.42 15.48 15.57
C TRP A 729 -35.85 14.12 15.22
N TYR A 730 -34.55 13.92 15.45
CA TYR A 730 -33.95 12.62 15.19
C TYR A 730 -34.59 11.54 16.06
N ASN A 731 -34.79 11.81 17.35
CA ASN A 731 -35.41 10.83 18.23
C ASN A 731 -36.83 10.51 17.78
N LEU A 732 -37.61 11.55 17.44
CA LEU A 732 -38.99 11.34 17.02
C LEU A 732 -39.04 10.51 15.74
N LEU A 733 -38.18 10.82 14.78
CA LEU A 733 -38.19 10.09 13.51
C LEU A 733 -37.70 8.67 13.68
N LEU A 734 -36.73 8.44 14.57
CA LEU A 734 -36.28 7.09 14.83
C LEU A 734 -37.40 6.24 15.44
N ASP A 735 -38.12 6.80 16.41
CA ASP A 735 -39.23 6.07 17.00
C ASP A 735 -40.32 5.79 15.96
N MET A 736 -40.62 6.78 15.12
CA MET A 736 -41.64 6.58 14.10
C MET A 736 -41.21 5.54 13.08
N GLN A 737 -39.93 5.53 12.73
CA GLN A 737 -39.39 4.52 11.82
C GLN A 737 -39.53 3.12 12.41
N ASN A 738 -39.19 2.96 13.69
CA ASN A 738 -39.34 1.65 14.33
C ASN A 738 -40.80 1.22 14.35
N ARG A 739 -41.72 2.13 14.65
CA ARG A 739 -43.13 1.76 14.63
C ARG A 739 -43.63 1.42 13.23
N LEU A 740 -43.15 2.15 12.22
CA LEU A 740 -43.61 1.90 10.86
C LEU A 740 -43.11 0.55 10.36
N ASN A 741 -41.93 0.12 10.80
CA ASN A 741 -41.43 -1.18 10.35
C ASN A 741 -42.36 -2.31 10.78
N LYS A 742 -43.11 -2.12 11.88
CA LYS A 742 -44.01 -3.15 12.37
C LYS A 742 -45.34 -3.21 11.62
N VAL A 743 -45.68 -2.19 10.83
CA VAL A 743 -46.98 -2.14 10.19
C VAL A 743 -46.89 -2.19 8.67
N ILE A 744 -45.77 -1.82 8.07
CA ILE A 744 -45.63 -1.82 6.62
C ILE A 744 -45.15 -3.20 6.18
N LYS A 745 -45.85 -3.76 5.19
CA LYS A 745 -45.50 -5.08 4.67
C LYS A 745 -44.50 -4.92 3.54
N SER A 746 -43.37 -5.61 3.65
CA SER A 746 -42.32 -5.55 2.66
C SER A 746 -42.54 -6.64 1.62
N VAL A 747 -41.99 -6.40 0.43
CA VAL A 747 -42.07 -7.38 -0.65
C VAL A 747 -40.93 -8.36 -0.47
N GLY A 748 -41.26 -9.62 -0.24
CA GLY A 748 -40.29 -10.60 0.15
C GLY A 748 -40.06 -10.72 1.64
N LYS A 749 -40.76 -9.92 2.45
CA LYS A 749 -40.65 -9.97 3.91
C LYS A 749 -39.21 -9.75 4.38
N ILE A 750 -38.52 -8.82 3.73
CA ILE A 750 -37.19 -8.39 4.17
C ILE A 750 -37.35 -7.34 5.27
N GLU A 751 -36.49 -7.39 6.27
CA GLU A 751 -36.54 -6.44 7.37
C GLU A 751 -35.75 -5.19 7.01
N HIS A 752 -36.34 -4.03 7.32
CA HIS A 752 -35.71 -2.76 6.98
C HIS A 752 -34.38 -2.57 7.71
N SER A 753 -34.31 -3.02 8.96
CA SER A 753 -33.09 -2.88 9.74
C SER A 753 -31.94 -3.64 9.10
N PHE A 754 -32.21 -4.85 8.60
CA PHE A 754 -31.17 -5.63 7.92
C PHE A 754 -30.77 -4.97 6.61
N TRP A 755 -31.74 -4.40 5.89
CA TRP A 755 -31.46 -3.78 4.61
C TRP A 755 -30.59 -2.54 4.77
N ARG A 756 -30.83 -1.75 5.82
CA ARG A 756 -30.10 -0.50 6.00
C ARG A 756 -28.81 -0.65 6.80
N SER A 757 -28.43 -1.88 7.15
CA SER A 757 -27.22 -2.08 7.94
C SER A 757 -25.96 -1.85 7.12
N PHE A 758 -24.99 -1.16 7.72
CA PHE A 758 -23.70 -0.94 7.09
C PHE A 758 -23.07 -2.29 6.73
N HIS A 759 -22.65 -2.42 5.47
CA HIS A 759 -22.20 -3.70 4.94
C HIS A 759 -20.80 -3.59 4.38
N THR A 760 -19.91 -4.48 4.85
CA THR A 760 -18.59 -4.72 4.29
C THR A 760 -18.33 -6.21 4.37
N GLU A 761 -17.42 -6.69 3.53
CA GLU A 761 -17.11 -8.11 3.53
C GLU A 761 -16.55 -8.57 4.87
N ARG A 762 -15.94 -7.66 5.64
CA ARG A 762 -15.36 -8.01 6.92
C ARG A 762 -16.19 -7.55 8.11
N LYS A 763 -17.21 -6.73 7.91
CA LYS A 763 -17.97 -6.19 9.03
C LYS A 763 -19.40 -5.94 8.62
N THR A 764 -20.32 -6.18 9.55
CA THR A 764 -21.71 -5.78 9.41
C THR A 764 -22.15 -5.10 10.70
N GLU A 765 -22.89 -4.00 10.56
CA GLU A 765 -23.20 -3.16 11.71
C GLU A 765 -24.53 -2.44 11.49
N PRO A 766 -25.35 -2.28 12.53
CA PRO A 766 -26.59 -1.53 12.37
C PRO A 766 -26.34 -0.06 12.06
N ALA A 767 -27.31 0.56 11.39
CA ALA A 767 -27.19 1.94 10.97
C ALA A 767 -27.41 2.89 12.15
N THR A 768 -26.60 3.93 12.22
CA THR A 768 -26.69 4.94 13.26
C THR A 768 -26.64 6.32 12.64
N GLY A 769 -27.38 7.26 13.23
CA GLY A 769 -27.29 8.65 12.86
C GLY A 769 -27.94 9.03 11.55
N PHE A 770 -28.67 8.12 10.92
CA PHE A 770 -29.31 8.39 9.63
C PHE A 770 -30.79 8.03 9.71
N ILE A 771 -31.62 8.90 9.15
CA ILE A 771 -33.06 8.69 9.05
C ILE A 771 -33.40 8.42 7.58
N ASP A 772 -34.13 7.34 7.34
CA ASP A 772 -34.52 6.96 5.98
C ASP A 772 -35.80 7.70 5.61
N GLY A 773 -35.67 8.68 4.74
CA GLY A 773 -36.80 9.54 4.41
C GLY A 773 -37.84 8.85 3.54
N ASP A 774 -37.44 7.85 2.76
CA ASP A 774 -38.42 7.13 1.94
C ASP A 774 -39.43 6.40 2.82
N LEU A 775 -38.95 5.73 3.87
CA LEU A 775 -39.85 5.05 4.80
C LEU A 775 -40.73 6.05 5.54
N ILE A 776 -40.17 7.20 5.93
CA ILE A 776 -40.95 8.20 6.63
C ILE A 776 -42.06 8.74 5.73
N GLU A 777 -41.74 9.01 4.47
CA GLU A 777 -42.75 9.54 3.55
C GLU A 777 -43.74 8.47 3.11
N SER A 778 -43.40 7.19 3.31
CA SER A 778 -44.40 6.14 3.10
C SER A 778 -45.55 6.21 4.10
N PHE A 779 -45.41 7.01 5.17
CA PHE A 779 -46.47 7.13 6.16
C PHE A 779 -47.74 7.72 5.57
N LEU A 780 -47.61 8.62 4.58
CA LEU A 780 -48.78 9.25 3.99
C LEU A 780 -49.57 8.29 3.11
N ASP A 781 -48.97 7.18 2.68
CA ASP A 781 -49.61 6.25 1.77
C ASP A 781 -50.45 5.18 2.46
N ILE A 782 -50.32 5.03 3.77
CA ILE A 782 -51.02 3.96 4.47
C ILE A 782 -52.44 4.41 4.81
N SER A 783 -53.29 3.43 5.14
CA SER A 783 -54.67 3.71 5.49
C SER A 783 -54.76 4.37 6.86
N ARG A 784 -55.88 5.03 7.11
CA ARG A 784 -56.09 5.74 8.37
C ARG A 784 -56.03 4.82 9.59
N PRO A 785 -56.69 3.65 9.62
CA PRO A 785 -56.54 2.78 10.80
C PRO A 785 -55.10 2.39 11.09
N LYS A 786 -54.31 2.15 10.05
CA LYS A 786 -52.90 1.86 10.26
C LYS A 786 -52.16 3.08 10.82
N MET A 787 -52.54 4.27 10.39
CA MET A 787 -51.99 5.49 10.99
C MET A 787 -52.33 5.56 12.47
N GLN A 788 -53.56 5.23 12.84
CA GLN A 788 -53.95 5.22 14.24
C GLN A 788 -53.10 4.23 15.03
N GLU A 789 -52.87 3.05 14.46
CA GLU A 789 -52.04 2.06 15.15
C GLU A 789 -50.61 2.57 15.31
N VAL A 790 -50.07 3.25 14.30
CA VAL A 790 -48.71 3.76 14.39
C VAL A 790 -48.59 4.85 15.45
N VAL A 791 -49.54 5.79 15.46
CA VAL A 791 -49.43 6.98 16.31
C VAL A 791 -49.89 6.75 17.73
N ALA A 792 -50.31 5.54 18.08
CA ALA A 792 -50.76 5.25 19.43
C ALA A 792 -49.62 5.33 20.43
N ASN A 793 -49.88 5.98 21.58
CA ASN A 793 -48.95 6.05 22.70
C ASN A 793 -47.67 6.84 22.39
N LEU A 794 -47.69 7.71 21.37
CA LEU A 794 -46.51 8.49 21.02
C LEU A 794 -46.59 9.86 21.68
N GLN A 795 -45.57 10.19 22.48
CA GLN A 795 -45.54 11.46 23.19
C GLN A 795 -44.95 12.49 22.24
N TYR A 796 -45.69 13.56 21.98
CA TYR A 796 -45.29 14.58 21.02
C TYR A 796 -44.78 15.80 21.75
N ASP A 797 -43.51 16.13 21.56
CA ASP A 797 -42.94 17.34 22.16
C ASP A 797 -43.23 18.51 21.21
N ASP A 798 -44.47 18.98 21.28
CA ASP A 798 -44.92 20.06 20.43
C ASP A 798 -44.23 21.36 20.81
N GLY A 799 -44.37 22.37 19.95
CA GLY A 799 -43.76 23.67 20.22
C GLY A 799 -44.31 24.36 21.44
N SER A 800 -45.47 23.91 21.95
CA SER A 800 -46.01 24.49 23.17
C SER A 800 -45.08 24.25 24.36
N GLY A 801 -44.50 23.06 24.45
CA GLY A 801 -43.55 22.77 25.50
C GLY A 801 -43.82 21.48 26.25
N MET A 802 -45.09 21.17 26.49
CA MET A 802 -45.48 19.98 27.22
C MET A 802 -45.80 18.85 26.25
N LYS A 803 -45.34 17.65 26.59
CA LYS A 803 -45.60 16.49 25.75
C LYS A 803 -47.03 16.01 25.92
N ARG A 804 -47.65 15.61 24.81
CA ARG A 804 -49.02 15.13 24.83
C ARG A 804 -49.16 14.00 23.82
N GLU A 805 -50.21 13.20 24.00
CA GLU A 805 -50.46 12.06 23.12
C GLU A 805 -50.63 12.53 21.68
N ALA A 806 -49.68 12.15 20.83
CA ALA A 806 -49.70 12.56 19.43
C ALA A 806 -50.90 11.96 18.70
N THR A 807 -51.48 12.74 17.80
CA THR A 807 -52.53 12.27 16.90
C THR A 807 -51.94 12.15 15.50
N ALA A 808 -52.67 11.44 14.64
CA ALA A 808 -52.20 11.24 13.27
C ALA A 808 -52.02 12.55 12.54
N ASP A 809 -52.83 13.56 12.86
CA ASP A 809 -52.79 14.83 12.14
C ASP A 809 -51.45 15.54 12.32
N ASP A 810 -50.92 15.53 13.55
CA ASP A 810 -49.65 16.20 13.79
C ASP A 810 -48.51 15.54 13.03
N LEU A 811 -48.48 14.20 13.02
CA LEU A 811 -47.46 13.51 12.25
C LEU A 811 -47.64 13.71 10.76
N ILE A 812 -48.89 13.82 10.29
CA ILE A 812 -49.13 14.13 8.89
C ILE A 812 -48.52 15.49 8.55
N LYS A 813 -48.73 16.48 9.42
CA LYS A 813 -48.15 17.81 9.20
C LYS A 813 -46.63 17.74 9.17
N VAL A 814 -46.04 17.00 10.11
CA VAL A 814 -44.58 16.86 10.16
C VAL A 814 -44.05 16.24 8.87
N VAL A 815 -44.71 15.18 8.42
CA VAL A 815 -44.22 14.45 7.24
C VAL A 815 -44.38 15.31 5.99
N GLU A 816 -45.47 16.06 5.89
CA GLU A 816 -45.64 16.94 4.73
C GLU A 816 -44.59 18.05 4.73
N GLU A 817 -44.29 18.62 5.90
CA GLU A 817 -43.20 19.59 5.98
C GLU A 817 -41.88 18.96 5.56
N LEU A 818 -41.67 17.70 5.91
CA LEU A 818 -40.44 17.00 5.47
C LEU A 818 -40.43 16.80 3.97
N THR A 819 -41.56 16.43 3.37
CA THR A 819 -41.61 16.23 1.93
C THR A 819 -41.40 17.52 1.16
N ARG A 820 -41.70 18.67 1.79
CA ARG A 820 -41.54 19.94 1.10
C ARG A 820 -40.08 20.28 0.76
N ILE A 821 -39.10 19.56 1.32
CA ILE A 821 -37.70 19.88 1.02
C ILE A 821 -37.24 19.36 -0.33
N HIS A 822 -38.10 18.65 -1.07
CA HIS A 822 -37.76 18.21 -2.42
C HIS A 822 -39.04 18.14 -3.24
N TRP A 823 -38.87 17.96 -4.55
CA TRP A 823 -40.00 17.91 -5.47
C TRP A 823 -40.87 16.69 -5.19
N SER A 824 -41.98 16.60 -5.91
CA SER A 824 -42.95 15.53 -5.76
C SER A 824 -42.94 14.64 -7.00
N HIS A 825 -42.88 13.33 -6.79
CA HIS A 825 -42.86 12.40 -7.91
C HIS A 825 -44.23 12.34 -8.58
N PRO A 826 -44.26 12.16 -9.89
CA PRO A 826 -45.54 12.00 -10.60
C PRO A 826 -46.04 10.57 -10.51
N GLN A 827 -47.30 10.40 -10.91
CA GLN A 827 -47.91 9.07 -10.92
C GLN A 827 -47.29 8.20 -12.00
N PHE A 828 -47.06 6.93 -11.66
CA PHE A 828 -46.42 6.00 -12.58
C PHE A 828 -47.45 5.21 -13.39
N GLU A 829 -48.31 4.46 -12.70
CA GLU A 829 -49.30 3.64 -13.38
C GLU A 829 -50.48 4.49 -13.86
N LYS A 830 -51.22 3.95 -14.82
CA LYS A 830 -52.37 4.66 -15.38
C LYS A 830 -53.60 4.51 -14.49
N ILE B 1 27.35 -15.29 -6.61
CA ILE B 1 26.48 -16.27 -5.97
C ILE B 1 26.57 -17.50 -6.87
N ILE B 2 27.80 -17.89 -7.19
CA ILE B 2 28.06 -19.00 -8.10
C ILE B 2 28.87 -20.06 -7.36
N ASN B 3 28.40 -21.31 -7.44
CA ASN B 3 28.93 -22.45 -6.70
C ASN B 3 28.74 -22.32 -5.20
N PHE B 4 27.88 -21.41 -4.74
CA PHE B 4 27.55 -21.24 -3.34
C PHE B 4 26.08 -21.53 -3.12
N ASP B 5 25.77 -22.25 -2.04
CA ASP B 5 24.41 -22.66 -1.74
C ASP B 5 23.73 -21.57 -0.92
N THR B 6 22.59 -21.08 -1.43
CA THR B 6 21.87 -20.01 -0.75
C THR B 6 20.99 -20.50 0.39
N SER B 7 20.73 -21.79 0.48
CA SER B 7 19.91 -22.33 1.57
C SER B 7 20.69 -22.52 2.85
N LEU B 8 22.02 -22.54 2.79
CA LEU B 8 22.82 -22.76 3.99
C LEU B 8 22.64 -21.68 5.05
N PRO B 9 22.67 -20.37 4.73
CA PRO B 9 22.52 -19.37 5.80
C PRO B 9 21.19 -19.43 6.52
N THR B 10 20.14 -19.99 5.91
CA THR B 10 18.83 -19.98 6.53
C THR B 10 18.73 -20.97 7.68
N SER B 11 19.43 -22.10 7.60
CA SER B 11 19.32 -23.11 8.65
C SER B 11 20.05 -22.72 9.93
N HIS B 12 20.87 -21.68 9.91
CA HIS B 12 21.62 -21.22 11.08
C HIS B 12 22.42 -22.37 11.70
N THR B 13 23.24 -23.02 10.88
CA THR B 13 23.94 -24.22 11.31
C THR B 13 25.00 -23.95 12.37
N TYR B 14 25.35 -22.69 12.61
CA TYR B 14 26.32 -22.37 13.66
C TYR B 14 25.79 -22.60 15.06
N LEU B 15 24.48 -22.83 15.21
CA LEU B 15 23.89 -23.09 16.52
C LEU B 15 23.76 -24.57 16.82
N GLY B 16 23.76 -25.42 15.80
CA GLY B 16 23.58 -26.84 16.01
C GLY B 16 22.49 -27.40 15.13
N ALA B 17 22.82 -28.42 14.34
CA ALA B 17 21.89 -29.00 13.37
C ALA B 17 21.03 -30.10 13.99
N ASP B 18 20.94 -30.16 15.31
CA ASP B 18 20.15 -31.17 15.99
C ASP B 18 19.13 -30.52 16.92
N MET B 19 18.43 -29.53 16.39
CA MET B 19 17.38 -28.87 17.16
C MET B 19 16.18 -29.80 17.29
N GLU B 20 15.30 -29.46 18.22
CA GLU B 20 14.02 -30.14 18.33
C GLU B 20 13.00 -29.32 17.56
N GLU B 21 12.34 -29.94 16.59
CA GLU B 21 11.52 -29.19 15.65
C GLU B 21 10.06 -29.36 16.05
N PHE B 22 9.32 -28.27 16.07
CA PHE B 22 7.92 -28.30 16.45
C PHE B 22 7.05 -27.89 15.28
N HIS B 23 6.10 -28.75 14.92
CA HIS B 23 5.12 -28.49 13.87
C HIS B 23 3.75 -28.20 14.46
N GLY B 24 3.15 -27.11 14.05
CA GLY B 24 1.85 -26.67 14.53
C GLY B 24 1.78 -25.15 14.57
N ARG B 25 0.55 -24.65 14.55
CA ARG B 25 0.26 -23.23 14.57
C ARG B 25 -0.66 -22.87 15.72
N THR B 26 -0.69 -21.58 16.05
CA THR B 26 -1.60 -21.02 17.05
C THR B 26 -1.87 -19.57 16.66
N LEU B 27 -3.03 -19.33 16.05
CA LEU B 27 -3.41 -17.99 15.61
C LEU B 27 -4.51 -17.48 16.52
N HIS B 28 -4.26 -16.33 17.13
CA HIS B 28 -5.24 -15.66 17.97
C HIS B 28 -6.28 -14.93 17.12
N ASP B 29 -7.52 -14.91 17.59
CA ASP B 29 -8.59 -14.29 16.84
C ASP B 29 -8.47 -12.77 16.85
N ASP B 30 -9.01 -12.14 15.82
CA ASP B 30 -8.84 -10.71 15.61
C ASP B 30 -9.55 -9.89 16.68
N ASP B 31 -8.88 -8.84 17.14
CA ASP B 31 -9.43 -7.92 18.14
C ASP B 31 -9.83 -8.63 19.43
N SER B 32 -8.83 -9.19 20.10
CA SER B 32 -9.03 -9.82 21.40
C SER B 32 -7.91 -9.42 22.34
N CYS B 33 -8.22 -9.44 23.64
CA CYS B 33 -7.25 -9.06 24.66
C CYS B 33 -6.59 -10.31 25.22
N GLN B 34 -5.27 -10.40 25.09
CA GLN B 34 -4.50 -11.54 25.56
C GLN B 34 -3.22 -11.06 26.26
N VAL B 35 -2.73 -11.90 27.18
CA VAL B 35 -1.54 -11.61 27.95
C VAL B 35 -0.40 -12.46 27.41
N ILE B 36 0.71 -11.82 27.07
CA ILE B 36 1.83 -12.49 26.42
C ILE B 36 3.14 -12.06 27.09
N PRO B 37 4.04 -12.99 27.39
CA PRO B 37 5.33 -12.60 27.99
C PRO B 37 6.27 -11.94 26.99
N VAL B 38 7.16 -11.11 27.52
CA VAL B 38 8.12 -10.34 26.73
C VAL B 38 9.52 -10.71 27.16
N LEU B 39 10.38 -11.02 26.19
CA LEU B 39 11.79 -11.30 26.49
C LEU B 39 12.52 -9.99 26.76
N PRO B 40 13.23 -9.87 27.88
CA PRO B 40 13.72 -8.55 28.31
C PRO B 40 14.91 -8.02 27.52
N GLN B 41 15.59 -8.86 26.74
CA GLN B 41 16.83 -8.43 26.09
C GLN B 41 16.65 -8.05 24.62
N VAL B 42 15.59 -8.51 23.96
CA VAL B 42 15.47 -8.34 22.52
C VAL B 42 15.15 -6.89 22.20
N MET B 43 15.94 -6.29 21.32
CA MET B 43 15.70 -4.93 20.87
C MET B 43 15.54 -4.88 19.36
N MET B 44 14.73 -5.76 18.80
CA MET B 44 14.56 -5.89 17.37
C MET B 44 13.11 -5.69 16.97
N ILE B 45 12.90 -5.09 15.81
CA ILE B 45 11.58 -4.92 15.24
C ILE B 45 11.32 -6.11 14.33
N LEU B 46 10.40 -6.98 14.74
CA LEU B 46 10.14 -8.22 14.02
C LEU B 46 9.00 -8.02 13.04
N ILE B 47 9.22 -8.38 11.78
CA ILE B 47 8.18 -8.35 10.77
C ILE B 47 7.62 -9.77 10.68
N PRO B 48 6.31 -9.93 10.50
CA PRO B 48 5.77 -11.30 10.36
C PRO B 48 6.43 -12.05 9.21
N GLY B 49 6.70 -13.33 9.45
CA GLY B 49 7.40 -14.16 8.50
C GLY B 49 8.90 -14.17 8.65
N GLN B 50 9.45 -13.30 9.50
CA GLN B 50 10.89 -13.19 9.68
C GLN B 50 11.37 -14.16 10.76
N THR B 51 12.58 -14.67 10.56
CA THR B 51 13.17 -15.66 11.45
C THR B 51 14.11 -14.98 12.44
N LEU B 52 14.00 -15.34 13.71
CA LEU B 52 14.79 -14.73 14.78
C LEU B 52 15.56 -15.81 15.53
N PRO B 53 16.89 -15.81 15.48
CA PRO B 53 17.66 -16.72 16.33
C PRO B 53 18.02 -16.09 17.66
N LEU B 54 18.04 -16.93 18.71
CA LEU B 54 18.27 -16.45 20.06
C LEU B 54 19.14 -17.42 20.84
N GLN B 55 20.05 -16.87 21.65
CA GLN B 55 20.78 -17.62 22.67
C GLN B 55 20.55 -16.92 23.99
N LEU B 56 20.00 -17.63 24.97
CA LEU B 56 19.56 -17.06 26.22
C LEU B 56 20.42 -17.58 27.38
N PHE B 57 20.90 -16.67 28.20
CA PHE B 57 21.86 -16.97 29.27
C PHE B 57 21.29 -16.86 30.67
N HIS B 58 20.44 -15.86 30.92
CA HIS B 58 19.95 -15.61 32.27
C HIS B 58 18.91 -16.66 32.69
N PRO B 59 18.90 -17.06 33.95
CA PRO B 59 18.00 -18.15 34.37
C PRO B 59 16.52 -17.83 34.20
N GLN B 60 16.11 -16.57 34.37
CA GLN B 60 14.70 -16.23 34.24
C GLN B 60 14.21 -16.44 32.82
N GLU B 61 15.03 -16.09 31.82
CA GLU B 61 14.63 -16.34 30.44
C GLU B 61 14.55 -17.83 30.14
N VAL B 62 15.45 -18.62 30.73
CA VAL B 62 15.39 -20.07 30.55
C VAL B 62 14.10 -20.63 31.14
N SER B 63 13.73 -20.18 32.33
CA SER B 63 12.48 -20.63 32.94
C SER B 63 11.28 -20.21 32.10
N MET B 64 11.30 -18.97 31.59
CA MET B 64 10.20 -18.50 30.76
C MET B 64 10.06 -19.33 29.50
N VAL B 65 11.17 -19.65 28.85
CA VAL B 65 11.11 -20.43 27.61
C VAL B 65 10.65 -21.85 27.91
N ARG B 66 11.13 -22.44 29.01
CA ARG B 66 10.68 -23.78 29.37
C ARG B 66 9.19 -23.81 29.64
N ASN B 67 8.66 -22.78 30.30
CA ASN B 67 7.21 -22.67 30.49
C ASN B 67 6.49 -22.47 29.16
N LEU B 68 7.08 -21.68 28.26
CA LEU B 68 6.43 -21.37 27.00
C LEU B 68 6.33 -22.58 26.09
N ILE B 69 7.30 -23.50 26.17
CA ILE B 69 7.29 -24.65 25.28
C ILE B 69 6.03 -25.48 25.50
N GLN B 70 5.59 -25.59 26.75
CA GLN B 70 4.41 -26.40 27.03
C GLN B 70 3.10 -25.66 26.79
N LYS B 71 3.11 -24.35 26.51
CA LYS B 71 1.88 -23.57 26.38
C LYS B 71 1.99 -22.51 25.28
N ASP B 72 1.47 -22.83 24.10
CA ASP B 72 1.16 -21.94 22.97
C ASP B 72 2.35 -21.16 22.40
N ARG B 73 3.53 -21.39 22.97
CA ARG B 73 4.81 -20.96 22.40
C ARG B 73 4.86 -19.57 21.78
N THR B 74 4.25 -18.58 22.43
CA THR B 74 4.16 -17.23 21.89
C THR B 74 4.73 -16.24 22.89
N PHE B 75 5.63 -15.37 22.41
CA PHE B 75 6.14 -14.26 23.20
C PHE B 75 6.10 -13.00 22.33
N ALA B 76 6.22 -11.85 22.98
CA ALA B 76 5.99 -10.56 22.35
C ALA B 76 7.29 -9.83 22.12
N VAL B 77 7.49 -9.37 20.90
CA VAL B 77 8.65 -8.56 20.53
C VAL B 77 8.14 -7.14 20.35
N LEU B 78 8.55 -6.26 21.24
CA LEU B 78 8.05 -4.88 21.25
C LEU B 78 8.95 -4.01 20.40
N ALA B 79 8.35 -3.26 19.48
CA ALA B 79 9.09 -2.34 18.62
C ALA B 79 9.21 -1.03 19.40
N TYR B 80 10.35 -0.83 20.05
CA TYR B 80 10.53 0.30 20.94
C TYR B 80 10.72 1.57 20.15
N SER B 81 9.96 2.61 20.52
CA SER B 81 10.21 3.94 19.96
C SER B 81 11.59 4.43 20.34
N ASN B 82 11.93 4.32 21.62
CA ASN B 82 13.31 4.47 22.08
C ASN B 82 13.53 3.48 23.22
N VAL B 83 14.66 2.78 23.16
CA VAL B 83 14.96 1.68 24.07
C VAL B 83 15.31 2.24 25.45
N GLN B 84 15.38 3.56 25.58
CA GLN B 84 15.89 4.16 26.82
C GLN B 84 14.98 3.84 27.99
N GLU B 85 13.68 4.08 27.86
CA GLU B 85 12.74 3.83 28.94
C GLU B 85 11.88 2.61 28.68
N ARG B 86 12.21 1.81 27.66
CA ARG B 86 11.53 0.55 27.38
C ARG B 86 10.03 0.74 27.23
N GLU B 87 9.65 1.73 26.43
CA GLU B 87 8.27 2.00 26.12
C GLU B 87 8.03 1.79 24.62
N ALA B 88 6.86 1.25 24.30
CA ALA B 88 6.53 0.95 22.92
C ALA B 88 5.01 0.90 22.80
N GLN B 89 4.52 1.14 21.59
CA GLN B 89 3.09 1.13 21.34
C GLN B 89 2.61 -0.08 20.55
N PHE B 90 3.43 -0.59 19.62
CA PHE B 90 3.06 -1.75 18.81
C PHE B 90 4.12 -2.84 18.94
N GLY B 91 3.82 -3.99 18.37
CA GLY B 91 4.74 -5.11 18.42
C GLY B 91 4.22 -6.27 17.62
N THR B 92 4.90 -7.42 17.77
CA THR B 92 4.59 -8.62 17.02
C THR B 92 4.70 -9.84 17.92
N THR B 93 3.98 -10.89 17.54
CA THR B 93 3.96 -12.15 18.26
C THR B 93 4.88 -13.14 17.54
N ALA B 94 5.79 -13.74 18.28
CA ALA B 94 6.76 -14.67 17.73
C ALA B 94 6.51 -16.06 18.28
N GLU B 95 6.65 -17.06 17.44
CA GLU B 95 6.37 -18.46 17.78
C GLU B 95 7.63 -19.30 17.60
N ILE B 96 7.86 -20.20 18.54
CA ILE B 96 9.08 -21.01 18.57
C ILE B 96 8.86 -22.27 17.76
N TYR B 97 9.79 -22.55 16.85
CA TYR B 97 9.78 -23.80 16.09
C TYR B 97 11.06 -24.59 16.20
N ALA B 98 12.04 -24.12 16.99
CA ALA B 98 13.28 -24.87 17.19
C ALA B 98 13.82 -24.52 18.57
N TYR B 99 14.35 -25.53 19.26
CA TYR B 99 14.69 -25.37 20.66
C TYR B 99 15.66 -26.47 21.08
N ARG B 100 16.76 -26.08 21.72
CA ARG B 100 17.68 -27.02 22.33
C ARG B 100 18.35 -26.36 23.51
N GLU B 101 18.81 -27.18 24.45
CA GLU B 101 19.41 -26.69 25.67
C GLU B 101 20.72 -27.40 25.95
N GLU B 102 21.72 -26.65 26.40
CA GLU B 102 23.04 -27.17 26.67
C GLU B 102 23.49 -26.75 28.07
N GLN B 103 24.20 -27.65 28.75
CA GLN B 103 24.73 -27.40 30.08
C GLN B 103 26.22 -27.10 30.05
N ASP B 104 26.71 -26.48 28.98
CA ASP B 104 28.14 -26.22 28.85
C ASP B 104 28.61 -25.17 29.86
N PHE B 105 29.86 -25.30 30.27
CA PHE B 105 30.55 -24.32 31.11
C PHE B 105 29.87 -24.15 32.47
N GLY B 106 29.17 -25.18 32.94
CA GLY B 106 28.52 -25.11 34.23
C GLY B 106 27.29 -24.24 34.30
N ILE B 107 26.87 -23.63 33.19
CA ILE B 107 25.68 -22.81 33.15
C ILE B 107 24.71 -23.40 32.14
N GLU B 108 23.53 -22.81 32.02
CA GLU B 108 22.47 -23.32 31.17
C GLU B 108 22.22 -22.35 30.01
N ILE B 109 22.24 -22.87 28.80
CA ILE B 109 22.01 -22.08 27.59
C ILE B 109 20.83 -22.68 26.85
N VAL B 110 19.94 -21.82 26.36
CA VAL B 110 18.81 -22.23 25.54
C VAL B 110 18.90 -21.54 24.20
N LYS B 111 18.82 -22.32 23.12
CA LYS B 111 18.90 -21.81 21.76
C LYS B 111 17.54 -21.97 21.09
N VAL B 112 17.02 -20.86 20.56
CA VAL B 112 15.66 -20.80 20.04
C VAL B 112 15.68 -20.16 18.66
N LYS B 113 14.91 -20.73 17.73
CA LYS B 113 14.60 -20.10 16.46
C LYS B 113 13.10 -19.84 16.41
N ALA B 114 12.71 -18.62 16.06
CA ALA B 114 11.32 -18.18 16.15
C ALA B 114 10.92 -17.45 14.88
N ILE B 115 9.61 -17.42 14.62
CA ILE B 115 9.05 -16.80 13.43
C ILE B 115 7.92 -15.87 13.85
N GLY B 116 7.83 -14.71 13.20
CA GLY B 116 6.80 -13.72 13.54
C GLY B 116 5.48 -14.04 12.88
N ARG B 117 4.39 -13.87 13.65
CA ARG B 117 3.06 -14.24 13.20
C ARG B 117 2.10 -13.07 13.10
N GLN B 118 1.88 -12.31 14.17
CA GLN B 118 0.78 -11.35 14.22
C GLN B 118 1.23 -10.02 14.79
N ARG B 119 0.66 -8.94 14.28
CA ARG B 119 0.87 -7.60 14.81
C ARG B 119 -0.13 -7.31 15.91
N PHE B 120 0.29 -6.50 16.88
CA PHE B 120 -0.62 -6.14 17.97
C PHE B 120 -0.39 -4.70 18.42
N LYS B 121 -1.28 -4.25 19.30
CA LYS B 121 -1.19 -2.94 19.94
C LYS B 121 -1.09 -3.15 21.45
N VAL B 122 -0.20 -2.39 22.09
CA VAL B 122 0.09 -2.55 23.51
C VAL B 122 -0.86 -1.69 24.32
N LEU B 123 -1.66 -2.33 25.18
CA LEU B 123 -2.57 -1.62 26.06
C LEU B 123 -1.97 -1.32 27.42
N GLU B 124 -1.26 -2.28 28.00
CA GLU B 124 -0.73 -2.13 29.35
C GLU B 124 0.47 -3.02 29.53
N LEU B 125 1.49 -2.52 30.23
CA LEU B 125 2.70 -3.27 30.53
C LEU B 125 2.78 -3.49 32.04
N ARG B 126 2.86 -4.75 32.45
CA ARG B 126 2.97 -5.13 33.84
C ARG B 126 4.32 -5.80 34.07
N THR B 127 5.07 -5.28 35.03
CA THR B 127 6.35 -5.85 35.44
C THR B 127 6.14 -6.50 36.80
N GLN B 128 5.81 -7.78 36.81
CA GLN B 128 5.51 -8.47 38.06
C GLN B 128 6.79 -8.74 38.83
N SER B 129 6.63 -9.33 40.02
CA SER B 129 7.71 -9.36 41.00
C SER B 129 8.93 -10.12 40.50
N ASP B 130 8.73 -11.24 39.79
CA ASP B 130 9.86 -12.11 39.48
C ASP B 130 10.89 -11.43 38.57
N GLY B 131 10.46 -10.50 37.73
CA GLY B 131 11.40 -9.77 36.92
C GLY B 131 11.22 -9.93 35.42
N ILE B 132 10.01 -10.26 34.98
CA ILE B 132 9.69 -10.35 33.56
C ILE B 132 8.46 -9.51 33.29
N GLN B 133 8.23 -9.21 32.02
CA GLN B 133 7.18 -8.29 31.61
C GLN B 133 6.07 -9.04 30.89
N GLN B 134 4.85 -8.91 31.39
CA GLN B 134 3.66 -9.41 30.73
C GLN B 134 2.82 -8.22 30.27
N ALA B 135 2.35 -8.27 29.02
CA ALA B 135 1.66 -7.15 28.40
C ALA B 135 0.26 -7.56 28.00
N LYS B 136 -0.67 -6.61 28.13
CA LYS B 136 -2.02 -6.79 27.60
C LYS B 136 -2.00 -6.41 26.12
N VAL B 137 -2.53 -7.31 25.29
CA VAL B 137 -2.34 -7.27 23.86
C VAL B 137 -3.68 -7.34 23.12
N GLN B 138 -3.85 -6.47 22.13
CA GLN B 138 -4.99 -6.52 21.22
C GLN B 138 -4.50 -6.89 19.83
N ILE B 139 -5.06 -7.95 19.26
CA ILE B 139 -4.57 -8.49 18.00
C ILE B 139 -5.08 -7.64 16.84
N LEU B 140 -4.16 -7.06 16.07
CA LEU B 140 -4.56 -6.23 14.95
C LEU B 140 -4.96 -7.10 13.76
N PRO B 141 -6.02 -6.73 13.04
CA PRO B 141 -6.49 -7.55 11.92
C PRO B 141 -5.70 -7.28 10.65
N GLU B 142 -5.71 -8.28 9.76
CA GLU B 142 -5.15 -8.17 8.42
C GLU B 142 -6.27 -7.81 7.45
N CYS B 143 -6.14 -6.66 6.80
CA CYS B 143 -7.22 -6.11 5.98
C CYS B 143 -7.08 -6.61 4.55
N VAL B 144 -8.02 -7.44 4.12
CA VAL B 144 -8.09 -7.91 2.74
C VAL B 144 -9.23 -7.17 2.06
N LEU B 145 -8.91 -6.46 0.98
CA LEU B 145 -9.90 -5.65 0.29
C LEU B 145 -10.21 -6.23 -1.07
N PRO B 146 -11.47 -6.20 -1.50
CA PRO B 146 -11.81 -6.70 -2.84
C PRO B 146 -11.33 -5.77 -3.94
N SER B 147 -11.62 -6.13 -5.19
CA SER B 147 -11.26 -5.26 -6.31
C SER B 147 -12.05 -3.96 -6.24
N THR B 148 -11.43 -2.88 -6.74
CA THR B 148 -12.10 -1.59 -6.71
C THR B 148 -13.33 -1.58 -7.58
N MET B 149 -13.37 -2.43 -8.62
CA MET B 149 -14.51 -2.48 -9.51
C MET B 149 -15.69 -3.25 -8.94
N SER B 150 -15.53 -3.92 -7.80
CA SER B 150 -16.64 -4.68 -7.22
C SER B 150 -17.78 -3.80 -6.73
N ALA B 151 -17.67 -2.48 -6.87
CA ALA B 151 -18.74 -1.56 -6.53
C ALA B 151 -19.35 -0.87 -7.74
N VAL B 152 -18.79 -1.03 -8.93
CA VAL B 152 -19.26 -0.33 -10.12
C VAL B 152 -19.45 -1.29 -11.30
N GLN B 153 -18.92 -2.50 -11.18
CA GLN B 153 -18.88 -3.41 -12.32
C GLN B 153 -20.29 -3.84 -12.72
N LEU B 154 -20.54 -3.83 -14.03
CA LEU B 154 -21.75 -4.41 -14.58
C LEU B 154 -21.59 -5.93 -14.65
N GLU B 155 -22.71 -6.63 -14.44
CA GLU B 155 -22.67 -8.09 -14.34
C GLU B 155 -22.35 -8.76 -15.68
N SER B 156 -22.55 -8.06 -16.80
CA SER B 156 -22.30 -8.66 -18.11
C SER B 156 -20.81 -8.88 -18.34
N LEU B 157 -19.99 -7.87 -18.07
CA LEU B 157 -18.55 -8.02 -18.25
C LEU B 157 -17.92 -8.91 -17.20
N ASN B 158 -18.63 -9.16 -16.08
CA ASN B 158 -18.08 -9.99 -15.03
C ASN B 158 -17.74 -11.40 -15.52
N LYS B 159 -18.43 -11.87 -16.57
CA LYS B 159 -18.07 -13.14 -17.17
C LYS B 159 -16.67 -13.11 -17.76
N CYS B 160 -16.32 -12.03 -18.44
CA CYS B 160 -14.99 -11.88 -19.01
C CYS B 160 -14.02 -11.21 -18.03
N GLN B 161 -14.45 -10.96 -16.80
CA GLN B 161 -13.58 -10.36 -15.80
C GLN B 161 -12.38 -11.23 -15.47
N ILE B 162 -12.48 -12.55 -15.66
CA ILE B 162 -11.29 -13.39 -15.56
C ILE B 162 -10.58 -13.35 -16.90
N PHE B 163 -9.26 -13.47 -16.87
CA PHE B 163 -8.51 -13.41 -18.11
C PHE B 163 -7.63 -14.65 -18.25
N PRO B 164 -7.24 -15.01 -19.47
CA PRO B 164 -6.27 -16.10 -19.62
C PRO B 164 -4.97 -15.75 -18.92
N SER B 165 -4.32 -16.78 -18.38
CA SER B 165 -3.15 -16.58 -17.54
C SER B 165 -1.97 -16.02 -18.34
N LYS B 166 -0.92 -15.68 -17.62
CA LYS B 166 0.25 -15.06 -18.23
C LYS B 166 0.95 -16.05 -19.16
N PRO B 167 1.57 -15.57 -20.25
CA PRO B 167 2.31 -16.43 -21.18
C PRO B 167 3.47 -17.14 -20.50
N SER B 175 6.11 -8.51 -21.58
CA SER B 175 4.72 -8.62 -21.16
C SER B 175 4.10 -7.23 -21.01
N TYR B 176 4.74 -6.24 -21.62
CA TYR B 176 4.25 -4.87 -21.58
C TYR B 176 2.89 -4.75 -22.27
N LYS B 177 2.72 -5.44 -23.40
CA LYS B 177 1.41 -5.52 -24.04
C LYS B 177 0.41 -6.25 -23.16
N TRP B 178 0.86 -7.31 -22.48
CA TRP B 178 -0.04 -8.04 -21.60
C TRP B 178 -0.53 -7.17 -20.45
N TRP B 179 0.35 -6.33 -19.90
CA TRP B 179 -0.09 -5.44 -18.83
C TRP B 179 -0.98 -4.32 -19.35
N GLN B 180 -0.74 -3.87 -20.59
CA GLN B 180 -1.70 -2.95 -21.22
C GLN B 180 -3.09 -3.58 -21.32
N LYS B 181 -3.15 -4.83 -21.80
CA LYS B 181 -4.45 -5.51 -21.89
C LYS B 181 -5.06 -5.71 -20.51
N TYR B 182 -4.25 -6.06 -19.52
CA TYR B 182 -4.74 -6.25 -18.17
C TYR B 182 -5.37 -4.97 -17.62
N GLN B 183 -4.69 -3.83 -17.81
CA GLN B 183 -5.24 -2.57 -17.36
C GLN B 183 -6.51 -2.20 -18.12
N LYS B 184 -6.50 -2.38 -19.45
CA LYS B 184 -7.67 -1.98 -20.24
C LYS B 184 -8.90 -2.80 -19.89
N ARG B 185 -8.72 -4.11 -19.71
CA ARG B 185 -9.86 -4.98 -19.51
C ARG B 185 -10.30 -5.14 -18.06
N LYS B 186 -9.37 -5.06 -17.09
CA LYS B 186 -9.76 -5.24 -15.70
C LYS B 186 -10.48 -4.03 -15.15
N PHE B 187 -10.08 -2.83 -15.56
CA PHE B 187 -10.66 -1.58 -15.06
C PHE B 187 -11.44 -0.89 -16.17
N HIS B 188 -12.18 -1.70 -16.93
CA HIS B 188 -13.01 -1.18 -18.02
C HIS B 188 -14.08 -0.24 -17.49
N CYS B 189 -14.68 -0.57 -16.35
CA CYS B 189 -15.78 0.21 -15.80
C CYS B 189 -15.31 1.45 -15.06
N ALA B 190 -14.06 1.87 -15.28
CA ALA B 190 -13.57 3.10 -14.66
C ALA B 190 -14.23 4.34 -15.25
N ASN B 191 -14.79 4.24 -16.47
CA ASN B 191 -15.51 5.35 -17.07
C ASN B 191 -16.87 5.59 -16.43
N LEU B 192 -17.36 4.68 -15.60
CA LEU B 192 -18.57 4.92 -14.82
C LEU B 192 -18.29 5.75 -13.57
N THR B 193 -17.03 5.98 -13.25
CA THR B 193 -16.59 6.76 -12.09
C THR B 193 -15.87 8.02 -12.57
N SER B 194 -15.30 8.75 -11.62
CA SER B 194 -14.60 9.99 -11.91
C SER B 194 -13.11 9.83 -12.12
N TRP B 195 -12.58 8.61 -12.06
CA TRP B 195 -11.15 8.42 -12.14
C TRP B 195 -10.75 7.54 -13.31
N PRO B 196 -9.58 7.76 -13.89
CA PRO B 196 -9.12 6.95 -15.02
C PRO B 196 -8.57 5.60 -14.58
N ARG B 197 -8.12 4.83 -15.58
CA ARG B 197 -7.71 3.46 -15.33
C ARG B 197 -6.36 3.38 -14.63
N TRP B 198 -5.44 4.29 -14.96
CA TRP B 198 -4.10 4.22 -14.38
C TRP B 198 -4.12 4.53 -12.88
N LEU B 199 -5.03 5.40 -12.44
CA LEU B 199 -5.18 5.63 -11.01
C LEU B 199 -5.60 4.36 -10.28
N TYR B 200 -6.52 3.59 -10.88
CA TYR B 200 -6.91 2.32 -10.26
C TYR B 200 -5.79 1.30 -10.32
N SER B 201 -4.97 1.34 -11.38
CA SER B 201 -3.80 0.47 -11.43
C SER B 201 -2.80 0.82 -10.33
N LEU B 202 -2.73 2.09 -9.94
CA LEU B 202 -1.86 2.50 -8.85
C LEU B 202 -2.27 1.92 -7.50
N TYR B 203 -3.47 1.36 -7.39
CA TYR B 203 -3.94 0.74 -6.15
C TYR B 203 -4.25 -0.75 -6.33
N ASP B 204 -3.67 -1.38 -7.35
CA ASP B 204 -3.88 -2.80 -7.61
C ASP B 204 -2.67 -3.59 -7.10
N ALA B 205 -2.94 -4.61 -6.28
CA ALA B 205 -1.87 -5.35 -5.62
C ALA B 205 -0.97 -6.07 -6.62
N GLU B 206 -1.57 -6.70 -7.64
CA GLU B 206 -0.78 -7.45 -8.61
C GLU B 206 0.18 -6.54 -9.36
N THR B 207 -0.30 -5.37 -9.80
CA THR B 207 0.55 -4.45 -10.53
C THR B 207 1.69 -3.93 -9.66
N LEU B 208 1.39 -3.62 -8.39
CA LEU B 208 2.42 -3.15 -7.48
C LEU B 208 3.48 -4.23 -7.25
N MET B 209 3.04 -5.48 -7.09
CA MET B 209 3.99 -6.57 -6.94
C MET B 209 4.87 -6.71 -8.18
N ASP B 210 4.27 -6.59 -9.36
CA ASP B 210 5.05 -6.69 -10.59
C ASP B 210 6.09 -5.57 -10.68
N ARG B 211 5.71 -4.35 -10.31
CA ARG B 211 6.65 -3.24 -10.32
C ARG B 211 7.78 -3.45 -9.33
N ILE B 212 7.46 -3.96 -8.12
CA ILE B 212 8.50 -4.23 -7.13
C ILE B 212 9.46 -5.28 -7.65
N LYS B 213 8.93 -6.33 -8.27
CA LYS B 213 9.78 -7.40 -8.80
C LYS B 213 10.67 -6.88 -9.92
N LYS B 214 10.13 -6.03 -10.80
CA LYS B 214 10.95 -5.46 -11.87
C LYS B 214 12.08 -4.62 -11.31
N GLN B 215 11.78 -3.77 -10.32
CA GLN B 215 12.83 -2.97 -9.70
C GLN B 215 13.90 -3.83 -9.06
N LEU B 216 13.47 -4.84 -8.29
CA LEU B 216 14.42 -5.70 -7.59
C LEU B 216 15.29 -6.47 -8.58
N ARG B 217 14.69 -6.97 -9.66
CA ARG B 217 15.47 -7.70 -10.65
C ARG B 217 16.44 -6.78 -11.37
N GLU B 218 16.07 -5.53 -11.60
CA GLU B 218 17.01 -4.57 -12.16
C GLU B 218 18.19 -4.33 -11.24
N TRP B 219 17.93 -4.22 -9.93
CA TRP B 219 19.03 -4.01 -8.99
C TRP B 219 19.85 -5.28 -8.77
N ASP B 220 19.20 -6.43 -8.61
CA ASP B 220 19.85 -7.70 -8.33
C ASP B 220 19.41 -8.70 -9.39
N GLU B 221 20.31 -9.00 -10.35
CA GLU B 221 19.92 -9.81 -11.49
C GLU B 221 19.77 -11.28 -11.13
N ASN B 222 20.54 -11.77 -10.16
CA ASN B 222 20.48 -13.17 -9.77
C ASN B 222 19.16 -13.54 -9.06
N LEU B 223 18.20 -12.63 -8.97
CA LEU B 223 16.94 -12.90 -8.28
C LEU B 223 16.10 -13.85 -9.11
N LYS B 224 15.96 -15.09 -8.65
CA LYS B 224 15.13 -16.06 -9.34
C LYS B 224 13.66 -15.66 -9.27
N ASP B 225 12.91 -16.05 -10.30
CA ASP B 225 11.52 -15.59 -10.43
C ASP B 225 10.66 -16.09 -9.28
N ASP B 226 10.87 -17.33 -8.85
CA ASP B 226 10.00 -17.96 -7.85
C ASP B 226 10.51 -17.80 -6.43
N SER B 227 11.53 -16.96 -6.20
CA SER B 227 12.02 -16.74 -4.85
C SER B 227 11.08 -15.88 -4.03
N LEU B 228 10.20 -15.12 -4.67
CA LEU B 228 9.23 -14.27 -3.99
C LEU B 228 7.87 -14.94 -3.92
N PRO B 229 7.11 -14.69 -2.85
CA PRO B 229 5.79 -15.31 -2.72
C PRO B 229 4.79 -14.75 -3.72
N SER B 230 3.71 -15.51 -3.92
CA SER B 230 2.64 -15.13 -4.83
C SER B 230 1.48 -14.44 -4.14
N ASN B 231 1.49 -14.34 -2.82
CA ASN B 231 0.43 -13.67 -2.09
C ASN B 231 0.82 -12.23 -1.77
N PRO B 232 -0.08 -11.27 -1.93
CA PRO B 232 0.28 -9.87 -1.65
C PRO B 232 0.74 -9.64 -0.23
N ILE B 233 0.11 -10.29 0.75
CA ILE B 233 0.46 -10.08 2.15
C ILE B 233 1.86 -10.62 2.44
N ASP B 234 2.12 -11.86 2.00
CA ASP B 234 3.43 -12.46 2.22
C ASP B 234 4.51 -11.70 1.47
N PHE B 235 4.22 -11.27 0.23
CA PHE B 235 5.17 -10.50 -0.55
C PHE B 235 5.53 -9.20 0.17
N SER B 236 4.51 -8.49 0.67
CA SER B 236 4.77 -7.23 1.35
C SER B 236 5.58 -7.45 2.62
N TYR B 237 5.26 -8.51 3.38
CA TYR B 237 6.02 -8.77 4.60
C TYR B 237 7.47 -9.12 4.30
N ARG B 238 7.70 -9.94 3.28
CA ARG B 238 9.08 -10.29 2.91
C ARG B 238 9.86 -9.07 2.45
N VAL B 239 9.24 -8.23 1.62
CA VAL B 239 9.93 -7.03 1.14
C VAL B 239 10.24 -6.08 2.29
N ALA B 240 9.30 -5.92 3.22
CA ALA B 240 9.54 -5.06 4.38
C ALA B 240 10.67 -5.60 5.23
N ALA B 241 10.74 -6.93 5.40
CA ALA B 241 11.83 -7.52 6.16
C ALA B 241 13.18 -7.26 5.49
N CYS B 242 13.23 -7.33 4.16
CA CYS B 242 14.51 -7.24 3.47
C CYS B 242 14.98 -5.81 3.21
N LEU B 243 14.16 -4.80 3.49
CA LEU B 243 14.54 -3.43 3.18
C LEU B 243 15.47 -2.86 4.25
N PRO B 244 16.65 -2.35 3.88
CA PRO B 244 17.57 -1.74 4.85
C PRO B 244 17.21 -0.29 5.18
N ILE B 245 16.28 -0.13 6.14
CA ILE B 245 15.78 1.16 6.54
C ILE B 245 15.93 1.31 8.05
N ASP B 246 15.59 2.49 8.56
CA ASP B 246 15.75 2.80 9.98
C ASP B 246 14.50 2.42 10.78
N ASP B 247 14.61 2.61 12.10
CA ASP B 247 13.61 2.08 13.02
C ASP B 247 12.27 2.76 12.82
N VAL B 248 12.26 4.07 12.61
CA VAL B 248 10.99 4.79 12.51
C VAL B 248 10.24 4.36 11.26
N LEU B 249 10.96 4.11 10.16
CA LEU B 249 10.32 3.61 8.95
C LEU B 249 9.78 2.20 9.14
N ARG B 250 10.51 1.36 9.88
CA ARG B 250 10.01 0.02 10.17
C ARG B 250 8.76 0.06 11.04
N ILE B 251 8.73 0.96 12.02
CA ILE B 251 7.53 1.13 12.83
C ILE B 251 6.37 1.59 11.95
N GLN B 252 6.64 2.54 11.04
CA GLN B 252 5.60 3.01 10.14
C GLN B 252 5.05 1.87 9.28
N LEU B 253 5.93 1.00 8.78
CA LEU B 253 5.48 -0.15 8.01
C LEU B 253 4.72 -1.15 8.87
N LEU B 254 5.09 -1.26 10.16
CA LEU B 254 4.40 -2.18 11.04
C LEU B 254 3.02 -1.67 11.43
N LYS B 255 2.81 -0.36 11.39
CA LYS B 255 1.49 0.20 11.73
C LYS B 255 0.49 0.07 10.59
N ILE B 256 0.90 -0.38 9.42
CA ILE B 256 0.02 -0.42 8.25
C ILE B 256 -0.73 -1.74 8.24
N GLY B 257 -2.06 -1.66 8.12
CA GLY B 257 -2.90 -2.84 8.17
C GLY B 257 -3.24 -3.44 6.83
N SER B 258 -3.14 -2.65 5.76
CA SER B 258 -3.53 -3.09 4.43
C SER B 258 -2.29 -3.44 3.61
N ALA B 259 -2.39 -4.52 2.83
CA ALA B 259 -1.27 -4.95 2.00
C ALA B 259 -0.99 -3.94 0.89
N ILE B 260 -2.03 -3.33 0.32
CA ILE B 260 -1.85 -2.38 -0.76
C ILE B 260 -1.08 -1.17 -0.29
N GLN B 261 -1.44 -0.64 0.89
CA GLN B 261 -0.72 0.51 1.43
C GLN B 261 0.73 0.15 1.74
N ARG B 262 0.97 -1.07 2.25
CA ARG B 262 2.33 -1.51 2.52
C ARG B 262 3.14 -1.56 1.23
N LEU B 263 2.56 -2.10 0.16
CA LEU B 263 3.25 -2.16 -1.13
C LEU B 263 3.56 -0.77 -1.66
N ARG B 264 2.60 0.15 -1.55
CA ARG B 264 2.83 1.52 -2.01
C ARG B 264 3.94 2.19 -1.22
N CYS B 265 3.95 1.98 0.10
CA CYS B 265 4.99 2.57 0.93
C CYS B 265 6.36 1.99 0.58
N GLU B 266 6.42 0.68 0.31
CA GLU B 266 7.69 0.07 -0.09
C GLU B 266 8.18 0.63 -1.42
N LEU B 267 7.27 0.82 -2.38
CA LEU B 267 7.69 1.43 -3.65
C LEU B 267 8.21 2.85 -3.43
N ASP B 268 7.53 3.62 -2.57
CA ASP B 268 8.00 4.97 -2.29
C ASP B 268 9.39 4.95 -1.66
N ILE B 269 9.64 4.03 -0.74
CA ILE B 269 10.97 3.91 -0.14
C ILE B 269 12.01 3.56 -1.21
N MET B 270 11.68 2.60 -2.08
CA MET B 270 12.63 2.18 -3.12
C MET B 270 12.95 3.29 -4.10
N ASN B 271 11.94 4.07 -4.50
CA ASN B 271 12.16 5.07 -5.54
C ASN B 271 13.00 6.23 -5.03
N LYS B 272 12.84 6.62 -3.78
CA LYS B 272 13.63 7.70 -3.22
C LYS B 272 15.09 7.27 -3.13
N CYS B 273 15.98 8.06 -3.74
CA CYS B 273 17.38 7.69 -3.88
C CYS B 273 17.99 7.46 -2.50
N THR B 274 18.83 6.42 -2.41
CA THR B 274 19.41 6.04 -1.14
C THR B 274 20.85 5.57 -1.34
N SER B 275 21.73 6.07 -0.49
CA SER B 275 23.09 5.54 -0.35
C SER B 275 23.38 5.40 1.14
N LEU B 276 23.76 4.21 1.57
CA LEU B 276 23.91 3.93 2.99
C LEU B 276 25.13 4.66 3.54
N CYS B 277 24.95 5.34 4.66
CA CYS B 277 26.00 6.12 5.29
C CYS B 277 26.17 5.68 6.74
N CYS B 278 27.33 6.01 7.30
CA CYS B 278 27.58 5.73 8.70
C CYS B 278 26.66 6.56 9.59
N LYS B 279 26.21 5.96 10.69
CA LYS B 279 25.30 6.68 11.59
C LYS B 279 26.04 7.69 12.45
N GLN B 280 27.26 7.38 12.88
CA GLN B 280 28.01 8.30 13.72
C GLN B 280 28.46 9.52 12.91
N CYS B 281 28.99 9.29 11.70
CA CYS B 281 29.54 10.38 10.91
C CYS B 281 28.47 11.09 10.08
N GLN B 282 27.56 10.33 9.47
CA GLN B 282 26.51 10.84 8.59
C GLN B 282 27.06 11.59 7.38
N GLU B 283 28.33 11.38 7.05
CA GLU B 283 28.95 12.13 5.96
C GLU B 283 29.61 11.19 4.96
N THR B 284 30.08 10.05 5.42
CA THR B 284 30.77 9.10 4.56
C THR B 284 29.80 8.02 4.07
N GLU B 285 30.03 7.55 2.85
CA GLU B 285 29.15 6.60 2.20
C GLU B 285 29.81 5.23 2.21
N ILE B 286 29.15 4.25 2.81
CA ILE B 286 29.70 2.90 2.88
C ILE B 286 29.45 2.16 1.57
N THR B 287 28.18 1.99 1.20
CA THR B 287 27.81 1.21 0.03
C THR B 287 26.71 1.93 -0.74
N THR B 288 26.56 1.54 -1.99
CA THR B 288 25.48 2.00 -2.85
C THR B 288 24.50 0.86 -3.08
N LYS B 289 23.27 1.22 -3.44
CA LYS B 289 22.21 0.24 -3.64
C LYS B 289 22.51 -0.69 -4.81
N ASN B 290 23.45 -0.32 -5.68
CA ASN B 290 23.77 -1.16 -6.83
C ASN B 290 24.55 -2.40 -6.42
N GLU B 291 25.30 -2.33 -5.32
CA GLU B 291 26.19 -3.41 -4.90
C GLU B 291 25.56 -4.31 -3.85
N ILE B 292 24.23 -4.36 -3.78
CA ILE B 292 23.52 -5.20 -2.82
C ILE B 292 23.08 -6.47 -3.52
N PHE B 293 23.41 -7.62 -2.94
CA PHE B 293 23.05 -8.91 -3.51
C PHE B 293 22.52 -9.82 -2.42
N SER B 294 21.81 -10.85 -2.84
CA SER B 294 21.06 -11.73 -1.95
C SER B 294 21.80 -13.07 -1.86
N LEU B 295 22.67 -13.20 -0.87
CA LEU B 295 23.40 -14.43 -0.65
C LEU B 295 22.58 -15.49 0.07
N SER B 296 21.42 -15.13 0.58
CA SER B 296 20.54 -16.05 1.28
C SER B 296 19.22 -16.15 0.54
N LEU B 297 18.47 -17.20 0.86
CA LEU B 297 17.14 -17.34 0.27
C LEU B 297 16.20 -16.25 0.79
N CYS B 298 16.40 -15.81 2.02
CA CYS B 298 15.55 -14.76 2.60
C CYS B 298 15.72 -13.44 1.86
N GLY B 299 16.95 -13.08 1.53
CA GLY B 299 17.22 -11.83 0.86
C GLY B 299 18.54 -11.22 1.28
N PRO B 300 18.75 -9.95 0.91
CA PRO B 300 20.02 -9.29 1.25
C PRO B 300 20.24 -9.08 2.73
N MET B 301 19.18 -9.07 3.54
CA MET B 301 19.30 -8.83 4.97
C MET B 301 18.60 -9.93 5.74
N ALA B 302 19.20 -10.33 6.85
CA ALA B 302 18.64 -11.37 7.72
C ALA B 302 19.24 -11.20 9.10
N ALA B 303 18.66 -11.90 10.07
CA ALA B 303 19.04 -11.78 11.47
C ALA B 303 19.85 -12.99 11.89
N TYR B 304 21.05 -12.75 12.43
CA TYR B 304 21.92 -13.78 12.95
C TYR B 304 22.34 -13.41 14.37
N VAL B 305 22.76 -14.42 15.12
CA VAL B 305 23.14 -14.24 16.52
C VAL B 305 24.61 -14.64 16.70
N ASN B 306 25.30 -13.91 17.55
CA ASN B 306 26.72 -14.10 17.80
C ASN B 306 26.92 -15.03 19.00
N PRO B 307 28.16 -15.41 19.31
CA PRO B 307 28.36 -16.32 20.45
C PRO B 307 27.83 -15.81 21.77
N HIS B 308 27.71 -14.50 21.96
CA HIS B 308 27.29 -13.93 23.24
C HIS B 308 25.84 -13.45 23.22
N GLY B 309 25.04 -13.93 22.26
CA GLY B 309 23.61 -13.68 22.29
C GLY B 309 23.14 -12.32 21.83
N TYR B 310 23.89 -11.68 20.94
CA TYR B 310 23.51 -10.39 20.37
C TYR B 310 23.10 -10.58 18.91
N VAL B 311 21.91 -10.07 18.57
CA VAL B 311 21.34 -10.27 17.25
C VAL B 311 21.76 -9.13 16.35
N HIS B 312 22.41 -9.46 15.23
CA HIS B 312 22.80 -8.51 14.21
C HIS B 312 22.01 -8.77 12.93
N GLU B 313 21.61 -7.70 12.26
CA GLU B 313 20.96 -7.79 10.96
C GLU B 313 22.00 -7.45 9.90
N THR B 314 22.42 -8.46 9.14
CA THR B 314 23.56 -8.35 8.24
C THR B 314 23.09 -8.13 6.81
N LEU B 315 23.62 -7.11 6.16
CA LEU B 315 23.36 -6.82 4.76
C LEU B 315 24.56 -7.25 3.94
N THR B 316 24.32 -8.06 2.93
CA THR B 316 25.40 -8.63 2.12
C THR B 316 25.62 -7.77 0.88
N VAL B 317 26.82 -7.20 0.78
CA VAL B 317 27.16 -6.30 -0.32
C VAL B 317 28.46 -6.75 -0.95
N TYR B 318 28.60 -6.50 -2.26
CA TYR B 318 29.80 -6.91 -2.98
C TYR B 318 30.99 -6.03 -2.61
N LYS B 319 30.77 -4.74 -2.45
CA LYS B 319 31.86 -3.79 -2.27
C LYS B 319 31.46 -2.75 -1.23
N ALA B 320 32.42 -2.38 -0.39
CA ALA B 320 32.24 -1.34 0.60
C ALA B 320 33.42 -0.38 0.56
N CYS B 321 33.17 0.87 0.91
CA CYS B 321 34.18 1.91 0.86
C CYS B 321 34.49 2.42 2.26
N ASN B 322 35.68 3.02 2.38
CA ASN B 322 36.19 3.66 3.60
C ASN B 322 35.91 2.83 4.85
N LEU B 323 36.33 1.57 4.80
CA LEU B 323 36.27 0.68 5.95
C LEU B 323 37.68 0.27 6.34
N ASN B 324 37.90 0.11 7.64
CA ASN B 324 39.18 -0.31 8.20
C ASN B 324 39.05 -1.72 8.74
N LEU B 325 39.99 -2.59 8.37
CA LEU B 325 39.98 -3.98 8.79
C LEU B 325 40.97 -4.17 9.93
N ILE B 326 40.49 -4.71 11.05
CA ILE B 326 41.31 -4.97 12.23
C ILE B 326 41.29 -6.47 12.52
N GLY B 327 42.46 -7.03 12.78
CA GLY B 327 42.58 -8.44 13.07
C GLY B 327 42.83 -9.28 11.83
N ARG B 328 42.93 -10.56 12.07
CA ARG B 328 43.19 -11.63 11.13
C ARG B 328 41.90 -12.36 10.77
N PRO B 329 41.78 -12.87 9.54
CA PRO B 329 40.57 -13.64 9.18
C PRO B 329 40.38 -14.85 10.07
N SER B 330 39.27 -14.87 10.79
CA SER B 330 38.92 -15.95 11.71
C SER B 330 37.69 -16.67 11.18
N THR B 331 37.73 -18.00 11.20
CA THR B 331 36.67 -18.82 10.63
C THR B 331 35.70 -19.34 11.68
N GLU B 332 35.88 -18.98 12.95
CA GLU B 332 35.05 -19.54 14.01
C GLU B 332 33.66 -18.90 14.01
N HIS B 333 32.65 -19.74 14.19
CA HIS B 333 31.26 -19.32 14.39
C HIS B 333 30.73 -18.47 13.24
N SER B 334 31.30 -18.63 12.04
CA SER B 334 30.89 -17.81 10.91
C SER B 334 29.44 -18.07 10.53
N TRP B 335 28.70 -16.99 10.27
CA TRP B 335 27.30 -17.12 9.87
C TRP B 335 27.18 -17.76 8.49
N PHE B 336 28.11 -17.44 7.58
CA PHE B 336 28.10 -17.99 6.24
C PHE B 336 29.16 -19.08 6.15
N PRO B 337 28.78 -20.35 5.99
CA PRO B 337 29.76 -21.43 5.99
C PRO B 337 30.79 -21.26 4.87
N GLY B 338 32.03 -21.60 5.18
CA GLY B 338 33.11 -21.49 4.22
C GLY B 338 33.72 -20.13 4.08
N TYR B 339 33.53 -19.23 5.05
CA TYR B 339 34.09 -17.90 4.98
C TYR B 339 34.70 -17.51 6.32
N ALA B 340 35.68 -16.61 6.26
CA ALA B 340 36.37 -16.08 7.44
C ALA B 340 36.13 -14.58 7.52
N TRP B 341 35.80 -14.10 8.71
CA TRP B 341 35.39 -12.72 8.90
C TRP B 341 36.50 -11.89 9.54
N THR B 342 36.56 -10.62 9.15
CA THR B 342 37.45 -9.63 9.73
C THR B 342 36.64 -8.40 10.11
N VAL B 343 36.90 -7.84 11.29
CA VAL B 343 36.06 -6.76 11.79
C VAL B 343 36.31 -5.49 10.99
N ALA B 344 35.22 -4.80 10.66
CA ALA B 344 35.27 -3.58 9.85
C ALA B 344 34.79 -2.40 10.69
N GLN B 345 35.62 -1.38 10.81
CA GLN B 345 35.29 -0.16 11.51
C GLN B 345 35.29 1.02 10.54
N CYS B 346 34.52 2.04 10.88
CA CYS B 346 34.47 3.24 10.05
C CYS B 346 35.84 3.92 10.04
N LYS B 347 36.26 4.37 8.86
CA LYS B 347 37.55 5.03 8.74
C LYS B 347 37.58 6.38 9.45
N ILE B 348 36.42 6.93 9.80
CA ILE B 348 36.33 8.24 10.45
C ILE B 348 36.02 8.12 11.93
N CYS B 349 34.87 7.53 12.27
CA CYS B 349 34.43 7.46 13.66
C CYS B 349 34.91 6.20 14.38
N ALA B 350 35.49 5.25 13.67
CA ALA B 350 36.00 4.01 14.25
C ALA B 350 34.91 3.25 15.02
N SER B 351 33.70 3.24 14.47
CA SER B 351 32.61 2.46 15.03
C SER B 351 32.39 1.19 14.23
N HIS B 352 31.78 0.20 14.88
CA HIS B 352 31.61 -1.11 14.27
C HIS B 352 30.51 -1.06 13.22
N ILE B 353 30.88 -1.30 11.97
CA ILE B 353 29.93 -1.32 10.87
C ILE B 353 29.63 -2.74 10.39
N GLY B 354 30.60 -3.64 10.43
CA GLY B 354 30.36 -5.00 10.00
C GLY B 354 31.61 -5.85 9.88
N TRP B 355 31.66 -6.69 8.86
CA TRP B 355 32.76 -7.63 8.67
C TRP B 355 33.06 -7.77 7.18
N LYS B 356 34.24 -8.29 6.88
CA LYS B 356 34.61 -8.68 5.53
C LYS B 356 34.86 -10.18 5.50
N PHE B 357 34.21 -10.88 4.58
CA PHE B 357 34.28 -12.33 4.49
C PHE B 357 35.17 -12.72 3.32
N THR B 358 36.22 -13.48 3.60
CA THR B 358 37.10 -14.03 2.58
C THR B 358 37.01 -15.55 2.64
N ALA B 359 36.81 -16.18 1.47
CA ALA B 359 36.57 -17.61 1.42
C ALA B 359 37.87 -18.38 1.66
N THR B 360 37.72 -19.67 1.93
CA THR B 360 38.83 -20.57 2.17
C THR B 360 39.25 -21.34 0.92
N LYS B 361 38.29 -21.99 0.25
CA LYS B 361 38.58 -22.67 -1.00
C LYS B 361 38.79 -21.63 -2.12
N LYS B 362 39.15 -22.13 -3.30
CA LYS B 362 39.32 -21.27 -4.46
C LYS B 362 38.32 -21.57 -5.57
N ASP B 363 37.57 -22.66 -5.48
CA ASP B 363 36.56 -23.02 -6.45
C ASP B 363 35.22 -22.37 -6.15
N MET B 364 35.11 -21.64 -5.05
CA MET B 364 33.87 -20.97 -4.66
C MET B 364 33.77 -19.61 -5.34
N SER B 365 32.60 -18.99 -5.22
CA SER B 365 32.37 -17.65 -5.72
C SER B 365 31.17 -17.06 -5.00
N PRO B 366 31.20 -15.80 -4.58
CA PRO B 366 32.32 -14.86 -4.66
C PRO B 366 33.38 -15.20 -3.63
N GLN B 367 34.56 -14.62 -3.71
CA GLN B 367 35.59 -14.87 -2.71
C GLN B 367 35.70 -13.76 -1.67
N LYS B 368 35.43 -12.52 -2.04
CA LYS B 368 35.42 -11.40 -1.11
C LYS B 368 34.07 -10.71 -1.17
N PHE B 369 33.51 -10.41 0.00
CA PHE B 369 32.30 -9.61 0.10
C PHE B 369 32.23 -9.06 1.52
N TRP B 370 31.20 -8.25 1.78
CA TRP B 370 31.09 -7.54 3.03
C TRP B 370 29.71 -7.72 3.65
N GLY B 371 29.67 -7.77 4.97
CA GLY B 371 28.42 -7.82 5.70
C GLY B 371 28.30 -6.65 6.66
N LEU B 372 27.19 -5.93 6.62
CA LEU B 372 27.03 -4.68 7.37
C LEU B 372 25.79 -4.76 8.25
N THR B 373 25.92 -4.27 9.49
CA THR B 373 24.81 -4.29 10.43
C THR B 373 23.89 -3.09 10.21
N ARG B 374 22.58 -3.34 10.31
CA ARG B 374 21.60 -2.29 10.00
C ARG B 374 21.65 -1.16 11.01
N SER B 375 21.89 -1.47 12.28
CA SER B 375 21.90 -0.45 13.33
C SER B 375 23.00 0.58 13.11
N ALA B 376 24.05 0.23 12.38
CA ALA B 376 25.15 1.14 12.09
C ALA B 376 25.01 1.83 10.74
N LEU B 377 23.91 1.62 10.04
CA LEU B 377 23.68 2.19 8.71
C LEU B 377 22.50 3.15 8.73
N LEU B 378 22.62 4.22 7.95
CA LEU B 378 21.60 5.25 7.84
C LEU B 378 21.32 5.54 6.37
N PRO B 379 20.05 5.49 5.95
CA PRO B 379 19.74 5.76 4.53
C PRO B 379 19.64 7.26 4.28
N THR B 380 20.34 7.72 3.24
CA THR B 380 20.30 9.13 2.87
C THR B 380 19.23 9.35 1.79
N ILE B 381 18.38 10.35 2.00
CA ILE B 381 17.37 10.69 1.02
C ILE B 381 17.62 12.12 0.55
N PRO B 382 18.05 12.33 -0.70
CA PRO B 382 18.33 13.67 -1.24
C PRO B 382 17.11 14.58 -1.25
N GLU C 1 32.67 -13.31 35.26
CA GLU C 1 33.93 -12.94 34.63
C GLU C 1 34.03 -11.42 34.50
N PHE C 2 35.26 -10.91 34.47
CA PHE C 2 35.48 -9.46 34.44
C PHE C 2 35.03 -8.91 33.10
N ILE C 3 33.89 -8.23 33.06
CA ILE C 3 33.41 -7.60 31.85
C ILE C 3 33.68 -6.10 31.99
N VAL C 4 34.57 -5.57 31.15
CA VAL C 4 34.93 -4.16 31.15
C VAL C 4 33.76 -3.31 30.65
N GLY C 5 33.14 -2.56 31.55
CA GLY C 5 32.03 -1.69 31.16
C GLY C 5 30.85 -2.39 30.53
N GLY C 6 30.69 -3.68 30.78
CA GLY C 6 29.63 -4.45 30.14
C GLY C 6 29.75 -4.56 28.63
N LYS C 7 30.96 -4.42 28.09
CA LYS C 7 31.18 -4.57 26.65
C LYS C 7 32.38 -5.43 26.26
N TYR C 8 33.33 -5.69 27.16
CA TYR C 8 34.53 -6.45 26.82
C TYR C 8 34.72 -7.63 27.77
N LYS C 9 35.68 -8.49 27.45
CA LYS C 9 35.94 -9.69 28.23
C LYS C 9 37.42 -10.03 28.19
N LEU C 10 38.07 -10.01 29.35
CA LEU C 10 39.51 -10.22 29.43
C LEU C 10 39.80 -11.72 29.38
N VAL C 11 40.41 -12.17 28.29
CA VAL C 11 40.57 -13.60 28.06
C VAL C 11 41.89 -14.12 28.60
N ARG C 12 42.97 -13.35 28.49
CA ARG C 12 44.29 -13.87 28.87
C ARG C 12 45.22 -12.70 29.16
N LYS C 13 46.50 -13.01 29.37
CA LYS C 13 47.54 -12.05 29.72
C LYS C 13 48.59 -12.02 28.62
N ILE C 14 48.98 -10.81 28.23
CA ILE C 14 49.97 -10.64 27.17
C ILE C 14 51.23 -9.93 27.66
N GLY C 15 51.14 -9.15 28.72
CA GLY C 15 52.30 -8.49 29.26
C GLY C 15 52.11 -8.22 30.73
N SER C 16 53.16 -8.36 31.52
CA SER C 16 53.02 -8.19 32.96
C SER C 16 54.31 -7.58 33.46
N GLY C 17 54.49 -7.54 34.79
CA GLY C 17 55.67 -6.84 35.23
C GLY C 17 55.59 -5.36 34.96
N SER C 18 54.41 -4.86 34.60
CA SER C 18 54.22 -3.47 34.26
C SER C 18 53.27 -2.79 35.23
N PHE C 19 53.24 -1.46 35.09
CA PHE C 19 52.31 -0.62 35.82
C PHE C 19 50.88 -1.06 35.60
N GLY C 20 50.49 -1.23 34.34
CA GLY C 20 49.22 -1.81 33.94
C GLY C 20 49.46 -3.10 33.18
N ASP C 21 49.13 -4.25 33.75
CA ASP C 21 49.17 -5.47 32.96
C ASP C 21 48.25 -5.34 31.76
N ILE C 22 48.78 -5.67 30.58
CA ILE C 22 48.06 -5.46 29.32
C ILE C 22 47.32 -6.75 28.99
N TYR C 23 46.00 -6.73 29.13
CA TYR C 23 45.16 -7.89 28.87
C TYR C 23 44.66 -7.89 27.42
N LEU C 24 44.10 -9.02 27.03
CA LEU C 24 43.44 -9.17 25.73
C LEU C 24 41.93 -9.22 25.97
N ALA C 25 41.23 -8.15 25.64
CA ALA C 25 39.78 -8.13 25.74
C ALA C 25 39.15 -8.51 24.40
N ILE C 26 37.85 -8.82 24.47
CA ILE C 26 37.08 -9.22 23.30
C ILE C 26 35.72 -8.54 23.37
N ASN C 27 35.30 -7.90 22.28
CA ASN C 27 34.03 -7.19 22.24
C ASN C 27 32.90 -8.21 22.10
N ILE C 28 32.02 -8.25 23.10
CA ILE C 28 30.93 -9.23 23.12
C ILE C 28 29.84 -8.88 22.12
N THR C 29 29.98 -7.75 21.44
CA THR C 29 29.04 -7.39 20.38
C THR C 29 29.65 -7.37 19.00
N ASN C 30 30.98 -7.32 18.88
CA ASN C 30 31.65 -7.23 17.58
C ASN C 30 32.54 -8.43 17.29
N GLY C 31 33.43 -8.79 18.20
CA GLY C 31 34.38 -9.85 17.97
C GLY C 31 35.82 -9.43 17.81
N GLU C 32 36.14 -8.18 18.12
CA GLU C 32 37.46 -7.61 17.90
C GLU C 32 38.38 -7.86 19.08
N GLU C 33 39.63 -8.21 18.77
CA GLU C 33 40.66 -8.34 19.80
C GLU C 33 41.10 -6.97 20.27
N VAL C 34 41.14 -6.80 21.58
CA VAL C 34 41.34 -5.50 22.21
C VAL C 34 42.42 -5.58 23.28
N ALA C 35 43.21 -4.52 23.42
CA ALA C 35 44.22 -4.40 24.47
C ALA C 35 43.65 -3.57 25.62
N VAL C 36 43.77 -4.08 26.85
CA VAL C 36 43.24 -3.43 28.04
C VAL C 36 44.33 -3.30 29.09
N LYS C 37 44.67 -2.08 29.46
CA LYS C 37 45.57 -1.83 30.60
C LYS C 37 44.75 -1.62 31.87
N LEU C 38 45.02 -2.45 32.88
CA LEU C 38 44.23 -2.46 34.11
C LEU C 38 45.10 -2.11 35.32
N GLU C 39 44.65 -1.13 36.11
CA GLU C 39 45.38 -0.69 37.30
C GLU C 39 44.39 -0.47 38.45
N SER C 40 44.85 -0.74 39.67
CA SER C 40 44.05 -0.56 40.89
C SER C 40 43.85 0.91 41.26
N GLN C 41 42.72 1.17 41.95
CA GLN C 41 42.47 2.52 42.47
C GLN C 41 43.44 2.91 43.57
N LYS C 42 44.02 1.93 44.26
CA LYS C 42 45.03 2.16 45.28
C LYS C 42 46.38 1.58 44.86
N ALA C 43 46.59 1.40 43.56
CA ALA C 43 47.87 0.91 43.07
C ALA C 43 48.97 1.92 43.39
N ARG C 44 50.20 1.41 43.54
CA ARG C 44 51.32 2.29 43.85
C ARG C 44 51.63 3.22 42.70
N HIS C 45 51.43 2.78 41.46
CA HIS C 45 51.74 3.56 40.27
C HIS C 45 50.49 3.81 39.44
N PRO C 46 49.86 5.00 39.56
CA PRO C 46 48.66 5.35 38.76
C PRO C 46 48.93 5.92 37.37
N GLN C 47 49.77 5.23 36.59
CA GLN C 47 50.12 5.73 35.26
C GLN C 47 48.99 5.61 34.26
N LEU C 48 47.90 4.95 34.63
CA LEU C 48 46.84 4.66 33.67
C LEU C 48 46.25 5.96 33.15
N LEU C 49 45.82 6.84 34.06
CA LEU C 49 45.31 8.15 33.67
C LEU C 49 46.37 8.96 32.91
N TYR C 50 47.63 8.93 33.36
CA TYR C 50 48.72 9.60 32.65
C TYR C 50 48.74 9.22 31.18
N GLU C 51 48.86 7.94 30.89
CA GLU C 51 49.01 7.50 29.51
C GLU C 51 47.73 7.76 28.72
N SER C 52 46.56 7.62 29.38
CA SER C 52 45.32 7.93 28.67
C SER C 52 45.27 9.38 28.25
N LYS C 53 45.67 10.30 29.14
CA LYS C 53 45.74 11.71 28.77
C LYS C 53 46.71 11.95 27.63
N LEU C 54 47.88 11.32 27.65
CA LEU C 54 48.82 11.50 26.56
C LEU C 54 48.26 10.97 25.24
N TYR C 55 47.57 9.83 25.25
CA TYR C 55 46.90 9.34 24.05
C TYR C 55 45.87 10.36 23.55
N LYS C 56 45.11 10.92 24.49
CA LYS C 56 44.07 11.90 24.18
C LYS C 56 44.68 13.14 23.54
N ILE C 57 45.80 13.63 24.08
CA ILE C 57 46.41 14.80 23.47
C ILE C 57 47.08 14.45 22.15
N LEU C 58 47.47 13.18 21.95
CA LEU C 58 47.95 12.73 20.66
C LEU C 58 46.91 12.83 19.54
N GLN C 59 45.71 12.28 19.74
CA GLN C 59 44.58 12.48 18.82
C GLN C 59 44.97 12.29 17.34
N GLY C 60 45.39 11.09 17.00
CA GLY C 60 45.62 10.83 15.59
C GLY C 60 47.10 10.69 15.28
N GLY C 61 47.37 10.09 14.12
CA GLY C 61 48.72 9.81 13.67
C GLY C 61 48.90 8.34 13.35
N VAL C 62 50.01 8.07 12.64
CA VAL C 62 50.32 6.69 12.24
C VAL C 62 51.03 5.92 13.33
N GLY C 63 51.30 6.53 14.48
CA GLY C 63 52.00 5.86 15.55
C GLY C 63 51.31 5.93 16.90
N ILE C 64 50.13 6.53 16.96
CA ILE C 64 49.37 6.69 18.19
C ILE C 64 48.05 5.96 18.04
N PRO C 65 47.64 5.15 19.01
CA PRO C 65 46.40 4.38 18.88
C PRO C 65 45.16 5.22 19.16
N HIS C 66 44.01 4.55 19.20
CA HIS C 66 42.73 5.18 19.46
C HIS C 66 42.18 4.61 20.76
N ILE C 67 41.72 5.48 21.65
CA ILE C 67 41.18 5.03 22.94
C ILE C 67 39.73 4.64 22.73
N ARG C 68 39.44 3.35 22.86
CA ARG C 68 38.07 2.89 22.66
C ARG C 68 37.18 3.31 23.82
N TRP C 69 37.67 3.22 25.05
CA TRP C 69 36.86 3.62 26.18
C TRP C 69 37.75 3.88 27.39
N TYR C 70 37.34 4.84 28.21
CA TYR C 70 37.97 5.13 29.49
C TYR C 70 36.92 5.49 30.53
N GLY C 71 37.36 5.48 31.78
CA GLY C 71 36.49 5.66 32.92
C GLY C 71 36.99 4.85 34.09
N GLN C 72 36.13 4.02 34.67
CA GLN C 72 36.58 3.27 35.84
C GLN C 72 35.53 2.21 36.14
N GLU C 73 35.98 1.10 36.71
CA GLU C 73 35.06 0.02 37.08
C GLU C 73 35.44 -0.55 38.44
N LYS C 74 34.64 -0.24 39.45
CA LYS C 74 34.87 -0.64 40.85
C LYS C 74 36.28 -0.24 41.25
N ASP C 75 37.07 -1.13 41.84
CA ASP C 75 38.39 -0.80 42.36
C ASP C 75 39.49 -0.90 41.32
N TYR C 76 39.19 -1.31 40.09
CA TYR C 76 40.19 -1.49 39.04
C TYR C 76 39.93 -0.53 37.88
N ASN C 77 40.72 0.54 37.80
CA ASN C 77 40.63 1.44 36.65
C ASN C 77 41.06 0.70 35.38
N VAL C 78 40.55 1.17 34.25
CA VAL C 78 40.63 0.45 32.97
C VAL C 78 40.86 1.41 31.80
N LEU C 79 41.63 0.94 30.83
CA LEU C 79 41.87 1.60 29.54
C LEU C 79 41.81 0.60 28.40
N VAL C 80 40.83 0.77 27.53
CA VAL C 80 40.61 -0.11 26.40
C VAL C 80 41.05 0.64 25.16
N MET C 81 41.88 0.00 24.34
CA MET C 81 42.37 0.54 23.07
C MET C 81 42.43 -0.60 22.05
N ASP C 82 42.94 -0.28 20.86
CA ASP C 82 43.14 -1.28 19.82
C ASP C 82 44.25 -2.22 20.23
N LEU C 83 44.13 -3.50 19.85
CA LEU C 83 45.19 -4.45 20.16
C LEU C 83 46.43 -4.05 19.37
N LEU C 84 47.48 -3.67 20.08
CA LEU C 84 48.66 -3.09 19.45
C LEU C 84 49.40 -4.12 18.60
N GLY C 85 49.90 -5.18 19.23
CA GLY C 85 50.62 -6.21 18.51
C GLY C 85 51.89 -6.63 19.23
N PRO C 86 52.92 -6.97 18.45
CA PRO C 86 54.20 -7.37 19.03
C PRO C 86 55.16 -6.20 19.16
N SER C 87 55.91 -6.19 20.25
CA SER C 87 56.87 -5.12 20.49
C SER C 87 58.03 -5.22 19.51
N LEU C 88 58.55 -4.06 19.12
CA LEU C 88 59.74 -4.03 18.28
C LEU C 88 60.89 -4.78 18.96
N GLU C 89 60.98 -4.66 20.28
CA GLU C 89 61.99 -5.41 21.05
C GLU C 89 61.75 -6.91 20.94
N ASP C 90 60.52 -7.34 21.20
CA ASP C 90 60.18 -8.75 21.16
C ASP C 90 60.03 -9.23 19.73
N LEU C 91 60.44 -8.40 18.76
CA LEU C 91 60.67 -8.91 17.42
C LEU C 91 62.16 -8.96 17.07
N PHE C 92 62.95 -7.98 17.54
CA PHE C 92 64.39 -8.05 17.30
C PHE C 92 65.08 -9.18 18.07
N ASN C 93 64.72 -9.40 19.34
CA ASN C 93 65.37 -10.55 19.96
C ASN C 93 64.75 -11.91 19.62
N PHE C 94 63.49 -11.98 19.23
CA PHE C 94 62.97 -13.29 18.81
C PHE C 94 63.48 -13.68 17.44
N CYS C 95 63.53 -12.74 16.50
CA CYS C 95 63.91 -13.10 15.13
C CYS C 95 65.34 -13.64 15.10
N SER C 96 66.34 -12.80 15.35
CA SER C 96 67.70 -13.31 15.38
C SER C 96 68.60 -12.66 16.43
N ARG C 97 68.08 -11.78 17.28
CA ARG C 97 68.89 -11.00 18.22
C ARG C 97 69.98 -10.22 17.51
N LYS C 102 69.36 -2.60 6.40
CA LYS C 102 68.28 -1.78 5.85
C LYS C 102 67.11 -1.69 6.82
N THR C 103 66.81 -2.81 7.48
CA THR C 103 65.67 -2.83 8.40
C THR C 103 65.88 -1.90 9.57
N VAL C 104 67.11 -1.83 10.10
CA VAL C 104 67.38 -1.01 11.27
C VAL C 104 67.13 0.46 10.97
N LEU C 105 67.67 0.95 9.85
CA LEU C 105 67.60 2.38 9.57
C LEU C 105 66.28 2.78 8.91
N MET C 106 65.63 1.87 8.19
CA MET C 106 64.29 2.17 7.70
C MET C 106 63.31 2.36 8.86
N LEU C 107 63.37 1.48 9.87
CA LEU C 107 62.59 1.70 11.08
C LEU C 107 63.01 3.00 11.76
N ALA C 108 64.31 3.29 11.76
CA ALA C 108 64.78 4.43 12.54
C ALA C 108 64.16 5.74 12.04
N ASP C 109 64.07 5.93 10.73
CA ASP C 109 63.42 7.14 10.24
C ASP C 109 61.93 7.14 10.54
N GLN C 110 61.30 5.97 10.60
CA GLN C 110 59.92 5.89 11.07
C GLN C 110 59.82 6.34 12.53
N MET C 111 60.78 5.92 13.35
CA MET C 111 60.85 6.44 14.71
C MET C 111 61.13 7.92 14.73
N ILE C 112 61.99 8.36 13.84
CA ILE C 112 62.36 9.77 13.76
C ILE C 112 61.14 10.61 13.39
N SER C 113 60.37 10.13 12.41
CA SER C 113 59.11 10.75 12.02
C SER C 113 58.08 10.73 13.16
N ARG C 114 58.08 9.67 13.97
CA ARG C 114 57.12 9.61 15.09
C ARG C 114 57.37 10.74 16.08
N ILE C 115 58.62 10.91 16.48
CA ILE C 115 59.01 11.91 17.47
C ILE C 115 58.78 13.34 16.99
N GLU C 116 58.81 13.59 15.67
CA GLU C 116 58.43 14.93 15.24
C GLU C 116 56.99 15.19 15.59
N TYR C 117 56.15 14.17 15.48
CA TYR C 117 54.74 14.37 15.75
C TYR C 117 54.52 14.64 17.23
N VAL C 118 55.21 13.91 18.10
CA VAL C 118 55.06 14.15 19.53
C VAL C 118 55.65 15.51 19.91
N HIS C 119 56.79 15.87 19.34
CA HIS C 119 57.36 17.20 19.61
C HIS C 119 56.47 18.31 19.07
N THR C 120 55.92 18.14 17.87
CA THR C 120 54.98 19.11 17.35
C THR C 120 53.66 19.08 18.09
N LYS C 121 53.34 17.99 18.78
CA LYS C 121 52.14 17.94 19.59
C LYS C 121 52.40 18.42 21.02
N ASN C 122 53.50 19.14 21.24
CA ASN C 122 53.74 19.92 22.44
C ASN C 122 54.04 19.06 23.67
N PHE C 123 54.70 17.92 23.53
CA PHE C 123 55.09 17.12 24.70
C PHE C 123 56.20 16.16 24.29
N ILE C 124 56.68 15.38 25.26
CA ILE C 124 57.79 14.46 25.05
C ILE C 124 57.53 13.14 25.74
N HIS C 125 57.94 12.06 25.08
CA HIS C 125 57.78 10.71 25.59
C HIS C 125 58.81 10.41 26.68
N ARG C 126 60.09 10.72 26.43
CA ARG C 126 61.12 10.69 27.47
C ARG C 126 61.50 9.29 27.98
N ASP C 127 60.79 8.26 27.53
CA ASP C 127 60.98 6.89 28.00
C ASP C 127 61.20 5.92 26.85
N ILE C 128 62.11 6.25 25.95
CA ILE C 128 62.31 5.46 24.74
C ILE C 128 63.13 4.20 25.03
N LYS C 129 62.54 3.05 24.75
CA LYS C 129 63.14 1.73 24.82
C LYS C 129 62.53 0.90 23.71
N PRO C 130 63.21 -0.18 23.29
CA PRO C 130 62.61 -1.07 22.28
C PRO C 130 61.30 -1.69 22.73
N ASP C 131 61.04 -1.80 24.03
CA ASP C 131 59.77 -2.32 24.50
C ASP C 131 58.61 -1.42 24.10
N ASN C 132 58.82 -0.10 24.12
CA ASN C 132 57.73 0.84 23.95
C ASN C 132 57.32 1.02 22.49
N PHE C 133 57.99 0.35 21.55
CA PHE C 133 57.58 0.36 20.16
C PHE C 133 56.84 -0.94 19.88
N LEU C 134 55.69 -0.86 19.20
CA LEU C 134 54.94 -2.06 18.85
C LEU C 134 54.43 -2.01 17.41
N MET C 135 54.66 -3.11 16.68
CA MET C 135 54.07 -3.29 15.35
C MET C 135 52.57 -3.49 15.42
N GLY C 136 51.88 -3.03 14.39
CA GLY C 136 50.44 -3.16 14.31
C GLY C 136 50.03 -4.56 13.88
N ILE C 137 48.72 -4.77 13.84
CA ILE C 137 48.12 -6.04 13.45
C ILE C 137 47.27 -5.80 12.21
N GLY C 138 47.49 -6.62 11.18
CA GLY C 138 46.70 -6.52 9.97
C GLY C 138 47.06 -5.35 9.08
N ARG C 139 46.18 -4.35 9.00
CA ARG C 139 46.42 -3.20 8.14
C ARG C 139 47.63 -2.40 8.60
N HIS C 140 47.93 -2.44 9.91
CA HIS C 140 49.03 -1.70 10.50
C HIS C 140 50.27 -2.55 10.65
N CYS C 141 50.35 -3.69 9.96
CA CYS C 141 51.45 -4.62 10.17
C CYS C 141 52.82 -4.01 9.83
N ASN C 142 52.87 -2.94 9.06
CA ASN C 142 54.14 -2.35 8.67
C ASN C 142 54.38 -0.96 9.26
N LYS C 143 53.53 -0.51 10.19
CA LYS C 143 53.60 0.86 10.72
C LYS C 143 54.03 0.88 12.18
N LEU C 144 55.02 1.71 12.48
CA LEU C 144 55.47 1.83 13.88
C LEU C 144 54.49 2.63 14.73
N PHE C 145 54.34 2.17 15.97
CA PHE C 145 53.48 2.78 16.97
C PHE C 145 54.28 2.95 18.26
N LEU C 146 54.33 4.17 18.78
CA LEU C 146 54.99 4.42 20.06
C LEU C 146 53.92 4.41 21.13
N ILE C 147 54.19 3.66 22.21
CA ILE C 147 53.24 3.46 23.28
C ILE C 147 53.99 3.61 24.60
N ASP C 148 53.33 3.31 25.72
CA ASP C 148 53.89 3.49 27.07
C ASP C 148 54.20 4.97 27.32
N PHE C 149 53.16 5.79 27.23
CA PHE C 149 53.24 7.22 27.50
C PHE C 149 52.94 7.59 28.94
N GLY C 150 52.86 6.63 29.86
CA GLY C 150 52.72 6.98 31.26
C GLY C 150 53.87 7.80 31.82
N LEU C 151 55.09 7.54 31.35
CA LEU C 151 56.27 8.30 31.75
C LEU C 151 56.65 9.40 30.76
N ALA C 152 55.66 10.03 30.11
CA ALA C 152 55.91 11.07 29.12
C ALA C 152 55.61 12.45 29.71
N LYS C 153 56.59 13.33 29.67
CA LYS C 153 56.45 14.69 30.19
C LYS C 153 55.71 15.59 29.20
N LYS C 154 54.67 16.28 29.69
CA LYS C 154 53.88 17.21 28.89
C LYS C 154 54.45 18.63 28.93
N TYR C 155 54.91 19.15 27.79
CA TYR C 155 55.32 20.56 27.79
C TYR C 155 54.18 21.55 27.58
N ARG C 156 52.94 21.11 27.32
CA ARG C 156 51.89 22.10 27.17
C ARG C 156 51.81 22.96 28.43
N ASP C 157 51.79 24.27 28.20
CA ASP C 157 51.75 25.31 29.21
C ASP C 157 50.85 26.41 28.68
N ASN C 158 50.93 27.59 29.31
CA ASN C 158 50.19 28.73 28.81
C ASN C 158 50.64 29.06 27.39
N ARG C 159 49.67 29.47 26.56
CA ARG C 159 49.81 29.70 25.11
C ARG C 159 50.64 28.62 24.42
N THR C 160 51.62 29.05 23.62
CA THR C 160 52.51 28.11 22.94
C THR C 160 53.34 27.33 23.94
N ARG C 161 53.61 26.06 23.59
CA ARG C 161 54.38 25.16 24.45
C ARG C 161 55.66 25.83 24.94
N GLN C 162 55.79 25.95 26.25
CA GLN C 162 56.96 26.54 26.89
C GLN C 162 57.73 25.44 27.60
N HIS C 163 58.99 25.26 27.23
CA HIS C 163 59.80 24.28 27.96
C HIS C 163 60.00 24.77 29.39
N ILE C 164 59.74 23.88 30.36
CA ILE C 164 59.89 24.30 31.75
C ILE C 164 61.36 24.60 32.03
N PRO C 165 61.68 25.60 32.86
CA PRO C 165 63.09 25.89 33.18
C PRO C 165 63.81 24.69 33.77
N TYR C 166 65.02 24.45 33.25
CA TYR C 166 65.83 23.29 33.63
C TYR C 166 66.21 23.35 35.10
N ARG C 167 66.27 22.17 35.73
CA ARG C 167 66.58 22.04 37.15
C ARG C 167 67.62 20.93 37.30
N GLU C 168 68.76 21.26 37.89
CA GLU C 168 69.84 20.29 38.01
C GLU C 168 69.53 19.25 39.09
N ASP C 169 70.35 18.21 39.12
CA ASP C 169 70.26 17.08 40.05
C ASP C 169 68.92 16.36 39.97
N LYS C 170 68.59 15.87 38.78
CA LYS C 170 67.38 15.10 38.58
C LYS C 170 67.71 13.61 38.47
N ASN C 171 66.71 12.77 38.70
CA ASN C 171 66.85 11.33 38.64
C ASN C 171 66.00 10.75 37.52
N LEU C 172 66.53 9.70 36.90
CA LEU C 172 65.88 9.00 35.80
C LEU C 172 66.19 7.51 35.91
N THR C 173 65.13 6.72 36.02
CA THR C 173 65.22 5.26 36.09
C THR C 173 64.38 4.58 35.03
N GLY C 174 63.40 5.26 34.45
CA GLY C 174 62.62 4.65 33.38
C GLY C 174 63.51 4.24 32.23
N THR C 175 64.42 5.12 31.82
CA THR C 175 65.41 4.79 30.78
C THR C 175 66.67 4.28 31.49
N ALA C 176 66.61 3.03 31.95
CA ALA C 176 67.72 2.43 32.69
C ALA C 176 68.99 2.38 31.85
N ARG C 177 68.89 1.88 30.62
CA ARG C 177 70.07 1.76 29.76
C ARG C 177 70.25 2.92 28.80
N TYR C 178 69.37 3.92 28.84
CA TYR C 178 69.45 5.08 27.95
C TYR C 178 69.46 6.39 28.72
N ALA C 179 69.82 6.36 30.01
CA ALA C 179 69.82 7.58 30.82
C ALA C 179 70.81 8.60 30.27
N SER C 180 72.01 8.16 29.93
CA SER C 180 73.08 9.01 29.37
C SER C 180 73.36 10.14 30.36
N ILE C 181 73.62 11.37 29.89
CA ILE C 181 73.94 12.47 30.80
C ILE C 181 72.76 12.78 31.71
N ASN C 182 71.55 12.52 31.25
CA ASN C 182 70.36 12.83 32.01
C ASN C 182 70.16 11.86 33.18
N GLY C 186 70.97 15.15 35.80
CA GLY C 186 70.70 16.52 36.18
C GLY C 186 69.96 17.28 35.11
N ILE C 187 70.54 17.34 33.91
CA ILE C 187 69.92 18.02 32.78
C ILE C 187 68.56 17.39 32.51
N GLU C 188 67.52 18.21 32.52
CA GLU C 188 66.16 17.73 32.31
C GLU C 188 65.98 17.14 30.92
N GLN C 189 65.20 16.06 30.85
CA GLN C 189 64.95 15.38 29.59
C GLN C 189 64.18 16.33 28.68
N SER C 190 64.59 16.41 27.42
CA SER C 190 63.98 17.35 26.48
C SER C 190 64.04 16.77 25.08
N ARG C 191 63.86 17.61 24.07
CA ARG C 191 63.86 17.15 22.68
C ARG C 191 65.17 16.47 22.35
N ARG C 192 66.29 17.12 22.68
CA ARG C 192 67.60 16.53 22.45
C ARG C 192 67.73 15.20 23.18
N ASP C 193 67.25 15.15 24.41
CA ASP C 193 67.33 13.93 25.21
C ASP C 193 66.49 12.81 24.60
N ASP C 194 65.41 13.15 23.90
CA ASP C 194 64.61 12.14 23.24
C ASP C 194 65.43 11.45 22.15
N MET C 195 66.04 12.26 21.28
CA MET C 195 66.75 11.77 20.11
C MET C 195 68.11 11.16 20.46
N GLU C 196 68.66 11.51 21.63
CA GLU C 196 69.90 10.89 22.09
C GLU C 196 69.66 9.46 22.55
N SER C 197 68.53 9.20 23.20
CA SER C 197 68.16 7.84 23.52
C SER C 197 67.89 7.03 22.27
N LEU C 198 67.33 7.65 21.22
CA LEU C 198 67.16 6.94 19.96
C LEU C 198 68.48 6.47 19.38
N GLY C 199 69.52 7.30 19.42
CA GLY C 199 70.80 6.84 18.93
C GLY C 199 71.35 5.68 19.72
N TYR C 200 71.14 5.69 21.04
CA TYR C 200 71.56 4.52 21.81
C TYR C 200 70.70 3.31 21.51
N VAL C 201 69.43 3.51 21.20
CA VAL C 201 68.61 2.40 20.71
C VAL C 201 69.14 1.88 19.38
N LEU C 202 69.56 2.78 18.49
CA LEU C 202 70.14 2.35 17.21
C LEU C 202 71.46 1.62 17.42
N MET C 203 72.28 2.10 18.35
CA MET C 203 73.51 1.39 18.70
C MET C 203 73.19 0.00 19.24
N TYR C 204 72.19 -0.08 20.11
CA TYR C 204 71.77 -1.36 20.67
C TYR C 204 71.21 -2.28 19.60
N PHE C 205 70.69 -1.71 18.51
CA PHE C 205 70.18 -2.51 17.41
C PHE C 205 71.31 -2.97 16.50
N LEU C 215 78.65 -5.70 34.80
CA LEU C 215 79.18 -4.97 35.95
C LEU C 215 78.10 -4.16 36.66
N LYS C 216 77.14 -4.86 37.24
CA LYS C 216 76.03 -4.22 37.94
C LYS C 216 76.12 -4.51 39.43
N ALA C 217 75.29 -3.79 40.18
CA ALA C 217 75.21 -3.95 41.62
C ALA C 217 73.93 -3.31 42.12
N ALA C 218 73.62 -3.56 43.39
CA ALA C 218 72.42 -2.99 43.99
C ALA C 218 72.50 -1.47 44.04
N THR C 219 73.66 -0.93 44.37
CA THR C 219 73.83 0.51 44.45
C THR C 219 73.61 1.19 43.11
N LYS C 220 72.80 2.27 43.14
CA LYS C 220 72.46 2.94 41.89
C LYS C 220 73.63 3.73 41.37
N LYS C 221 74.51 4.23 42.25
CA LYS C 221 75.64 5.02 41.80
C LYS C 221 76.60 4.17 40.97
N GLN C 222 76.46 2.84 41.06
CA GLN C 222 77.25 1.91 40.28
C GLN C 222 76.47 1.27 39.14
N LYS C 223 75.14 1.21 39.24
CA LYS C 223 74.38 0.56 38.18
C LYS C 223 73.79 1.53 37.17
N TYR C 224 73.72 2.82 37.47
CA TYR C 224 73.27 3.83 36.52
C TYR C 224 74.34 4.86 36.18
N GLU C 225 74.96 5.45 37.20
CA GLU C 225 75.97 6.48 36.98
C GLU C 225 77.23 5.92 36.32
N LYS C 226 77.68 4.73 36.74
CA LYS C 226 78.84 4.14 36.07
C LYS C 226 78.53 3.80 34.61
N ILE C 227 77.33 3.31 34.33
CA ILE C 227 76.95 3.04 32.94
C ILE C 227 76.95 4.33 32.13
N SER C 228 76.40 5.42 32.69
CA SER C 228 76.39 6.69 31.97
C SER C 228 77.80 7.21 31.73
N GLU C 229 78.67 7.14 32.74
CA GLU C 229 80.02 7.67 32.56
C GLU C 229 80.82 6.82 31.57
N LYS C 230 80.60 5.51 31.53
CA LYS C 230 81.22 4.69 30.50
C LYS C 230 80.59 4.93 29.14
N LYS C 231 79.31 5.31 29.14
CA LYS C 231 78.60 5.63 27.91
C LYS C 231 79.19 6.86 27.25
N MET C 232 79.61 7.84 28.04
CA MET C 232 80.16 9.09 27.52
C MET C 232 81.66 9.26 27.80
N SER C 233 82.34 8.17 28.17
CA SER C 233 83.78 8.22 28.39
C SER C 233 84.54 8.52 27.11
N THR C 234 84.18 7.86 26.02
CA THR C 234 84.86 7.97 24.74
C THR C 234 83.91 8.56 23.72
N PRO C 235 84.42 9.15 22.64
CA PRO C 235 83.53 9.70 21.62
C PRO C 235 82.72 8.59 20.96
N VAL C 236 81.66 9.02 20.27
CA VAL C 236 80.75 8.05 19.67
C VAL C 236 81.39 7.38 18.45
N GLU C 237 82.45 7.97 17.90
CA GLU C 237 83.04 7.44 16.68
C GLU C 237 83.69 6.07 16.88
N VAL C 238 84.37 5.89 18.02
CA VAL C 238 84.99 4.59 18.28
C VAL C 238 83.92 3.53 18.54
N LEU C 239 82.87 3.89 19.28
CA LEU C 239 81.78 2.96 19.53
C LEU C 239 81.08 2.57 18.24
N CYS C 240 80.99 3.49 17.28
CA CYS C 240 80.40 3.18 16.00
C CYS C 240 81.45 2.66 15.03
N PRO C 244 77.85 3.69 10.93
CA PRO C 244 78.56 4.80 10.28
C PRO C 244 78.99 5.91 11.24
N ALA C 245 80.28 6.25 11.20
CA ALA C 245 80.79 7.31 12.06
C ALA C 245 80.15 8.65 11.71
N GLU C 246 79.68 8.80 10.47
CA GLU C 246 79.00 10.03 10.09
C GLU C 246 77.69 10.19 10.87
N PHE C 247 76.95 9.09 11.06
CA PHE C 247 75.74 9.23 11.84
C PHE C 247 76.01 9.14 13.34
N ALA C 248 77.19 8.65 13.71
CA ALA C 248 77.65 8.83 15.08
C ALA C 248 77.83 10.32 15.42
N MET C 249 78.51 11.06 14.54
CA MET C 249 78.63 12.50 14.78
C MET C 249 77.32 13.25 14.54
N TYR C 250 76.40 12.73 13.71
CA TYR C 250 75.06 13.28 13.72
C TYR C 250 74.45 13.16 15.12
N LEU C 251 74.56 11.97 15.73
CA LEU C 251 74.09 11.79 17.11
C LEU C 251 74.72 12.82 18.06
N ASN C 252 76.04 12.99 17.98
CA ASN C 252 76.73 13.95 18.83
C ASN C 252 76.05 15.33 18.67
N TYR C 253 76.01 15.82 17.45
CA TYR C 253 75.51 17.18 17.20
C TYR C 253 73.98 17.25 17.34
N CYS C 254 73.30 16.11 17.44
CA CYS C 254 71.86 16.08 17.73
C CYS C 254 71.66 16.30 19.22
N ARG C 255 72.60 15.76 20.01
CA ARG C 255 72.69 16.00 21.43
C ARG C 255 73.21 17.39 21.76
N GLY C 256 73.77 18.10 20.77
CA GLY C 256 74.12 19.50 21.00
C GLY C 256 72.96 20.43 21.30
N LEU C 257 71.75 20.11 20.83
CA LEU C 257 70.54 20.94 21.07
C LEU C 257 70.46 21.64 22.43
N PRO C 263 64.32 22.62 16.01
CA PRO C 263 65.24 23.35 15.15
C PRO C 263 66.14 22.42 14.34
N ASP C 264 67.13 21.82 15.00
CA ASP C 264 68.10 20.99 14.30
C ASP C 264 67.50 19.66 13.84
N TYR C 265 66.46 19.16 14.52
CA TYR C 265 65.95 17.84 14.19
C TYR C 265 65.28 17.75 12.82
N MET C 266 64.80 18.86 12.26
CA MET C 266 64.30 18.80 10.88
C MET C 266 65.48 18.53 9.94
N TYR C 267 66.60 19.20 10.21
CA TYR C 267 67.84 18.98 9.48
C TYR C 267 68.33 17.56 9.66
N LEU C 268 68.25 17.06 10.88
CA LEU C 268 68.68 15.70 11.17
C LEU C 268 67.85 14.70 10.38
N ARG C 269 66.55 14.96 10.26
CA ARG C 269 65.68 14.10 9.45
C ARG C 269 66.04 14.12 7.98
N GLN C 270 66.24 15.29 7.40
CA GLN C 270 66.59 15.33 5.98
C GLN C 270 67.93 14.64 5.74
N LEU C 271 68.88 14.83 6.66
CA LEU C 271 70.17 14.16 6.57
C LEU C 271 70.01 12.64 6.68
N PHE C 272 69.11 12.17 7.55
CA PHE C 272 68.92 10.73 7.67
C PHE C 272 68.21 10.14 6.46
N ARG C 273 67.33 10.90 5.81
CA ARG C 273 66.79 10.45 4.53
C ARG C 273 67.90 10.32 3.50
N ILE C 274 68.83 11.27 3.49
CA ILE C 274 69.98 11.15 2.59
C ILE C 274 70.77 9.88 2.88
N LEU C 275 71.00 9.59 4.17
CA LEU C 275 71.74 8.37 4.50
C LEU C 275 70.98 7.12 4.08
N PHE C 276 69.66 7.12 4.29
CA PHE C 276 68.84 5.98 3.88
C PHE C 276 68.90 5.74 2.38
N ARG C 277 68.87 6.83 1.59
CA ARG C 277 68.96 6.68 0.14
C ARG C 277 70.36 6.29 -0.31
N THR C 278 71.39 6.69 0.42
CA THR C 278 72.77 6.39 0.05
C THR C 278 73.25 5.10 0.74
N LEU C 279 72.53 4.01 0.46
CA LEU C 279 72.94 2.69 0.92
C LEU C 279 72.73 1.60 -0.13
N ASN C 280 72.53 2.00 -1.39
CA ASN C 280 72.32 1.05 -2.49
C ASN C 280 71.18 0.09 -2.20
N THR C 286 59.43 -3.44 4.24
CA THR C 286 59.71 -4.77 4.77
C THR C 286 60.76 -4.70 5.87
N PHE C 287 60.75 -5.67 6.77
CA PHE C 287 61.72 -5.68 7.86
C PHE C 287 62.08 -7.12 8.20
N ASP C 288 62.90 -7.28 9.23
CA ASP C 288 63.49 -8.56 9.59
C ASP C 288 62.48 -9.71 9.55
N TRP C 289 61.40 -9.59 10.32
CA TRP C 289 60.43 -10.67 10.40
C TRP C 289 59.53 -10.74 9.17
N THR C 290 59.32 -9.61 8.50
CA THR C 290 58.52 -9.61 7.26
C THR C 290 59.41 -9.75 6.04
ZN ZN D . 31.64 6.60 10.98
C02 A1CEH E . 34.49 -15.01 21.50
C04 A1CEH E . 35.60 -15.45 22.45
C05 A1CEH E . 36.69 -16.12 21.96
C06 A1CEH E . 37.70 -16.53 22.82
C07 A1CEH E . 37.59 -16.26 24.18
C08 A1CEH E . 36.49 -15.58 24.67
C09 A1CEH E . 35.49 -15.18 23.81
C10 A1CEH E . 33.59 -13.19 19.98
C11 A1CEH E . 32.81 -12.08 20.33
C12 A1CEH E . 31.85 -11.60 19.45
C13 A1CEH E . 31.67 -12.23 18.20
C14 A1CEH E . 32.44 -13.33 17.86
C15 A1CEH E . 32.02 -13.80 16.47
C17 A1CEH E . 30.31 -13.06 14.72
C18 A1CEH E . 30.14 -14.49 14.40
C19 A1CEH E . 29.46 -14.66 13.09
C20 A1CEH E . 30.03 -13.86 11.93
C23 A1CEH E . 31.26 -12.40 13.74
C25 A1CEH E . 30.71 -11.95 17.03
C27 A1CEH E . 33.41 -13.81 18.76
N01 A1CEH E . 34.59 -13.69 20.90
N16 A1CEH E . 30.97 -12.93 16.01
N22 A1CEH E . 30.93 -12.72 12.32
O03 A1CEH E . 33.57 -15.71 21.26
O21 A1CEH E . 29.78 -14.11 10.81
O24 A1CEH E . 32.17 -11.73 14.07
O26 A1CEH E . 29.92 -11.07 16.99
C02 A1CEG F . 15.58 -9.85 -2.54
C03 A1CEG F . 14.98 -8.73 -1.91
C05 A1CEG F . 15.32 -6.18 -1.48
C08 A1CEG F . 17.25 -4.91 -2.77
C09 A1CEG F . 17.82 -3.65 -3.14
C11 A1CEG F . 18.30 -1.65 -1.96
C12 A1CEG F . 17.58 -0.53 -1.19
C13 A1CEG F . 18.34 0.44 -0.50
C14 A1CEG F . 17.71 1.45 0.19
C15 A1CEG F . 16.34 1.52 0.20
C16 A1CEG F . 15.58 0.57 -0.49
C17 A1CEG F . 16.22 -0.46 -1.18
C18 A1CEG F . 18.87 -3.61 -4.03
C19 A1CEG F . 19.35 -4.82 -4.54
C20 A1CEG F . 18.74 -6.01 -4.13
C22 A1CEG F . 13.82 -8.92 -1.14
C23 A1CEG F . 13.26 -10.20 -1.00
C24 A1CEG F . 13.87 -11.32 -1.63
C25 A1CEG F . 15.02 -11.14 -2.39
C26 A1CEG F . 13.28 -12.74 -1.48
N04 A1CEG F . 15.65 -7.38 -2.12
N07 A1CEG F . 16.10 -4.93 -1.78
N21 A1CEG F . 17.74 -6.01 -3.28
N27 A1CEG F . 12.85 -13.78 -1.38
O01 A1CEG F . 16.78 -9.66 -3.33
O06 A1CEG F . 14.46 -6.12 -0.71
O10 A1CEG F . 17.31 -2.44 -2.60
#